data_4O99
#
_entry.id   4O99
#
_cell.length_a   68.377
_cell.length_b   105.474
_cell.length_c   106.914
_cell.angle_alpha   90.000
_cell.angle_beta   106.180
_cell.angle_gamma   90.000
#
_symmetry.space_group_name_H-M   'P 1 21 1'
#
loop_
_entity.id
_entity.type
_entity.pdbx_description
1 polymer 'Acetyl-CoA acetyltransferase'
2 non-polymer GLYCEROL
3 water water
#
_entity_poly.entity_id   1
_entity_poly.type   'polypeptide(L)'
_entity_poly.pdbx_seq_one_letter_code
;TDVVIVSAARTAVGKFGGSLAKIPAPELGAVVIKAALERAGVKPEQVSEVIMGQVLTAGSGQNPARQAAIKAGLPAMVPA
MTINKVCGSGLKAVMLAANAIMAGDAEIVVAGGQENMSAAPHVLPGSRDGFRMGDAKLVDTMIVDGLWDVYNQYHMGITA
ENVAKEYGITREAQDEFAVGSQNKAEAAQKAGKFDEEIVPVLIPQRKGDPVAFKTDEFVRQGATLDSMSGLKPAFDKAGT
VTAANASGLNDGAAAVVVMSAAKAKELGLTPLATIKSYANAGVDPKVMGMGPVPASKRALSRAEWTPQDLDLMEINEAFA
AQALAVHQQMGWDTSKVNVNGGAIAIGHPIGASGCRILVTLLHEMKRRDAKKGLASLCIGGGMGVALAVERK
;
_entity_poly.pdbx_strand_id   A,B,C,D
#
loop_
_chem_comp.id
_chem_comp.type
_chem_comp.name
_chem_comp.formula
GOL non-polymer GLYCEROL 'C3 H8 O3'
#
# COMPACT_ATOMS: atom_id res chain seq x y z
N THR A 1 -9.75 49.74 14.46
CA THR A 1 -10.21 48.72 15.44
C THR A 1 -9.05 47.95 16.13
N ASP A 2 -8.96 48.10 17.44
CA ASP A 2 -8.05 47.31 18.29
C ASP A 2 -8.59 45.91 18.48
N VAL A 3 -7.73 44.91 18.26
CA VAL A 3 -8.11 43.52 18.48
C VAL A 3 -7.41 42.96 19.73
N VAL A 4 -8.17 42.28 20.56
CA VAL A 4 -7.63 41.72 21.76
C VAL A 4 -7.70 40.20 21.80
N ILE A 5 -6.81 39.62 22.58
CA ILE A 5 -6.79 38.20 22.89
C ILE A 5 -7.27 38.05 24.33
N VAL A 6 -8.37 37.32 24.48
CA VAL A 6 -9.00 37.17 25.82
C VAL A 6 -8.67 35.85 26.57
N SER A 7 -8.19 34.85 25.85
CA SER A 7 -7.85 33.56 26.43
C SER A 7 -6.90 32.81 25.54
N ALA A 8 -6.21 31.84 26.12
CA ALA A 8 -5.16 31.10 25.44
C ALA A 8 -5.00 29.75 26.12
N ALA A 9 -5.01 28.71 25.33
CA ALA A 9 -4.85 27.35 25.89
C ALA A 9 -4.15 26.43 24.93
N ARG A 10 -3.41 25.49 25.49
CA ARG A 10 -2.73 24.49 24.70
C ARG A 10 -2.81 23.13 25.35
N THR A 11 -2.71 22.10 24.48
CA THR A 11 -2.42 20.80 24.99
C THR A 11 -0.92 20.71 25.36
N ALA A 12 -0.58 19.74 26.23
CA ALA A 12 0.77 19.27 26.36
C ALA A 12 1.12 18.72 24.99
N VAL A 13 2.39 18.78 24.69
CA VAL A 13 2.91 18.30 23.41
C VAL A 13 3.34 16.84 23.54
N GLY A 14 2.77 15.99 22.70
CA GLY A 14 3.05 14.55 22.67
C GLY A 14 4.32 14.25 21.88
N LYS A 15 5.05 13.22 22.35
CA LYS A 15 6.11 12.57 21.63
C LYS A 15 5.58 11.85 20.42
N PHE A 16 6.46 11.68 19.43
CA PHE A 16 6.13 10.94 18.20
C PHE A 16 5.83 9.48 18.62
N GLY A 17 4.66 8.96 18.25
CA GLY A 17 4.21 7.64 18.78
C GLY A 17 3.83 7.59 20.25
N GLY A 18 3.65 8.77 20.88
CA GLY A 18 3.50 8.91 22.31
C GLY A 18 2.06 9.05 22.80
N SER A 19 1.84 9.84 23.84
CA SER A 19 0.56 9.80 24.56
C SER A 19 -0.63 10.26 23.68
N LEU A 20 -0.34 11.05 22.64
CA LEU A 20 -1.41 11.63 21.82
C LEU A 20 -1.55 10.97 20.47
N ALA A 21 -0.67 10.00 20.21
CA ALA A 21 -0.65 9.28 18.93
C ALA A 21 -2.01 8.82 18.37
N LYS A 22 -2.90 8.39 19.23
CA LYS A 22 -4.18 7.79 18.82
C LYS A 22 -5.33 8.81 18.82
N ILE A 23 -5.02 10.08 19.04
CA ILE A 23 -6.06 11.07 19.23
C ILE A 23 -6.03 11.93 17.97
N PRO A 24 -7.06 11.82 17.12
CA PRO A 24 -7.11 12.58 15.85
C PRO A 24 -6.94 14.10 16.03
N ALA A 25 -6.26 14.76 15.11
CA ALA A 25 -5.98 16.20 15.25
C ALA A 25 -7.26 17.09 15.60
N PRO A 26 -8.42 16.83 14.99
CA PRO A 26 -9.61 17.60 15.34
C PRO A 26 -10.08 17.41 16.79
N GLU A 27 -9.83 16.27 17.36
CA GLU A 27 -10.09 16.02 18.74
C GLU A 27 -9.18 16.79 19.66
N LEU A 28 -7.92 16.95 19.28
CA LEU A 28 -6.98 17.79 20.02
C LEU A 28 -7.37 19.27 19.85
N GLY A 29 -7.80 19.61 18.63
CA GLY A 29 -8.29 20.93 18.38
C GLY A 29 -9.52 21.24 19.21
N ALA A 30 -10.45 20.33 19.23
CA ALA A 30 -11.65 20.51 20.08
C ALA A 30 -11.34 20.77 21.59
N VAL A 31 -10.37 20.05 22.17
CA VAL A 31 -10.00 20.26 23.56
C VAL A 31 -9.65 21.74 23.82
N VAL A 32 -8.83 22.32 22.96
CA VAL A 32 -8.33 23.63 23.19
C VAL A 32 -9.36 24.71 22.89
N ILE A 33 -10.22 24.48 21.89
CA ILE A 33 -11.28 25.40 21.52
C ILE A 33 -12.26 25.51 22.69
N LYS A 34 -12.68 24.36 23.18
CA LYS A 34 -13.59 24.30 24.37
C LYS A 34 -12.96 24.96 25.57
N ALA A 35 -11.70 24.64 25.89
CA ALA A 35 -11.03 25.25 27.06
C ALA A 35 -10.77 26.72 26.90
N ALA A 36 -10.34 27.17 25.71
CA ALA A 36 -10.15 28.60 25.44
C ALA A 36 -11.42 29.39 25.65
N LEU A 37 -12.52 28.87 25.16
CA LEU A 37 -13.77 29.53 25.36
C LEU A 37 -14.19 29.58 26.87
N GLU A 38 -14.04 28.48 27.59
CA GLU A 38 -14.34 28.45 29.07
C GLU A 38 -13.47 29.48 29.81
N ARG A 39 -12.21 29.57 29.46
CA ARG A 39 -11.29 30.54 30.11
C ARG A 39 -11.62 31.99 29.78
N ALA A 40 -12.11 32.20 28.57
CA ALA A 40 -12.53 33.51 28.14
C ALA A 40 -13.85 33.93 28.84
N GLY A 41 -14.69 32.96 29.20
CA GLY A 41 -16.08 33.22 29.65
C GLY A 41 -17.02 33.55 28.49
N VAL A 42 -16.81 32.90 27.36
CA VAL A 42 -17.55 33.14 26.14
C VAL A 42 -18.35 31.86 25.80
N LYS A 43 -19.63 32.02 25.54
CA LYS A 43 -20.44 30.85 25.25
C LYS A 43 -20.20 30.48 23.79
N PRO A 44 -20.19 29.18 23.51
CA PRO A 44 -19.98 28.67 22.15
C PRO A 44 -20.90 29.35 21.14
N GLU A 45 -22.17 29.61 21.47
CA GLU A 45 -23.05 30.31 20.50
C GLU A 45 -22.70 31.75 20.13
N GLN A 46 -21.89 32.41 20.95
CA GLN A 46 -21.47 33.77 20.65
C GLN A 46 -20.29 33.79 19.65
N VAL A 47 -19.74 32.63 19.32
CA VAL A 47 -18.55 32.60 18.43
C VAL A 47 -18.94 32.94 16.99
N SER A 48 -18.19 33.81 16.31
CA SER A 48 -18.47 34.09 14.89
C SER A 48 -17.86 33.08 13.93
N GLU A 49 -16.64 32.61 14.23
CA GLU A 49 -15.90 31.81 13.30
C GLU A 49 -14.81 31.07 14.07
N VAL A 50 -14.47 29.86 13.58
CA VAL A 50 -13.29 29.11 14.01
C VAL A 50 -12.32 29.01 12.83
N ILE A 51 -11.07 29.36 13.06
CA ILE A 51 -10.01 29.16 12.02
C ILE A 51 -8.90 28.32 12.63
N MET A 52 -8.66 27.12 12.11
CA MET A 52 -7.62 26.22 12.64
C MET A 52 -6.62 25.81 11.57
N GLY A 53 -5.35 25.96 11.87
CA GLY A 53 -4.30 25.48 11.03
C GLY A 53 -4.20 23.96 11.17
N GLN A 54 -4.05 23.24 10.07
CA GLN A 54 -3.64 21.81 10.14
C GLN A 54 -2.96 21.50 8.81
N VAL A 55 -1.75 21.00 8.87
CA VAL A 55 -0.96 20.81 7.65
C VAL A 55 -1.20 19.42 7.06
N LEU A 56 -1.34 18.39 7.90
CA LEU A 56 -1.36 16.97 7.40
C LEU A 56 -2.82 16.55 7.48
N THR A 57 -3.51 16.49 6.34
CA THR A 57 -4.96 16.31 6.30
C THR A 57 -5.40 15.11 5.42
N ALA A 58 -4.44 14.31 4.96
CA ALA A 58 -4.77 13.17 4.09
C ALA A 58 -5.66 12.13 4.79
N GLY A 59 -6.89 11.92 4.33
CA GLY A 59 -7.82 10.99 5.03
C GLY A 59 -8.39 11.56 6.32
N SER A 60 -8.15 12.84 6.59
CA SER A 60 -8.69 13.43 7.86
C SER A 60 -10.22 13.69 7.85
N GLY A 61 -10.81 13.67 6.65
CA GLY A 61 -12.22 14.00 6.45
C GLY A 61 -12.45 15.45 6.08
N GLN A 62 -13.69 15.75 5.67
CA GLN A 62 -14.04 17.13 5.22
C GLN A 62 -13.77 18.17 6.33
N ASN A 63 -13.01 19.24 5.98
CA ASN A 63 -12.67 20.47 6.78
C ASN A 63 -12.34 20.19 8.26
N PRO A 64 -11.06 19.84 8.56
CA PRO A 64 -10.72 19.52 9.96
C PRO A 64 -11.08 20.57 10.99
N ALA A 65 -11.04 21.79 10.63
CA ALA A 65 -11.34 22.83 11.57
C ALA A 65 -12.85 22.80 11.96
N ARG A 66 -13.70 22.46 11.01
CA ARG A 66 -15.16 22.29 11.33
C ARG A 66 -15.35 21.10 12.26
N GLN A 67 -14.62 20.02 12.00
CA GLN A 67 -14.70 18.87 12.85
C GLN A 67 -14.30 19.19 14.27
N ALA A 68 -13.20 19.92 14.44
CA ALA A 68 -12.79 20.41 15.77
C ALA A 68 -13.88 21.26 16.45
N ALA A 69 -14.40 22.27 15.74
CA ALA A 69 -15.45 23.13 16.29
C ALA A 69 -16.69 22.33 16.81
N ILE A 70 -17.19 21.42 15.98
CA ILE A 70 -18.38 20.56 16.30
C ILE A 70 -18.02 19.67 17.53
N LYS A 71 -16.85 19.02 17.54
CA LYS A 71 -16.44 18.22 18.69
C LYS A 71 -16.28 19.06 19.96
N ALA A 72 -15.91 20.35 19.82
CA ALA A 72 -15.84 21.26 20.95
C ALA A 72 -17.18 21.69 21.49
N GLY A 73 -18.26 21.34 20.81
CA GLY A 73 -19.63 21.65 21.28
C GLY A 73 -20.18 22.94 20.66
N LEU A 74 -19.55 23.48 19.63
CA LEU A 74 -20.05 24.70 19.04
C LEU A 74 -21.18 24.30 18.13
N PRO A 75 -22.22 25.10 18.06
CA PRO A 75 -23.33 24.75 17.19
C PRO A 75 -23.02 24.86 15.70
N ALA A 76 -23.84 24.21 14.91
CA ALA A 76 -23.66 24.19 13.44
C ALA A 76 -23.68 25.58 12.80
N MET A 77 -24.35 26.52 13.48
CA MET A 77 -24.41 27.88 13.00
C MET A 77 -23.05 28.62 12.93
N VAL A 78 -22.04 28.10 13.57
CA VAL A 78 -20.71 28.77 13.66
C VAL A 78 -19.86 28.20 12.55
N PRO A 79 -19.53 29.00 11.60
CA PRO A 79 -18.76 28.40 10.52
C PRO A 79 -17.29 28.24 10.87
N ALA A 80 -16.58 27.39 10.12
CA ALA A 80 -15.14 27.18 10.36
C ALA A 80 -14.39 26.91 9.11
N MET A 81 -13.10 27.12 9.15
CA MET A 81 -12.24 26.98 7.97
C MET A 81 -10.85 26.47 8.41
N THR A 82 -10.23 25.62 7.57
CA THR A 82 -8.96 25.03 7.83
C THR A 82 -7.94 25.75 6.92
N ILE A 83 -6.77 26.03 7.47
CA ILE A 83 -5.74 26.72 6.69
C ILE A 83 -4.40 25.95 6.73
N ASN A 84 -3.56 26.23 5.73
CA ASN A 84 -2.29 25.57 5.71
C ASN A 84 -1.26 26.57 5.23
N LYS A 85 -0.45 27.05 6.16
CA LYS A 85 0.74 27.87 5.81
C LYS A 85 1.95 27.20 6.51
N VAL A 86 2.05 25.86 6.33
CA VAL A 86 3.02 24.94 6.98
C VAL A 86 3.16 25.28 8.46
N CYS A 87 4.36 25.39 9.01
CA CYS A 87 4.54 25.87 10.38
C CYS A 87 3.99 27.19 10.77
N GLY A 88 3.73 28.05 9.81
CA GLY A 88 3.11 29.28 10.16
C GLY A 88 1.61 29.16 10.46
N SER A 89 1.01 28.04 10.13
CA SER A 89 -0.48 27.93 10.14
C SER A 89 -1.17 28.43 11.40
N GLY A 90 -0.69 28.04 12.57
CA GLY A 90 -1.43 28.36 13.75
C GLY A 90 -1.34 29.81 14.16
N LEU A 91 -0.24 30.49 13.78
CA LEU A 91 -0.11 31.91 13.98
C LEU A 91 -0.84 32.74 12.89
N LYS A 92 -0.77 32.26 11.66
CA LYS A 92 -1.50 32.86 10.58
C LYS A 92 -3.03 32.85 10.85
N ALA A 93 -3.49 31.82 11.49
CA ALA A 93 -4.90 31.76 11.93
C ALA A 93 -5.32 32.98 12.79
N VAL A 94 -4.46 33.37 13.73
CA VAL A 94 -4.70 34.52 14.57
C VAL A 94 -4.69 35.82 13.78
N MET A 95 -3.74 35.95 12.84
CA MET A 95 -3.73 37.07 11.91
C MET A 95 -5.00 37.18 11.08
N LEU A 96 -5.47 36.09 10.54
CA LEU A 96 -6.72 36.10 9.79
C LEU A 96 -7.91 36.48 10.64
N ALA A 97 -7.86 36.06 11.89
CA ALA A 97 -8.97 36.39 12.84
C ALA A 97 -8.95 37.86 13.07
N ALA A 98 -7.73 38.41 13.21
CA ALA A 98 -7.61 39.83 13.43
C ALA A 98 -8.05 40.64 12.22
N ASN A 99 -7.64 40.19 11.02
CA ASN A 99 -8.02 40.87 9.81
C ASN A 99 -9.63 40.94 9.77
N ALA A 100 -10.22 39.85 10.08
CA ALA A 100 -11.66 39.68 9.99
C ALA A 100 -12.36 40.57 10.95
N ILE A 101 -11.86 40.63 12.19
CA ILE A 101 -12.39 41.53 13.20
C ILE A 101 -12.27 43.02 12.78
N MET A 102 -11.09 43.42 12.30
CA MET A 102 -10.87 44.76 11.83
C MET A 102 -11.76 45.17 10.65
N ALA A 103 -12.07 44.22 9.79
CA ALA A 103 -12.86 44.48 8.63
C ALA A 103 -14.34 44.51 8.98
N GLY A 104 -14.72 44.15 10.20
CA GLY A 104 -16.15 43.98 10.56
C GLY A 104 -16.85 42.70 10.09
N ASP A 105 -16.10 41.76 9.54
CA ASP A 105 -16.61 40.46 9.05
C ASP A 105 -16.94 39.54 10.24
N ALA A 106 -16.25 39.70 11.35
CA ALA A 106 -16.51 38.83 12.51
C ALA A 106 -16.35 39.63 13.77
N GLU A 107 -16.96 39.16 14.84
CA GLU A 107 -16.79 39.76 16.17
C GLU A 107 -15.87 38.92 17.09
N ILE A 108 -16.07 37.62 17.15
CA ILE A 108 -15.39 36.75 18.08
C ILE A 108 -14.93 35.53 17.30
N VAL A 109 -13.62 35.35 17.26
CA VAL A 109 -12.98 34.25 16.53
C VAL A 109 -12.11 33.38 17.46
N VAL A 110 -12.23 32.06 17.30
CA VAL A 110 -11.30 31.11 17.98
C VAL A 110 -10.33 30.75 16.85
N ALA A 111 -9.06 30.93 17.15
CA ALA A 111 -7.98 30.76 16.18
C ALA A 111 -6.83 29.98 16.83
N GLY A 112 -6.35 28.98 16.11
CA GLY A 112 -5.22 28.22 16.46
C GLY A 112 -4.83 27.18 15.42
N GLY A 113 -4.29 26.06 15.93
CA GLY A 113 -3.85 24.96 15.11
C GLY A 113 -3.88 23.64 15.85
N GLN A 114 -3.74 22.58 15.08
CA GLN A 114 -3.92 21.25 15.60
C GLN A 114 -3.12 20.37 14.70
N GLU A 115 -2.43 19.39 15.26
CA GLU A 115 -1.64 18.48 14.47
C GLU A 115 -1.39 17.17 15.17
N ASN A 116 -1.55 16.09 14.43
CA ASN A 116 -1.13 14.79 14.88
C ASN A 116 -0.16 14.18 13.89
N MET A 117 1.14 14.35 14.16
CA MET A 117 2.12 13.87 13.22
C MET A 117 2.25 12.35 13.26
N SER A 118 2.08 11.78 14.44
CA SER A 118 2.03 10.31 14.60
C SER A 118 1.07 9.62 13.62
N ALA A 119 -0.12 10.20 13.45
CA ALA A 119 -1.19 9.53 12.73
C ALA A 119 -1.15 9.75 11.23
N ALA A 120 -0.18 10.53 10.72
CA ALA A 120 -0.20 10.82 9.31
C ALA A 120 0.01 9.53 8.50
N PRO A 121 -0.76 9.36 7.41
CA PRO A 121 -0.60 8.11 6.64
C PRO A 121 0.38 8.19 5.50
N HIS A 122 0.56 7.05 4.88
CA HIS A 122 1.16 6.95 3.58
C HIS A 122 0.12 7.06 2.44
N VAL A 123 0.58 7.60 1.33
CA VAL A 123 -0.25 7.88 0.13
C VAL A 123 0.32 7.08 -1.04
N LEU A 124 -0.54 6.67 -1.94
CA LEU A 124 -0.12 5.92 -3.13
C LEU A 124 -0.45 6.76 -4.34
N PRO A 125 0.51 7.55 -4.83
CA PRO A 125 0.15 8.40 -5.96
C PRO A 125 -0.14 7.55 -7.20
N GLY A 126 -1.07 8.03 -8.03
CA GLY A 126 -1.42 7.35 -9.25
C GLY A 126 -2.22 6.08 -9.08
N SER A 127 -2.81 5.91 -7.91
CA SER A 127 -3.48 4.69 -7.56
C SER A 127 -4.70 4.46 -8.46
N ARG A 128 -5.16 5.51 -9.12
CA ARG A 128 -6.29 5.41 -10.05
C ARG A 128 -5.91 4.80 -11.37
N ASP A 129 -4.68 5.00 -11.79
CA ASP A 129 -4.19 4.58 -13.10
C ASP A 129 -3.69 3.17 -13.08
N GLY A 130 -3.18 2.74 -11.90
CA GLY A 130 -2.56 1.46 -11.74
C GLY A 130 -1.10 1.48 -12.09
N PHE A 131 -0.43 0.36 -11.80
CA PHE A 131 1.03 0.25 -11.90
C PHE A 131 1.33 -0.91 -12.82
N ARG A 132 1.47 -0.62 -14.10
CA ARG A 132 1.57 -1.68 -15.12
C ARG A 132 2.78 -2.62 -14.90
N MET A 133 3.93 -2.05 -14.54
CA MET A 133 5.16 -2.83 -14.38
C MET A 133 6.19 -2.22 -13.47
N GLY A 134 6.72 -3.04 -12.58
CA GLY A 134 7.82 -2.65 -11.71
C GLY A 134 7.34 -2.05 -10.40
N ASP A 135 8.32 -1.66 -9.61
CA ASP A 135 8.11 -1.29 -8.24
C ASP A 135 7.40 0.08 -8.19
N ALA A 136 6.63 0.36 -7.12
CA ALA A 136 5.90 1.63 -6.99
C ALA A 136 6.17 2.17 -5.59
N LYS A 137 5.71 3.37 -5.35
CA LYS A 137 6.16 4.21 -4.24
C LYS A 137 4.96 4.44 -3.33
N LEU A 138 5.09 4.10 -2.04
CA LEU A 138 4.16 4.56 -1.03
C LEU A 138 4.85 5.73 -0.31
N VAL A 139 4.27 6.91 -0.44
CA VAL A 139 4.90 8.16 0.00
C VAL A 139 4.44 8.55 1.38
N ASP A 140 5.38 8.95 2.25
CA ASP A 140 5.10 9.38 3.61
C ASP A 140 4.49 10.79 3.57
N THR A 141 3.20 10.95 3.89
CA THR A 141 2.58 12.25 3.85
C THR A 141 3.14 13.21 4.84
N MET A 142 3.62 12.71 5.97
CA MET A 142 4.26 13.56 6.91
C MET A 142 5.48 14.22 6.25
N ILE A 143 6.27 13.45 5.51
CA ILE A 143 7.46 14.01 4.88
C ILE A 143 7.14 14.92 3.69
N VAL A 144 6.37 14.41 2.75
CA VAL A 144 6.09 15.15 1.52
C VAL A 144 5.24 16.43 1.77
N ASP A 145 4.22 16.36 2.62
CA ASP A 145 3.36 17.52 2.85
C ASP A 145 3.87 18.46 3.93
N GLY A 146 4.72 17.94 4.80
CA GLY A 146 5.17 18.65 5.99
C GLY A 146 6.62 19.10 5.97
N LEU A 147 7.51 18.28 5.42
CA LEU A 147 8.95 18.46 5.66
C LEU A 147 9.87 18.42 4.45
N TRP A 148 9.31 18.43 3.24
CA TRP A 148 10.07 18.26 2.02
C TRP A 148 9.98 19.53 1.20
N ASP A 149 11.09 20.11 0.78
CA ASP A 149 10.95 21.27 -0.09
C ASP A 149 10.53 20.91 -1.52
N VAL A 150 9.46 21.54 -2.01
CA VAL A 150 8.97 21.26 -3.34
C VAL A 150 9.98 21.67 -4.46
N TYR A 151 10.56 22.84 -4.31
CA TYR A 151 11.34 23.50 -5.39
C TYR A 151 12.70 22.84 -5.51
N ASN A 152 13.30 22.43 -4.40
CA ASN A 152 14.64 21.85 -4.39
C ASN A 152 14.67 20.34 -4.20
N GLN A 153 13.53 19.77 -3.81
CA GLN A 153 13.36 18.36 -3.65
C GLN A 153 14.38 17.80 -2.64
N TYR A 154 14.42 18.40 -1.45
CA TYR A 154 15.14 17.83 -0.33
C TYR A 154 14.48 18.23 0.99
N HIS A 155 14.92 17.56 2.03
CA HIS A 155 14.43 17.78 3.39
C HIS A 155 14.67 19.18 3.93
N MET A 156 13.73 19.63 4.75
CA MET A 156 13.89 20.88 5.52
C MET A 156 15.23 20.92 6.21
N GLY A 157 15.69 19.77 6.66
CA GLY A 157 16.99 19.67 7.35
C GLY A 157 18.16 20.15 6.47
N ILE A 158 18.01 20.00 5.15
CA ILE A 158 19.02 20.52 4.20
C ILE A 158 18.99 22.06 4.13
N THR A 159 17.79 22.66 4.20
CA THR A 159 17.69 24.15 4.26
C THR A 159 18.38 24.63 5.53
N ALA A 160 18.30 23.84 6.59
CA ALA A 160 18.95 24.20 7.82
C ALA A 160 20.49 24.18 7.65
N GLU A 161 21.00 23.15 6.99
CA GLU A 161 22.41 23.11 6.60
C GLU A 161 22.79 24.27 5.72
N ASN A 162 21.97 24.63 4.71
CA ASN A 162 22.23 25.80 3.89
C ASN A 162 22.38 27.06 4.73
N VAL A 163 21.48 27.21 5.70
CA VAL A 163 21.55 28.35 6.65
C VAL A 163 22.80 28.27 7.52
N ALA A 164 23.17 27.09 7.99
CA ALA A 164 24.32 27.02 8.89
C ALA A 164 25.55 27.44 8.10
N LYS A 165 25.60 27.10 6.82
CA LYS A 165 26.78 27.41 5.96
C LYS A 165 26.81 28.87 5.67
N GLU A 166 25.68 29.41 5.21
CA GLU A 166 25.62 30.80 4.83
C GLU A 166 25.97 31.73 6.00
N TYR A 167 25.44 31.46 7.19
CA TYR A 167 25.58 32.32 8.35
C TYR A 167 26.68 31.90 9.38
N GLY A 168 27.49 30.89 9.04
CA GLY A 168 28.59 30.46 9.89
C GLY A 168 28.18 29.95 11.26
N ILE A 169 27.16 29.07 11.29
CA ILE A 169 26.64 28.51 12.52
C ILE A 169 27.16 27.09 12.73
N THR A 170 28.11 26.99 13.68
CA THR A 170 28.91 25.77 13.86
C THR A 170 28.08 24.75 14.60
N ARG A 171 28.46 23.49 14.46
CA ARG A 171 27.92 22.39 15.22
C ARG A 171 27.88 22.65 16.74
N GLU A 172 28.96 23.21 17.23
CA GLU A 172 29.15 23.41 18.62
C GLU A 172 28.15 24.44 19.14
N ALA A 173 27.97 25.50 18.36
CA ALA A 173 27.04 26.56 18.68
C ALA A 173 25.58 26.04 18.70
N GLN A 174 25.25 25.18 17.73
CA GLN A 174 23.93 24.56 17.64
C GLN A 174 23.64 23.66 18.79
N ASP A 175 24.60 22.80 19.13
CA ASP A 175 24.47 21.96 20.32
C ASP A 175 24.31 22.75 21.63
N GLU A 176 25.09 23.80 21.79
CA GLU A 176 25.00 24.66 22.97
C GLU A 176 23.61 25.30 23.10
N PHE A 177 23.13 25.81 21.95
CA PHE A 177 21.75 26.25 21.86
C PHE A 177 20.75 25.21 22.25
N ALA A 178 20.88 23.98 21.74
CA ALA A 178 19.92 22.91 22.04
C ALA A 178 19.92 22.51 23.51
N VAL A 179 21.10 22.45 24.10
CA VAL A 179 21.18 22.15 25.56
C VAL A 179 20.51 23.26 26.37
N GLY A 180 20.66 24.51 25.92
CA GLY A 180 20.01 25.63 26.57
C GLY A 180 18.50 25.49 26.53
N SER A 181 17.97 25.02 25.39
CA SER A 181 16.53 24.90 25.24
C SER A 181 15.97 23.81 26.15
N GLN A 182 16.61 22.61 26.14
CA GLN A 182 16.27 21.55 27.07
C GLN A 182 16.32 22.01 28.53
N ASN A 183 17.42 22.68 28.89
CA ASN A 183 17.62 23.14 30.27
C ASN A 183 16.59 24.16 30.74
N LYS A 184 16.19 25.08 29.84
CA LYS A 184 15.19 26.07 30.14
C LYS A 184 13.83 25.41 30.27
N ALA A 185 13.50 24.44 29.41
CA ALA A 185 12.17 23.82 29.47
C ALA A 185 12.05 22.98 30.72
N GLU A 186 13.12 22.25 31.04
CA GLU A 186 13.19 21.51 32.31
C GLU A 186 12.99 22.43 33.52
N ALA A 187 13.73 23.54 33.60
CA ALA A 187 13.55 24.48 34.78
C ALA A 187 12.15 25.03 34.85
N ALA A 188 11.58 25.38 33.68
CA ALA A 188 10.21 25.90 33.60
C ALA A 188 9.15 24.90 34.06
N GLN A 189 9.28 23.66 33.61
CA GLN A 189 8.42 22.57 34.04
C GLN A 189 8.45 22.36 35.57
N LYS A 190 9.65 22.27 36.11
CA LYS A 190 9.89 22.08 37.54
C LYS A 190 9.41 23.25 38.34
N ALA A 191 9.53 24.49 37.79
CA ALA A 191 8.96 25.64 38.48
C ALA A 191 7.44 25.78 38.32
N GLY A 192 6.79 24.97 37.51
CA GLY A 192 5.32 25.02 37.40
C GLY A 192 4.84 26.02 36.35
N LYS A 193 5.75 26.45 35.46
CA LYS A 193 5.42 27.52 34.59
C LYS A 193 4.45 27.15 33.44
N PHE A 194 4.22 25.87 33.15
CA PHE A 194 3.29 25.45 32.05
C PHE A 194 1.95 24.99 32.59
N ASP A 195 1.85 25.00 33.92
CA ASP A 195 0.69 24.46 34.56
C ASP A 195 -0.55 25.18 34.10
N GLU A 196 -0.58 26.52 34.14
CA GLU A 196 -1.78 27.25 33.81
C GLU A 196 -2.22 27.08 32.33
N GLU A 197 -1.24 27.08 31.42
CA GLU A 197 -1.56 27.14 30.00
C GLU A 197 -2.05 25.79 29.44
N ILE A 198 -1.64 24.70 30.07
CA ILE A 198 -1.90 23.35 29.57
C ILE A 198 -3.31 22.97 29.97
N VAL A 199 -4.03 22.41 29.01
CA VAL A 199 -5.33 21.80 29.20
C VAL A 199 -5.19 20.32 28.99
N PRO A 200 -5.70 19.53 29.92
CA PRO A 200 -5.55 18.07 29.85
C PRO A 200 -6.26 17.46 28.68
N VAL A 201 -5.68 16.44 28.06
CA VAL A 201 -6.37 15.55 27.11
C VAL A 201 -6.63 14.19 27.79
N LEU A 202 -7.88 13.72 27.79
CA LEU A 202 -8.24 12.43 28.38
C LEU A 202 -8.00 11.25 27.45
N ILE A 203 -7.08 10.37 27.84
CA ILE A 203 -6.64 9.29 26.96
C ILE A 203 -7.41 8.03 27.31
N PRO A 204 -8.26 7.54 26.38
CA PRO A 204 -9.07 6.36 26.75
C PRO A 204 -8.24 5.11 27.05
N GLN A 205 -8.69 4.32 28.01
CA GLN A 205 -7.95 3.13 28.45
C GLN A 205 -8.68 1.82 28.12
N ARG A 206 -7.91 0.72 28.10
CA ARG A 206 -8.41 -0.63 27.80
C ARG A 206 -9.44 -1.00 28.87
N LYS A 207 -9.08 -0.80 30.13
CA LYS A 207 -10.00 -0.92 31.25
C LYS A 207 -10.01 0.36 32.06
N GLY A 208 -11.13 0.65 32.72
CA GLY A 208 -11.26 1.77 33.65
C GLY A 208 -11.41 3.12 32.97
N ASP A 209 -11.45 4.20 33.77
CA ASP A 209 -11.66 5.56 33.23
C ASP A 209 -10.47 6.08 32.39
N PRO A 210 -10.72 7.08 31.52
CA PRO A 210 -9.59 7.63 30.76
C PRO A 210 -8.61 8.33 31.68
N VAL A 211 -7.35 8.44 31.27
CA VAL A 211 -6.34 9.16 32.07
C VAL A 211 -5.91 10.49 31.40
N ALA A 212 -5.85 11.54 32.19
CA ALA A 212 -5.42 12.84 31.70
C ALA A 212 -3.97 12.76 31.26
N PHE A 213 -3.67 13.34 30.12
CA PHE A 213 -2.26 13.58 29.72
C PHE A 213 -2.08 15.10 29.75
N LYS A 214 -1.07 15.57 30.50
CA LYS A 214 -0.95 16.97 30.84
C LYS A 214 0.49 17.41 31.09
N THR A 215 1.47 16.73 30.48
CA THR A 215 2.86 17.10 30.69
C THR A 215 3.58 17.05 29.38
N ASP A 216 4.48 17.99 29.14
CA ASP A 216 5.30 17.99 27.92
C ASP A 216 6.33 16.88 27.91
N GLU A 217 5.92 15.72 27.40
CA GLU A 217 6.70 14.52 27.57
C GLU A 217 7.95 14.46 26.74
N PHE A 218 8.15 15.38 25.82
CA PHE A 218 9.30 15.31 24.92
C PHE A 218 10.53 15.99 25.53
N VAL A 219 10.30 16.73 26.60
CA VAL A 219 11.38 17.51 27.20
C VAL A 219 12.40 16.53 27.82
N ARG A 220 13.68 16.72 27.53
CA ARG A 220 14.70 15.86 28.14
C ARG A 220 15.20 16.43 29.49
N GLN A 221 15.24 15.60 30.51
CA GLN A 221 15.63 16.04 31.86
C GLN A 221 17.12 15.82 31.98
N GLY A 222 17.86 16.77 32.55
CA GLY A 222 19.32 16.59 32.72
C GLY A 222 20.12 16.51 31.42
N ALA A 223 19.69 17.21 30.39
CA ALA A 223 20.39 17.22 29.12
C ALA A 223 21.75 17.92 29.26
N THR A 224 22.75 17.41 28.56
CA THR A 224 24.11 17.96 28.69
C THR A 224 24.70 18.06 27.33
N LEU A 225 25.68 18.92 27.20
CA LEU A 225 26.44 19.05 25.98
C LEU A 225 26.99 17.70 25.45
N ASP A 226 27.65 16.94 26.32
CA ASP A 226 28.15 15.60 25.98
C ASP A 226 27.15 14.67 25.34
N SER A 227 25.93 14.59 25.86
CA SER A 227 24.86 13.77 25.26
C SER A 227 24.49 14.17 23.86
N MET A 228 25.01 15.30 23.40
CA MET A 228 24.68 15.85 22.08
C MET A 228 25.86 15.82 21.11
N SER A 229 27.07 16.03 21.60
CA SER A 229 28.23 16.23 20.71
C SER A 229 28.68 14.90 20.09
N GLY A 230 28.24 13.79 20.68
CA GLY A 230 28.50 12.47 20.14
C GLY A 230 27.66 12.07 18.94
N LEU A 231 26.53 12.76 18.69
CA LEU A 231 25.57 12.32 17.63
C LEU A 231 26.09 12.59 16.26
N LYS A 232 25.68 11.78 15.31
CA LYS A 232 26.03 12.05 13.95
C LYS A 232 24.94 12.89 13.29
N PRO A 233 25.34 13.62 12.24
CA PRO A 233 24.45 14.41 11.38
C PRO A 233 23.34 13.59 10.74
N ALA A 234 22.14 14.16 10.71
CA ALA A 234 20.99 13.42 10.28
C ALA A 234 20.73 13.56 8.78
N PHE A 235 21.17 14.64 8.14
CA PHE A 235 20.77 14.88 6.74
C PHE A 235 21.89 14.91 5.74
N ASP A 236 23.12 14.94 6.22
CA ASP A 236 24.25 15.09 5.33
C ASP A 236 25.45 14.73 6.19
N LYS A 237 26.27 13.82 5.68
CA LYS A 237 27.22 13.14 6.56
C LYS A 237 28.35 14.12 6.95
N ALA A 238 28.53 15.16 6.12
CA ALA A 238 29.43 16.25 6.40
C ALA A 238 28.71 17.41 7.06
N GLY A 239 27.47 17.19 7.52
CA GLY A 239 26.65 18.33 8.01
C GLY A 239 26.84 18.63 9.49
N THR A 240 26.01 19.55 10.00
CA THR A 240 26.00 20.00 11.39
C THR A 240 24.67 19.60 12.16
N VAL A 241 23.61 19.36 11.39
CA VAL A 241 22.25 19.17 11.95
C VAL A 241 22.03 17.75 12.42
N THR A 242 21.67 17.55 13.69
CA THR A 242 21.36 16.23 14.24
C THR A 242 19.92 16.17 14.74
N ALA A 243 19.51 15.01 15.24
CA ALA A 243 18.20 14.87 15.88
C ALA A 243 18.15 15.69 17.16
N ALA A 244 19.30 15.88 17.80
CA ALA A 244 19.34 16.57 19.08
C ALA A 244 19.31 18.11 19.01
N ASN A 245 19.63 18.70 17.86
CA ASN A 245 19.63 20.16 17.70
C ASN A 245 18.64 20.61 16.65
N ALA A 246 17.65 19.74 16.38
CA ALA A 246 16.50 20.04 15.51
C ALA A 246 15.25 19.76 16.36
N SER A 247 14.08 20.32 16.04
CA SER A 247 12.90 19.97 16.87
C SER A 247 12.44 18.58 16.56
N GLY A 248 11.43 18.10 17.26
CA GLY A 248 10.94 16.77 17.01
C GLY A 248 9.76 16.76 16.06
N LEU A 249 9.23 15.56 15.90
CA LEU A 249 7.97 15.36 15.20
C LEU A 249 6.98 15.12 16.32
N ASN A 250 5.92 15.92 16.39
CA ASN A 250 5.07 15.88 17.58
C ASN A 250 3.61 16.11 17.31
N ASP A 251 2.83 15.94 18.38
CA ASP A 251 1.38 16.00 18.31
C ASP A 251 0.88 17.04 19.36
N GLY A 252 -0.10 17.85 18.96
CA GLY A 252 -0.64 18.83 19.89
C GLY A 252 -1.58 19.81 19.23
N ALA A 253 -2.17 20.66 20.08
CA ALA A 253 -3.05 21.70 19.59
C ALA A 253 -2.96 22.91 20.51
N ALA A 254 -3.32 24.05 19.95
CA ALA A 254 -3.37 25.32 20.69
C ALA A 254 -4.45 26.22 20.10
N ALA A 255 -5.03 27.08 20.95
CA ALA A 255 -6.03 28.06 20.49
C ALA A 255 -6.10 29.26 21.39
N VAL A 256 -6.50 30.36 20.77
CA VAL A 256 -6.79 31.62 21.45
C VAL A 256 -8.15 32.11 21.06
N VAL A 257 -8.74 32.96 21.89
CA VAL A 257 -10.03 33.64 21.53
C VAL A 257 -9.73 35.07 21.29
N VAL A 258 -10.11 35.57 20.12
CA VAL A 258 -9.83 36.90 19.67
C VAL A 258 -11.17 37.67 19.48
N MET A 259 -11.17 38.95 19.81
CA MET A 259 -12.33 39.83 19.59
C MET A 259 -11.89 41.26 19.59
N SER A 260 -12.77 42.17 19.16
CA SER A 260 -12.51 43.61 19.27
C SER A 260 -12.40 44.01 20.72
N ALA A 261 -11.58 45.01 21.03
CA ALA A 261 -11.57 45.61 22.40
C ALA A 261 -12.98 46.02 22.88
N ALA A 262 -13.79 46.51 21.97
CA ALA A 262 -15.20 46.91 22.30
C ALA A 262 -16.09 45.76 22.65
N LYS A 263 -15.93 44.63 21.96
CA LYS A 263 -16.65 43.44 22.30
C LYS A 263 -16.24 42.93 23.67
N ALA A 264 -14.94 42.95 23.96
CA ALA A 264 -14.49 42.46 25.26
C ALA A 264 -15.09 43.31 26.44
N LYS A 265 -15.06 44.62 26.26
CA LYS A 265 -15.59 45.64 27.14
C LYS A 265 -17.14 45.37 27.36
N GLU A 266 -17.88 45.24 26.28
CA GLU A 266 -19.32 44.86 26.30
C GLU A 266 -19.59 43.65 27.12
N LEU A 267 -18.74 42.62 26.95
CA LEU A 267 -18.90 41.36 27.66
C LEU A 267 -18.30 41.36 29.07
N GLY A 268 -17.74 42.46 29.51
CA GLY A 268 -17.07 42.52 30.83
C GLY A 268 -15.77 41.69 30.94
N LEU A 269 -15.05 41.46 29.84
CA LEU A 269 -13.92 40.55 29.88
C LEU A 269 -12.59 41.30 29.97
N THR A 270 -11.62 40.78 30.69
CA THR A 270 -10.32 41.46 30.74
C THR A 270 -9.32 40.85 29.73
N PRO A 271 -8.89 41.59 28.76
CA PRO A 271 -8.02 40.91 27.77
C PRO A 271 -6.73 40.44 28.38
N LEU A 272 -6.12 39.40 27.83
CA LEU A 272 -4.73 39.12 28.15
C LEU A 272 -3.80 40.12 27.51
N ALA A 273 -4.11 40.51 26.27
CA ALA A 273 -3.20 41.38 25.53
C ALA A 273 -3.91 41.96 24.35
N THR A 274 -3.33 43.00 23.76
CA THR A 274 -3.83 43.57 22.55
C THR A 274 -2.89 43.16 21.45
N ILE A 275 -3.45 42.83 20.28
CA ILE A 275 -2.63 42.58 19.08
C ILE A 275 -2.06 43.89 18.58
N LYS A 276 -0.75 44.03 18.62
CA LYS A 276 -0.15 45.28 18.20
C LYS A 276 0.11 45.34 16.70
N SER A 277 0.69 44.32 16.12
CA SER A 277 0.94 44.30 14.72
C SER A 277 1.16 42.88 14.33
N TYR A 278 1.18 42.59 13.03
CA TYR A 278 1.60 41.31 12.49
C TYR A 278 2.05 41.49 11.05
N ALA A 279 2.79 40.49 10.55
CA ALA A 279 3.28 40.45 9.20
C ALA A 279 3.67 39.07 8.72
N ASN A 280 3.72 38.93 7.38
CA ASN A 280 4.28 37.76 6.74
C ASN A 280 5.45 38.24 5.89
N ALA A 281 6.15 37.32 5.33
CA ALA A 281 7.28 37.66 4.42
C ALA A 281 7.67 36.40 3.69
N GLY A 282 8.37 36.57 2.55
CA GLY A 282 8.90 35.44 1.81
C GLY A 282 10.40 35.57 1.60
N VAL A 283 11.06 34.40 1.58
CA VAL A 283 12.51 34.32 1.32
C VAL A 283 12.72 33.16 0.36
N ASP A 284 13.94 33.02 -0.13
CA ASP A 284 14.26 31.86 -0.92
C ASP A 284 13.97 30.55 -0.19
N PRO A 285 13.34 29.58 -0.86
CA PRO A 285 13.05 28.32 -0.18
C PRO A 285 14.29 27.57 0.36
N LYS A 286 15.43 27.74 -0.29
CA LYS A 286 16.71 27.15 0.18
C LYS A 286 17.11 27.58 1.61
N VAL A 287 16.70 28.78 2.02
CA VAL A 287 17.02 29.32 3.32
C VAL A 287 15.72 29.68 4.09
N MET A 288 14.70 28.85 3.98
CA MET A 288 13.37 29.17 4.61
C MET A 288 13.46 29.52 6.10
N GLY A 289 14.41 28.87 6.80
CA GLY A 289 14.78 29.14 8.19
C GLY A 289 15.01 30.61 8.59
N MET A 290 15.26 31.46 7.59
CA MET A 290 15.45 32.87 7.79
C MET A 290 14.17 33.68 7.67
N GLY A 291 13.05 33.00 7.40
CA GLY A 291 11.81 33.79 7.20
C GLY A 291 11.46 34.72 8.36
N PRO A 292 11.81 34.34 9.61
CA PRO A 292 11.44 35.22 10.70
C PRO A 292 12.09 36.58 10.71
N VAL A 293 13.21 36.73 9.99
CA VAL A 293 13.90 38.00 10.00
C VAL A 293 13.07 39.01 9.24
N PRO A 294 12.79 38.83 7.93
CA PRO A 294 12.02 39.88 7.34
C PRO A 294 10.60 40.02 7.98
N ALA A 295 10.03 38.94 8.48
CA ALA A 295 8.63 39.02 9.03
C ALA A 295 8.61 39.78 10.34
N SER A 296 9.59 39.51 11.19
CA SER A 296 9.74 40.25 12.43
C SER A 296 10.13 41.68 12.24
N LYS A 297 11.04 41.98 11.31
CA LYS A 297 11.30 43.37 10.97
C LYS A 297 10.05 44.13 10.54
N ARG A 298 9.24 43.51 9.70
CA ARG A 298 8.00 44.14 9.19
C ARG A 298 6.99 44.30 10.30
N ALA A 299 6.90 43.30 11.14
CA ALA A 299 5.91 43.38 12.27
C ALA A 299 6.33 44.51 13.24
N LEU A 300 7.64 44.64 13.43
CA LEU A 300 8.17 45.63 14.31
C LEU A 300 8.03 47.04 13.75
N SER A 301 8.26 47.19 12.45
CA SER A 301 8.04 48.44 11.71
C SER A 301 6.58 48.88 11.81
N ARG A 302 5.67 47.95 11.64
CA ARG A 302 4.23 48.26 11.74
C ARG A 302 3.84 48.61 13.16
N ALA A 303 4.48 48.02 14.16
CA ALA A 303 4.22 48.38 15.56
C ALA A 303 4.89 49.71 16.01
N GLU A 304 5.89 50.17 15.27
CA GLU A 304 6.75 51.27 15.66
C GLU A 304 7.61 50.91 16.86
N TRP A 305 8.07 49.65 16.90
CA TRP A 305 8.94 49.20 17.96
C TRP A 305 10.27 48.82 17.36
N THR A 306 11.33 48.92 18.15
CA THR A 306 12.60 48.36 17.76
C THR A 306 12.77 46.97 18.36
N PRO A 307 13.72 46.20 17.83
CA PRO A 307 14.02 44.94 18.52
C PRO A 307 14.38 45.10 20.00
N GLN A 308 14.98 46.22 20.38
CA GLN A 308 15.34 46.53 21.78
C GLN A 308 14.10 46.84 22.69
N ASP A 309 13.03 47.31 22.10
CA ASP A 309 11.75 47.59 22.82
C ASP A 309 11.09 46.32 23.41
N LEU A 310 11.38 45.17 22.81
CA LEU A 310 10.72 43.94 23.15
C LEU A 310 11.14 43.45 24.53
N ASP A 311 10.17 43.01 25.33
CA ASP A 311 10.40 42.44 26.64
C ASP A 311 10.56 40.91 26.62
N LEU A 312 9.90 40.24 25.70
CA LEU A 312 9.91 38.80 25.58
C LEU A 312 9.59 38.41 24.12
N MET A 313 10.16 37.28 23.72
CA MET A 313 9.91 36.72 22.40
C MET A 313 9.87 35.19 22.42
N GLU A 314 9.09 34.66 21.48
CA GLU A 314 9.01 33.23 21.26
C GLU A 314 9.31 33.12 19.78
N ILE A 315 10.51 32.62 19.46
CA ILE A 315 10.91 32.36 18.10
C ILE A 315 11.03 30.85 17.95
N ASN A 316 10.20 30.28 17.09
CA ASN A 316 10.13 28.83 17.01
C ASN A 316 11.46 28.22 16.55
N GLU A 317 11.81 27.14 17.21
CA GLU A 317 13.11 26.47 17.04
C GLU A 317 12.91 25.23 16.20
N ALA A 318 12.75 25.40 14.90
CA ALA A 318 12.65 24.27 14.02
C ALA A 318 14.02 23.56 13.97
N PHE A 319 15.06 24.38 13.84
CA PHE A 319 16.48 23.90 13.86
C PHE A 319 17.34 24.92 14.60
N ALA A 320 18.19 24.52 15.53
CA ALA A 320 19.09 25.47 16.16
C ALA A 320 19.89 26.29 15.14
N ALA A 321 20.15 25.71 14.00
CA ALA A 321 20.93 26.45 12.99
C ALA A 321 20.17 27.70 12.52
N GLN A 322 18.86 27.61 12.25
CA GLN A 322 18.21 28.78 11.81
C GLN A 322 17.88 29.75 12.96
N ALA A 323 17.51 29.22 14.13
CA ALA A 323 17.22 30.01 15.30
C ALA A 323 18.46 30.92 15.63
N LEU A 324 19.66 30.33 15.61
CA LEU A 324 20.87 31.14 15.80
C LEU A 324 21.07 32.17 14.71
N ALA A 325 20.81 31.81 13.46
CA ALA A 325 21.03 32.75 12.41
C ALA A 325 20.01 33.89 12.54
N VAL A 326 18.75 33.55 12.91
CA VAL A 326 17.78 34.59 13.15
C VAL A 326 18.23 35.53 14.24
N HIS A 327 18.69 35.00 15.38
CA HIS A 327 19.09 35.87 16.48
C HIS A 327 20.29 36.76 16.04
N GLN A 328 21.22 36.17 15.34
CA GLN A 328 22.34 36.95 14.79
C GLN A 328 21.89 38.11 13.92
N GLN A 329 20.93 37.85 13.03
CA GLN A 329 20.44 38.92 12.13
C GLN A 329 19.57 39.96 12.79
N MET A 330 18.88 39.57 13.87
CA MET A 330 17.94 40.45 14.50
C MET A 330 18.62 41.31 15.52
N GLY A 331 19.62 40.76 16.22
CA GLY A 331 20.38 41.47 17.19
C GLY A 331 19.74 41.75 18.53
N TRP A 332 18.60 41.08 18.80
CA TRP A 332 17.86 41.28 20.01
C TRP A 332 18.49 40.48 21.15
N ASP A 333 18.04 40.76 22.37
CA ASP A 333 18.59 40.13 23.62
C ASP A 333 18.10 38.70 23.72
N THR A 334 19.04 37.77 23.52
CA THR A 334 18.65 36.37 23.41
C THR A 334 18.27 35.78 24.77
N SER A 335 18.53 36.49 25.88
CA SER A 335 18.15 36.07 27.21
C SER A 335 16.62 36.22 27.39
N LYS A 336 15.97 36.95 26.49
CA LYS A 336 14.50 37.25 26.54
C LYS A 336 13.73 36.41 25.53
N VAL A 337 14.44 35.55 24.83
CA VAL A 337 13.87 34.67 23.81
C VAL A 337 13.72 33.26 24.34
N ASN A 338 12.54 32.72 24.14
CA ASN A 338 12.19 31.34 24.53
C ASN A 338 12.60 31.03 25.99
N VAL A 339 12.24 31.90 26.90
CA VAL A 339 12.75 31.82 28.26
C VAL A 339 12.39 30.53 28.98
N ASN A 340 11.33 29.87 28.56
CA ASN A 340 10.91 28.60 29.08
C ASN A 340 11.17 27.44 28.15
N GLY A 341 12.14 27.58 27.27
CA GLY A 341 12.46 26.47 26.37
C GLY A 341 11.74 26.67 25.05
N GLY A 342 12.25 26.03 24.01
CA GLY A 342 11.57 26.05 22.71
C GLY A 342 11.31 24.66 22.17
N ALA A 343 11.01 24.63 20.89
CA ALA A 343 10.55 23.43 20.21
C ALA A 343 11.53 22.26 20.21
N ILE A 344 12.83 22.55 20.27
CA ILE A 344 13.80 21.51 20.42
C ILE A 344 13.47 20.62 21.63
N ALA A 345 13.10 21.26 22.71
CA ALA A 345 12.76 20.57 23.93
C ALA A 345 11.27 20.21 23.97
N ILE A 346 10.40 21.14 23.63
CA ILE A 346 8.95 20.95 23.87
C ILE A 346 8.30 20.11 22.77
N GLY A 347 8.80 20.30 21.55
CA GLY A 347 8.31 19.60 20.39
C GLY A 347 7.60 20.54 19.45
N HIS A 348 7.35 20.07 18.24
CA HIS A 348 6.89 20.88 17.15
C HIS A 348 5.77 20.22 16.31
N PRO A 349 4.54 20.21 16.84
CA PRO A 349 3.41 19.76 16.02
C PRO A 349 3.07 20.82 14.97
N ILE A 350 3.48 20.59 13.73
CA ILE A 350 3.68 21.67 12.82
C ILE A 350 2.53 22.71 12.63
N GLY A 351 1.31 22.26 12.31
CA GLY A 351 0.18 23.19 12.22
C GLY A 351 -0.26 23.88 13.53
N ALA A 352 0.20 23.37 14.66
CA ALA A 352 -0.20 23.93 15.94
C ALA A 352 0.84 24.84 16.59
N SER A 353 2.10 24.67 16.22
CA SER A 353 3.19 25.42 16.83
C SER A 353 3.10 26.93 16.84
N GLY A 354 2.52 27.51 15.80
CA GLY A 354 2.36 28.94 15.73
C GLY A 354 1.53 29.50 16.84
N CYS A 355 0.41 28.86 17.14
CA CYS A 355 -0.40 29.24 18.24
C CYS A 355 0.18 28.73 19.60
N ARG A 356 0.79 27.55 19.62
CA ARG A 356 1.40 27.05 20.88
C ARG A 356 2.42 28.08 21.42
N ILE A 357 3.31 28.63 20.60
CA ILE A 357 4.29 29.58 21.14
C ILE A 357 3.64 30.89 21.59
N LEU A 358 2.56 31.31 20.92
CA LEU A 358 1.86 32.48 21.31
C LEU A 358 1.23 32.26 22.71
N VAL A 359 0.56 31.11 22.91
CA VAL A 359 -0.01 30.74 24.22
C VAL A 359 1.11 30.78 25.30
N THR A 360 2.25 30.22 25.00
CA THR A 360 3.38 30.22 26.00
C THR A 360 3.85 31.65 26.27
N LEU A 361 3.97 32.44 25.20
CA LEU A 361 4.39 33.85 25.31
C LEU A 361 3.44 34.65 26.21
N LEU A 362 2.13 34.55 25.94
CA LEU A 362 1.20 35.28 26.71
C LEU A 362 1.24 34.99 28.18
N HIS A 363 1.42 33.74 28.54
CA HIS A 363 1.37 33.29 29.96
C HIS A 363 2.64 33.73 30.71
N GLU A 364 3.78 33.66 30.04
CA GLU A 364 5.03 34.21 30.61
C GLU A 364 5.02 35.74 30.69
N MET A 365 4.47 36.46 29.69
CA MET A 365 4.33 37.92 29.82
C MET A 365 3.57 38.37 31.04
N LYS A 366 2.42 37.78 31.27
CA LYS A 366 1.71 38.06 32.49
C LYS A 366 2.53 37.71 33.77
N ARG A 367 3.20 36.58 33.79
CA ARG A 367 3.92 36.12 35.01
C ARG A 367 5.00 37.07 35.41
N ARG A 368 5.76 37.60 34.43
CA ARG A 368 6.85 38.54 34.75
C ARG A 368 6.46 40.03 34.52
N ASP A 369 5.18 40.28 34.23
CA ASP A 369 4.68 41.62 33.83
C ASP A 369 5.50 42.29 32.71
N ALA A 370 5.75 41.58 31.62
CA ALA A 370 6.39 42.14 30.41
C ALA A 370 5.29 42.85 29.60
N LYS A 371 5.64 43.92 28.88
CA LYS A 371 4.60 44.65 28.17
C LYS A 371 4.55 44.42 26.64
N LYS A 372 5.71 44.21 26.03
CA LYS A 372 5.83 44.09 24.61
C LYS A 372 6.45 42.74 24.26
N GLY A 373 5.75 42.01 23.41
CA GLY A 373 6.12 40.68 23.06
C GLY A 373 5.98 40.40 21.57
N LEU A 374 6.75 39.42 21.11
CA LEU A 374 6.69 39.03 19.71
C LEU A 374 6.84 37.52 19.58
N ALA A 375 6.03 36.93 18.71
CA ALA A 375 6.12 35.50 18.31
C ALA A 375 6.38 35.45 16.84
N SER A 376 7.29 34.58 16.43
CA SER A 376 7.63 34.40 15.03
C SER A 376 8.07 32.94 14.70
N LEU A 377 7.80 32.49 13.48
CA LEU A 377 8.13 31.14 12.97
C LEU A 377 8.64 31.19 11.52
N CYS A 378 9.58 30.31 11.20
CA CYS A 378 9.89 30.01 9.80
C CYS A 378 8.91 29.04 9.23
N ILE A 379 8.90 29.00 7.90
CA ILE A 379 7.86 28.28 7.12
C ILE A 379 8.46 27.66 5.88
N GLY A 380 8.22 26.36 5.73
CA GLY A 380 8.82 25.57 4.67
C GLY A 380 8.33 26.09 3.37
N GLY A 381 9.24 26.22 2.39
CA GLY A 381 8.86 26.89 1.15
C GLY A 381 9.31 28.33 1.09
N GLY A 382 9.86 28.81 2.20
CA GLY A 382 10.46 30.18 2.22
C GLY A 382 9.51 31.30 2.61
N MET A 383 8.94 31.18 3.81
CA MET A 383 8.23 32.23 4.41
C MET A 383 8.50 32.37 5.91
N GLY A 384 8.03 33.46 6.45
CA GLY A 384 8.00 33.71 7.89
C GLY A 384 6.69 34.39 8.23
N VAL A 385 6.26 34.20 9.46
CA VAL A 385 5.19 34.99 10.09
C VAL A 385 5.60 35.52 11.44
N ALA A 386 5.07 36.68 11.79
CA ALA A 386 5.37 37.28 13.10
C ALA A 386 4.19 38.07 13.59
N LEU A 387 4.02 38.07 14.90
CA LEU A 387 2.92 38.79 15.53
C LEU A 387 3.35 39.41 16.84
N ALA A 388 3.06 40.70 17.00
CA ALA A 388 3.40 41.47 18.19
C ALA A 388 2.17 41.66 19.10
N VAL A 389 2.37 41.56 20.40
CA VAL A 389 1.32 41.79 21.38
C VAL A 389 1.81 42.78 22.43
N GLU A 390 0.88 43.53 22.98
CA GLU A 390 1.19 44.47 24.03
C GLU A 390 0.19 44.26 25.18
N ARG A 391 0.73 44.28 26.40
CA ARG A 391 -0.09 44.26 27.65
C ARG A 391 -0.10 45.64 28.20
N LYS A 392 -1.23 46.04 28.75
CA LYS A 392 -1.35 47.38 29.33
C LYS A 392 -0.35 47.55 30.44
N THR B 1 -12.18 53.44 2.51
CA THR B 1 -11.62 52.32 1.68
C THR B 1 -12.70 51.30 1.21
N ASP B 2 -12.55 50.85 -0.02
CA ASP B 2 -13.30 49.72 -0.49
C ASP B 2 -12.46 48.88 -1.45
N VAL B 3 -12.89 47.65 -1.64
CA VAL B 3 -12.08 46.64 -2.29
C VAL B 3 -12.65 46.36 -3.63
N VAL B 4 -11.78 46.37 -4.62
CA VAL B 4 -12.21 46.15 -6.02
C VAL B 4 -11.58 44.90 -6.60
N ILE B 5 -12.25 44.35 -7.60
CA ILE B 5 -11.72 43.24 -8.37
C ILE B 5 -11.29 43.81 -9.74
N VAL B 6 -10.01 43.71 -10.00
CA VAL B 6 -9.47 44.21 -11.26
C VAL B 6 -9.34 43.22 -12.43
N SER B 7 -9.34 41.93 -12.18
CA SER B 7 -9.32 41.00 -13.28
C SER B 7 -9.74 39.65 -12.80
N ALA B 8 -10.04 38.76 -13.74
CA ALA B 8 -10.58 37.48 -13.42
C ALA B 8 -10.25 36.51 -14.51
N ALA B 9 -9.89 35.30 -14.16
CA ALA B 9 -9.58 34.28 -15.15
C ALA B 9 -9.89 32.91 -14.63
N ARG B 10 -10.27 32.00 -15.53
CA ARG B 10 -10.41 30.59 -15.18
C ARG B 10 -9.91 29.66 -16.26
N THR B 11 -9.56 28.43 -15.91
CA THR B 11 -9.35 27.39 -16.90
C THR B 11 -10.71 26.94 -17.36
N ALA B 12 -10.76 26.31 -18.54
CA ALA B 12 -11.92 25.49 -18.87
C ALA B 12 -11.97 24.39 -17.79
N VAL B 13 -13.13 23.82 -17.53
CA VAL B 13 -13.22 22.76 -16.58
C VAL B 13 -13.09 21.39 -17.26
N GLY B 14 -12.22 20.54 -16.72
CA GLY B 14 -12.05 19.21 -17.23
C GLY B 14 -12.98 18.20 -16.66
N LYS B 15 -13.24 17.16 -17.46
CA LYS B 15 -13.99 15.99 -16.98
C LYS B 15 -13.08 15.07 -16.19
N PHE B 16 -13.67 14.25 -15.34
CA PHE B 16 -12.92 13.27 -14.52
C PHE B 16 -12.21 12.29 -15.43
N GLY B 17 -10.89 12.16 -15.25
CA GLY B 17 -10.07 11.39 -16.15
C GLY B 17 -9.87 11.99 -17.51
N GLY B 18 -10.15 13.30 -17.63
CA GLY B 18 -10.23 13.99 -18.90
C GLY B 18 -9.04 14.87 -19.19
N SER B 19 -9.24 15.98 -19.89
CA SER B 19 -8.08 16.73 -20.45
C SER B 19 -7.05 17.26 -19.42
N LEU B 20 -7.45 17.50 -18.18
CA LEU B 20 -6.56 18.07 -17.16
C LEU B 20 -6.06 17.02 -16.16
N ALA B 21 -6.40 15.75 -16.37
CA ALA B 21 -6.24 14.77 -15.32
C ALA B 21 -4.79 14.61 -14.89
N LYS B 22 -3.88 14.91 -15.80
CA LYS B 22 -2.45 14.76 -15.42
C LYS B 22 -1.74 16.05 -15.03
N ILE B 23 -2.47 17.17 -14.96
CA ILE B 23 -1.86 18.47 -14.63
C ILE B 23 -2.13 18.64 -13.14
N PRO B 24 -1.10 18.68 -12.31
CA PRO B 24 -1.36 18.80 -10.87
C PRO B 24 -2.05 20.15 -10.49
N ALA B 25 -2.87 20.14 -9.45
CA ALA B 25 -3.66 21.32 -9.09
C ALA B 25 -2.83 22.65 -9.01
N PRO B 26 -1.67 22.67 -8.33
CA PRO B 26 -0.96 23.96 -8.29
C PRO B 26 -0.54 24.48 -9.71
N GLU B 27 -0.35 23.59 -10.70
CA GLU B 27 -0.07 23.99 -12.10
C GLU B 27 -1.28 24.62 -12.75
N LEU B 28 -2.44 24.15 -12.39
CA LEU B 28 -3.69 24.80 -12.86
C LEU B 28 -3.92 26.17 -12.24
N GLY B 29 -3.58 26.25 -10.95
CA GLY B 29 -3.61 27.51 -10.23
C GLY B 29 -2.59 28.47 -10.84
N ALA B 30 -1.45 27.99 -11.27
CA ALA B 30 -0.42 28.90 -11.81
C ALA B 30 -0.87 29.57 -13.07
N VAL B 31 -1.56 28.78 -13.90
CA VAL B 31 -2.16 29.29 -15.14
C VAL B 31 -3.05 30.49 -14.88
N VAL B 32 -4.01 30.34 -13.97
CA VAL B 32 -4.96 31.43 -13.70
C VAL B 32 -4.40 32.58 -12.87
N ILE B 33 -3.44 32.32 -12.00
CA ILE B 33 -2.75 33.40 -11.32
C ILE B 33 -2.02 34.28 -12.35
N LYS B 34 -1.23 33.65 -13.18
CA LYS B 34 -0.47 34.37 -14.16
C LYS B 34 -1.36 35.18 -15.11
N ALA B 35 -2.40 34.56 -15.64
CA ALA B 35 -3.34 35.26 -16.54
C ALA B 35 -4.08 36.38 -15.86
N ALA B 36 -4.57 36.17 -14.60
CA ALA B 36 -5.27 37.30 -13.90
C ALA B 36 -4.40 38.54 -13.73
N LEU B 37 -3.14 38.33 -13.39
CA LEU B 37 -2.21 39.40 -13.19
C LEU B 37 -1.91 40.09 -14.53
N GLU B 38 -1.68 39.32 -15.59
CA GLU B 38 -1.52 39.91 -16.96
C GLU B 38 -2.69 40.71 -17.40
N ARG B 39 -3.87 40.17 -17.15
CA ARG B 39 -5.05 40.90 -17.58
C ARG B 39 -5.26 42.17 -16.81
N ALA B 40 -4.79 42.19 -15.57
CA ALA B 40 -4.98 43.30 -14.69
C ALA B 40 -3.92 44.34 -15.04
N GLY B 41 -2.80 43.90 -15.61
CA GLY B 41 -1.62 44.74 -15.80
C GLY B 41 -0.76 44.92 -14.56
N VAL B 42 -0.73 43.91 -13.69
CA VAL B 42 -0.07 44.00 -12.40
C VAL B 42 1.19 43.17 -12.49
N LYS B 43 2.31 43.74 -12.11
CA LYS B 43 3.57 43.01 -12.12
C LYS B 43 3.66 42.08 -10.92
N PRO B 44 4.22 40.87 -11.12
CA PRO B 44 4.37 39.88 -10.06
C PRO B 44 4.90 40.43 -8.72
N GLU B 45 5.98 41.20 -8.79
CA GLU B 45 6.59 41.80 -7.60
C GLU B 45 5.72 42.76 -6.79
N GLN B 46 4.62 43.22 -7.38
CA GLN B 46 3.67 44.11 -6.70
C GLN B 46 2.62 43.35 -5.87
N VAL B 47 2.54 42.05 -6.01
CA VAL B 47 1.51 41.29 -5.29
C VAL B 47 1.89 41.16 -3.80
N SER B 48 0.94 41.34 -2.91
CA SER B 48 1.23 41.18 -1.47
C SER B 48 1.11 39.76 -0.98
N GLU B 49 0.18 39.00 -1.53
CA GLU B 49 -0.16 37.68 -1.02
C GLU B 49 -0.95 36.93 -2.06
N VAL B 50 -0.81 35.63 -2.08
CA VAL B 50 -1.64 34.68 -2.84
C VAL B 50 -2.41 33.77 -1.83
N ILE B 51 -3.69 33.69 -2.01
CA ILE B 51 -4.57 32.80 -1.23
C ILE B 51 -5.31 31.87 -2.20
N MET B 52 -5.05 30.56 -2.15
CA MET B 52 -5.75 29.64 -3.00
C MET B 52 -6.41 28.59 -2.20
N GLY B 53 -7.65 28.33 -2.57
CA GLY B 53 -8.27 27.16 -2.02
C GLY B 53 -7.86 25.90 -2.73
N GLN B 54 -7.68 24.83 -1.96
CA GLN B 54 -7.48 23.46 -2.51
C GLN B 54 -7.91 22.47 -1.46
N VAL B 55 -8.85 21.60 -1.78
CA VAL B 55 -9.41 20.72 -0.76
C VAL B 55 -8.61 19.40 -0.69
N LEU B 56 -8.23 18.89 -1.85
CA LEU B 56 -7.59 17.54 -1.90
C LEU B 56 -6.10 17.70 -2.06
N THR B 57 -5.40 17.52 -0.96
CA THR B 57 -3.98 17.85 -0.87
C THR B 57 -3.06 16.68 -0.48
N ALA B 58 -3.62 15.46 -0.53
CA ALA B 58 -2.85 14.24 -0.12
C ALA B 58 -1.67 14.01 -1.04
N GLY B 59 -0.46 14.19 -0.51
CA GLY B 59 0.77 14.07 -1.31
C GLY B 59 1.01 15.17 -2.33
N SER B 60 0.31 16.30 -2.23
CA SER B 60 0.54 17.42 -3.13
C SER B 60 1.81 18.20 -2.81
N GLY B 61 2.43 17.95 -1.66
CA GLY B 61 3.63 18.68 -1.27
C GLY B 61 3.33 19.87 -0.41
N GLN B 62 4.37 20.49 0.10
CA GLN B 62 4.25 21.64 1.00
C GLN B 62 3.47 22.80 0.41
N ASN B 63 2.33 23.19 1.07
CA ASN B 63 1.56 24.46 0.74
C ASN B 63 1.25 24.72 -0.76
N PRO B 64 0.19 24.07 -1.26
CA PRO B 64 -0.17 24.12 -2.64
C PRO B 64 -0.33 25.50 -3.18
N ALA B 65 -0.77 26.47 -2.38
CA ALA B 65 -0.88 27.85 -2.83
C ALA B 65 0.49 28.42 -3.19
N ARG B 66 1.46 28.16 -2.38
CA ARG B 66 2.83 28.64 -2.68
C ARG B 66 3.38 28.06 -3.97
N GLN B 67 3.15 26.77 -4.16
CA GLN B 67 3.51 26.05 -5.34
C GLN B 67 2.90 26.71 -6.57
N ALA B 68 1.61 27.04 -6.49
CA ALA B 68 0.96 27.73 -7.59
C ALA B 68 1.55 29.12 -7.84
N ALA B 69 1.76 29.89 -6.78
CA ALA B 69 2.37 31.19 -6.91
C ALA B 69 3.76 31.13 -7.58
N ILE B 70 4.60 30.23 -7.14
CA ILE B 70 5.96 30.14 -7.70
C ILE B 70 5.89 29.73 -9.19
N LYS B 71 5.04 28.74 -9.51
CA LYS B 71 4.84 28.27 -10.89
C LYS B 71 4.28 29.34 -11.78
N ALA B 72 3.52 30.26 -11.20
CA ALA B 72 3.02 31.37 -11.92
C ALA B 72 4.02 32.47 -12.26
N GLY B 73 5.20 32.47 -11.65
CA GLY B 73 6.16 33.51 -11.96
C GLY B 73 6.31 34.53 -10.86
N LEU B 74 5.71 34.26 -9.69
CA LEU B 74 5.80 35.20 -8.57
C LEU B 74 7.08 34.98 -7.80
N PRO B 75 7.76 36.08 -7.46
CA PRO B 75 9.06 35.91 -6.83
C PRO B 75 8.91 35.34 -5.40
N ALA B 76 10.01 34.80 -4.91
CA ALA B 76 10.05 34.22 -3.56
C ALA B 76 9.54 35.17 -2.45
N MET B 77 9.71 36.47 -2.62
CA MET B 77 9.21 37.44 -1.61
C MET B 77 7.69 37.46 -1.42
N VAL B 78 6.95 36.83 -2.32
CA VAL B 78 5.45 36.91 -2.24
C VAL B 78 4.93 35.71 -1.51
N PRO B 79 4.39 35.91 -0.29
CA PRO B 79 3.95 34.82 0.48
C PRO B 79 2.57 34.30 0.04
N ALA B 80 2.28 33.08 0.43
CA ALA B 80 1.04 32.41 -0.02
C ALA B 80 0.53 31.46 1.04
N MET B 81 -0.77 31.21 0.99
CA MET B 81 -1.47 30.32 1.95
C MET B 81 -2.61 29.54 1.23
N THR B 82 -2.73 28.28 1.60
CA THR B 82 -3.76 27.36 1.10
C THR B 82 -4.81 27.30 2.16
N ILE B 83 -6.05 27.31 1.73
CA ILE B 83 -7.20 27.21 2.63
C ILE B 83 -8.11 26.10 2.16
N ASN B 84 -8.88 25.59 3.11
CA ASN B 84 -9.84 24.56 2.85
C ASN B 84 -11.15 24.88 3.62
N LYS B 85 -12.12 25.39 2.90
CA LYS B 85 -13.55 25.50 3.35
C LYS B 85 -14.45 24.69 2.35
N VAL B 86 -13.97 23.50 2.00
CA VAL B 86 -14.57 22.56 0.98
C VAL B 86 -14.98 23.30 -0.30
N CYS B 87 -16.23 23.18 -0.76
CA CYS B 87 -16.60 23.96 -1.94
C CYS B 87 -16.60 25.48 -1.82
N GLY B 88 -16.60 25.98 -0.60
CA GLY B 88 -16.63 27.38 -0.39
C GLY B 88 -15.21 27.93 -0.60
N SER B 89 -14.18 27.08 -0.69
CA SER B 89 -12.74 27.55 -0.61
C SER B 89 -12.41 28.71 -1.51
N GLY B 90 -12.86 28.59 -2.77
CA GLY B 90 -12.44 29.52 -3.85
C GLY B 90 -12.99 30.89 -3.64
N LEU B 91 -14.21 30.95 -3.10
CA LEU B 91 -14.85 32.20 -2.83
C LEU B 91 -14.42 32.73 -1.43
N LYS B 92 -14.26 31.87 -0.43
CA LYS B 92 -13.74 32.30 0.86
C LYS B 92 -12.36 32.94 0.67
N ALA B 93 -11.57 32.40 -0.25
CA ALA B 93 -10.22 33.03 -0.56
C ALA B 93 -10.35 34.53 -0.89
N VAL B 94 -11.32 34.89 -1.74
CA VAL B 94 -11.59 36.27 -2.09
C VAL B 94 -12.05 37.10 -0.90
N MET B 95 -12.95 36.53 -0.09
CA MET B 95 -13.34 37.16 1.16
C MET B 95 -12.14 37.41 2.13
N LEU B 96 -11.27 36.45 2.29
CA LEU B 96 -10.08 36.66 3.13
C LEU B 96 -9.22 37.75 2.53
N ALA B 97 -9.16 37.83 1.19
CA ALA B 97 -8.41 38.86 0.50
C ALA B 97 -8.94 40.22 0.84
N ALA B 98 -10.28 40.34 0.76
CA ALA B 98 -10.99 41.56 1.11
C ALA B 98 -10.76 41.95 2.57
N ASN B 99 -10.83 41.02 3.50
CA ASN B 99 -10.62 41.37 4.90
C ASN B 99 -9.16 41.94 5.05
N ALA B 100 -8.23 41.30 4.39
CA ALA B 100 -6.81 41.71 4.48
C ALA B 100 -6.54 43.10 3.98
N ILE B 101 -7.22 43.49 2.86
CA ILE B 101 -7.03 44.79 2.27
C ILE B 101 -7.71 45.81 3.21
N MET B 102 -8.92 45.50 3.73
CA MET B 102 -9.65 46.45 4.54
C MET B 102 -8.97 46.67 5.86
N ALA B 103 -8.32 45.64 6.34
CA ALA B 103 -7.56 45.74 7.54
C ALA B 103 -6.18 46.41 7.31
N GLY B 104 -5.81 46.71 6.08
CA GLY B 104 -4.45 47.24 5.80
C GLY B 104 -3.28 46.27 5.88
N ASP B 105 -3.58 44.98 5.95
CA ASP B 105 -2.60 43.95 6.06
C ASP B 105 -1.95 43.71 4.71
N ALA B 106 -2.73 43.83 3.61
CA ALA B 106 -2.27 43.62 2.25
C ALA B 106 -2.77 44.73 1.30
N GLU B 107 -2.03 44.99 0.22
CA GLU B 107 -2.48 45.88 -0.86
C GLU B 107 -3.07 45.17 -2.09
N ILE B 108 -2.41 44.15 -2.63
CA ILE B 108 -2.81 43.48 -3.85
C ILE B 108 -2.72 42.00 -3.52
N VAL B 109 -3.84 41.30 -3.69
CA VAL B 109 -3.94 39.89 -3.35
C VAL B 109 -4.49 39.12 -4.55
N VAL B 110 -3.89 37.96 -4.88
CA VAL B 110 -4.47 37.03 -5.91
C VAL B 110 -5.15 35.93 -5.09
N ALA B 111 -6.43 35.76 -5.35
CA ALA B 111 -7.31 34.85 -4.60
C ALA B 111 -8.10 33.97 -5.54
N GLY B 112 -8.20 32.72 -5.16
CA GLY B 112 -9.03 31.79 -5.90
C GLY B 112 -8.89 30.39 -5.46
N GLY B 113 -9.02 29.47 -6.39
CA GLY B 113 -8.85 28.06 -6.05
C GLY B 113 -8.44 27.18 -7.21
N GLN B 114 -8.06 25.97 -6.84
CA GLN B 114 -7.53 25.00 -7.76
C GLN B 114 -7.86 23.63 -7.29
N GLU B 115 -8.20 22.74 -8.22
CA GLU B 115 -8.50 21.35 -7.83
C GLU B 115 -8.26 20.35 -8.96
N ASN B 116 -7.74 19.18 -8.62
CA ASN B 116 -7.61 18.13 -9.61
C ASN B 116 -8.19 16.93 -8.96
N MET B 117 -9.48 16.67 -9.22
CA MET B 117 -10.14 15.58 -8.55
C MET B 117 -9.68 14.24 -9.17
N SER B 118 -9.41 14.22 -10.47
CA SER B 118 -8.91 13.01 -11.14
C SER B 118 -7.67 12.38 -10.47
N ALA B 119 -6.77 13.20 -9.96
CA ALA B 119 -5.41 12.81 -9.51
C ALA B 119 -5.37 12.60 -7.97
N ALA B 120 -6.49 12.82 -7.30
CA ALA B 120 -6.56 12.53 -5.87
C ALA B 120 -6.27 11.05 -5.63
N PRO B 121 -5.30 10.75 -4.72
CA PRO B 121 -4.83 9.39 -4.52
C PRO B 121 -5.54 8.65 -3.38
N HIS B 122 -5.26 7.36 -3.30
CA HIS B 122 -5.58 6.57 -2.14
C HIS B 122 -4.55 6.72 -1.04
N VAL B 123 -4.99 6.64 0.18
CA VAL B 123 -4.05 6.58 1.29
C VAL B 123 -4.29 5.38 2.17
N LEU B 124 -3.27 5.07 2.94
CA LEU B 124 -3.23 3.91 3.80
C LEU B 124 -3.25 4.32 5.28
N PRO B 125 -4.45 4.46 5.90
CA PRO B 125 -4.41 4.85 7.27
C PRO B 125 -3.74 3.80 8.14
N GLY B 126 -2.95 4.24 9.11
CA GLY B 126 -2.25 3.34 10.04
C GLY B 126 -0.94 2.75 9.53
N SER B 127 -0.48 3.20 8.37
CA SER B 127 0.72 2.63 7.77
C SER B 127 1.93 2.78 8.67
N ARG B 128 1.93 3.85 9.46
CA ARG B 128 2.99 4.16 10.37
C ARG B 128 3.17 3.06 11.43
N ASP B 129 2.08 2.57 12.01
CA ASP B 129 2.12 1.55 13.06
C ASP B 129 2.26 0.10 12.55
N GLY B 130 1.73 -0.16 11.37
CA GLY B 130 1.78 -1.49 10.76
C GLY B 130 0.49 -2.23 10.98
N PHE B 131 0.37 -3.36 10.28
CA PHE B 131 -0.88 -4.11 10.26
C PHE B 131 -0.56 -5.51 10.80
N ARG B 132 -0.69 -5.69 12.12
CA ARG B 132 -0.04 -6.83 12.78
C ARG B 132 -0.62 -8.18 12.29
N MET B 133 -1.90 -8.18 11.98
CA MET B 133 -2.56 -9.34 11.41
C MET B 133 -3.85 -8.82 10.83
N GLY B 134 -4.11 -9.19 9.58
CA GLY B 134 -5.35 -8.89 8.95
C GLY B 134 -5.21 -7.90 7.83
N ASP B 135 -6.31 -7.78 7.14
CA ASP B 135 -6.33 -6.99 5.95
C ASP B 135 -6.31 -5.49 6.34
N ALA B 136 -5.94 -4.64 5.40
CA ALA B 136 -5.91 -3.20 5.63
C ALA B 136 -6.62 -2.55 4.46
N LYS B 137 -7.13 -1.35 4.70
CA LYS B 137 -7.96 -0.60 3.75
C LYS B 137 -7.11 0.53 3.14
N LEU B 138 -7.07 0.62 1.80
CA LEU B 138 -6.75 1.88 1.12
C LEU B 138 -8.05 2.65 0.96
N VAL B 139 -8.02 3.91 1.38
CA VAL B 139 -9.16 4.80 1.34
C VAL B 139 -8.93 5.83 0.23
N ASP B 140 -10.01 6.12 -0.49
CA ASP B 140 -10.02 7.09 -1.57
C ASP B 140 -10.07 8.55 -1.02
N THR B 141 -8.99 9.33 -1.22
CA THR B 141 -9.04 10.64 -0.56
C THR B 141 -10.05 11.58 -1.14
N MET B 142 -10.41 11.37 -2.40
CA MET B 142 -11.40 12.24 -3.06
C MET B 142 -12.74 12.06 -2.37
N ILE B 143 -13.10 10.83 -2.02
CA ILE B 143 -14.37 10.64 -1.34
C ILE B 143 -14.34 11.13 0.10
N VAL B 144 -13.42 10.61 0.90
CA VAL B 144 -13.31 10.95 2.33
C VAL B 144 -13.11 12.46 2.63
N ASP B 145 -12.20 13.12 1.93
CA ASP B 145 -11.81 14.51 2.21
C ASP B 145 -12.70 15.53 1.41
N GLY B 146 -13.32 15.06 0.32
CA GLY B 146 -14.03 15.84 -0.65
C GLY B 146 -15.56 15.69 -0.56
N LEU B 147 -16.07 14.47 -0.34
CA LEU B 147 -17.52 14.20 -0.59
C LEU B 147 -18.33 13.46 0.45
N TRP B 148 -17.75 13.28 1.62
CA TRP B 148 -18.30 12.43 2.63
C TRP B 148 -18.52 13.25 3.86
N ASP B 149 -19.73 13.19 4.40
CA ASP B 149 -20.02 13.94 5.58
C ASP B 149 -19.46 13.23 6.80
N VAL B 150 -18.78 13.99 7.62
CA VAL B 150 -18.06 13.44 8.74
C VAL B 150 -19.09 13.00 9.79
N TYR B 151 -20.05 13.87 10.06
CA TYR B 151 -20.90 13.79 11.27
C TYR B 151 -21.97 12.72 11.09
N ASN B 152 -22.37 12.51 9.85
CA ASN B 152 -23.48 11.62 9.50
C ASN B 152 -22.99 10.40 8.75
N GLN B 153 -21.72 10.44 8.27
CA GLN B 153 -21.10 9.30 7.57
C GLN B 153 -21.92 8.84 6.38
N TYR B 154 -22.21 9.79 5.51
CA TYR B 154 -22.69 9.47 4.17
C TYR B 154 -22.26 10.49 3.16
N HIS B 155 -22.44 10.14 1.89
CA HIS B 155 -22.19 10.98 0.73
C HIS B 155 -22.93 12.29 0.72
N MET B 156 -22.27 13.32 0.18
CA MET B 156 -22.97 14.63 -0.09
C MET B 156 -24.34 14.48 -0.80
N GLY B 157 -24.48 13.44 -1.65
CA GLY B 157 -25.72 13.16 -2.39
C GLY B 157 -26.91 12.83 -1.49
N ILE B 158 -26.66 12.23 -0.34
CA ILE B 158 -27.74 12.03 0.67
C ILE B 158 -28.18 13.38 1.28
N THR B 159 -27.26 14.35 1.42
CA THR B 159 -27.69 15.64 2.00
C THR B 159 -28.61 16.29 0.98
N ALA B 160 -28.28 16.06 -0.29
CA ALA B 160 -29.11 16.54 -1.35
C ALA B 160 -30.53 15.90 -1.35
N GLU B 161 -30.60 14.60 -1.10
CA GLU B 161 -31.90 13.91 -0.90
C GLU B 161 -32.60 14.49 0.32
N ASN B 162 -31.88 14.78 1.41
CA ASN B 162 -32.51 15.36 2.60
C ASN B 162 -33.14 16.69 2.22
N VAL B 163 -32.44 17.50 1.43
CA VAL B 163 -32.96 18.78 1.05
C VAL B 163 -34.17 18.61 0.10
N ALA B 164 -34.14 17.64 -0.81
CA ALA B 164 -35.26 17.46 -1.70
C ALA B 164 -36.52 17.07 -0.91
N LYS B 165 -36.34 16.26 0.12
CA LYS B 165 -37.48 15.83 0.96
C LYS B 165 -38.05 17.00 1.73
N GLU B 166 -37.17 17.73 2.39
CA GLU B 166 -37.54 18.83 3.25
C GLU B 166 -38.23 19.94 2.47
N TYR B 167 -37.73 20.27 1.26
CA TYR B 167 -38.27 21.41 0.50
C TYR B 167 -39.26 21.03 -0.61
N GLY B 168 -39.56 19.74 -0.73
CA GLY B 168 -40.42 19.21 -1.82
C GLY B 168 -39.95 19.40 -3.22
N ILE B 169 -38.65 19.19 -3.47
CA ILE B 169 -38.11 19.32 -4.81
C ILE B 169 -38.20 17.95 -5.49
N THR B 170 -38.97 17.86 -6.54
CA THR B 170 -39.27 16.59 -7.16
C THR B 170 -38.19 16.19 -8.17
N ARG B 171 -38.16 14.90 -8.48
CA ARG B 171 -37.34 14.36 -9.55
C ARG B 171 -37.54 15.11 -10.88
N GLU B 172 -38.78 15.27 -11.31
CA GLU B 172 -39.03 16.05 -12.58
C GLU B 172 -38.58 17.50 -12.55
N ALA B 173 -38.70 18.17 -11.40
CA ALA B 173 -38.20 19.54 -11.30
C ALA B 173 -36.65 19.49 -11.36
N GLN B 174 -36.04 18.51 -10.72
CA GLN B 174 -34.54 18.44 -10.77
C GLN B 174 -34.02 18.24 -12.17
N ASP B 175 -34.69 17.33 -12.90
CA ASP B 175 -34.34 17.06 -14.31
C ASP B 175 -34.54 18.23 -15.28
N GLU B 176 -35.66 18.92 -15.10
CA GLU B 176 -35.95 20.13 -15.84
C GLU B 176 -34.90 21.19 -15.55
N PHE B 177 -34.57 21.34 -14.28
CA PHE B 177 -33.50 22.23 -13.90
C PHE B 177 -32.18 21.84 -14.56
N ALA B 178 -31.83 20.56 -14.55
CA ALA B 178 -30.56 20.10 -15.16
C ALA B 178 -30.46 20.35 -16.70
N VAL B 179 -31.57 20.09 -17.37
CA VAL B 179 -31.67 20.33 -18.79
C VAL B 179 -31.52 21.76 -19.12
N GLY B 180 -32.12 22.62 -18.29
CA GLY B 180 -31.99 24.08 -18.45
C GLY B 180 -30.49 24.43 -18.36
N SER B 181 -29.81 23.91 -17.36
CA SER B 181 -28.35 24.23 -17.16
C SER B 181 -27.52 23.84 -18.35
N GLN B 182 -27.72 22.62 -18.84
CA GLN B 182 -27.06 22.14 -20.06
C GLN B 182 -27.35 23.01 -21.25
N ASN B 183 -28.63 23.30 -21.48
CA ASN B 183 -29.02 24.10 -22.66
C ASN B 183 -28.50 25.51 -22.58
N LYS B 184 -28.46 26.10 -21.37
CA LYS B 184 -27.85 27.41 -21.27
C LYS B 184 -26.34 27.36 -21.52
N ALA B 185 -25.64 26.37 -21.00
CA ALA B 185 -24.19 26.28 -21.23
C ALA B 185 -23.89 26.08 -22.72
N GLU B 186 -24.75 25.28 -23.35
CA GLU B 186 -24.66 25.02 -24.78
C GLU B 186 -24.76 26.31 -25.56
N ALA B 187 -25.83 27.05 -25.32
CA ALA B 187 -26.01 28.36 -25.99
C ALA B 187 -24.77 29.23 -25.80
N ALA B 188 -24.28 29.31 -24.55
CA ALA B 188 -23.11 30.12 -24.24
C ALA B 188 -21.82 29.65 -24.96
N GLN B 189 -21.64 28.35 -25.08
CA GLN B 189 -20.52 27.83 -25.81
C GLN B 189 -20.65 28.22 -27.27
N LYS B 190 -21.84 28.05 -27.82
CA LYS B 190 -22.06 28.36 -29.25
C LYS B 190 -21.88 29.86 -29.55
N ALA B 191 -22.17 30.71 -28.57
CA ALA B 191 -22.11 32.14 -28.74
C ALA B 191 -20.75 32.74 -28.38
N GLY B 192 -19.81 31.91 -27.97
CA GLY B 192 -18.51 32.41 -27.54
C GLY B 192 -18.47 33.15 -26.21
N LYS B 193 -19.50 33.00 -25.35
CA LYS B 193 -19.55 33.71 -24.09
C LYS B 193 -18.41 33.41 -23.11
N PHE B 194 -17.82 32.23 -23.15
CA PHE B 194 -16.67 31.89 -22.27
C PHE B 194 -15.30 32.26 -22.88
N ASP B 195 -15.28 32.76 -24.09
CA ASP B 195 -14.02 32.99 -24.79
C ASP B 195 -13.12 33.96 -24.02
N GLU B 196 -13.64 35.08 -23.54
CA GLU B 196 -12.82 36.04 -22.79
C GLU B 196 -12.28 35.54 -21.44
N GLU B 197 -13.14 34.81 -20.71
CA GLU B 197 -12.86 34.27 -19.37
C GLU B 197 -11.80 33.25 -19.32
N ILE B 198 -11.90 32.33 -20.26
CA ILE B 198 -11.13 31.12 -20.23
C ILE B 198 -9.68 31.40 -20.66
N VAL B 199 -8.75 30.90 -19.86
CA VAL B 199 -7.29 30.79 -20.23
C VAL B 199 -6.94 29.36 -20.65
N PRO B 200 -6.39 29.20 -21.85
CA PRO B 200 -6.00 27.84 -22.24
C PRO B 200 -4.93 27.18 -21.32
N VAL B 201 -5.00 25.87 -21.19
CA VAL B 201 -4.00 25.03 -20.58
C VAL B 201 -3.42 24.16 -21.69
N LEU B 202 -2.10 24.26 -21.88
CA LEU B 202 -1.40 23.46 -22.88
C LEU B 202 -1.14 22.02 -22.39
N ILE B 203 -1.67 21.04 -23.09
CA ILE B 203 -1.62 19.65 -22.65
C ILE B 203 -0.54 18.90 -23.46
N PRO B 204 0.53 18.42 -22.80
CA PRO B 204 1.54 17.69 -23.61
C PRO B 204 0.98 16.43 -24.27
N GLN B 205 1.47 16.13 -25.47
CA GLN B 205 1.05 14.95 -26.24
C GLN B 205 2.22 13.96 -26.37
N ARG B 206 1.88 12.70 -26.61
CA ARG B 206 2.89 11.69 -26.93
C ARG B 206 3.87 12.32 -27.95
N LYS B 207 3.38 12.69 -29.13
CA LYS B 207 4.19 13.53 -30.03
C LYS B 207 3.38 14.63 -30.70
N GLY B 208 4.11 15.59 -31.26
CA GLY B 208 3.55 16.84 -31.76
C GLY B 208 3.58 17.92 -30.68
N ASP B 209 3.10 19.09 -31.06
CA ASP B 209 2.95 20.24 -30.19
C ASP B 209 2.09 19.86 -28.99
N PRO B 210 2.08 20.72 -27.98
CA PRO B 210 0.99 20.62 -27.02
C PRO B 210 -0.35 21.07 -27.66
N VAL B 211 -1.46 20.54 -27.16
CA VAL B 211 -2.83 20.92 -27.57
C VAL B 211 -3.41 21.90 -26.52
N ALA B 212 -4.02 22.99 -26.96
CA ALA B 212 -4.56 23.96 -26.06
C ALA B 212 -5.91 23.39 -25.61
N PHE B 213 -6.11 23.24 -24.31
CA PHE B 213 -7.46 22.87 -23.77
C PHE B 213 -8.15 24.13 -23.30
N LYS B 214 -9.26 24.48 -23.97
CA LYS B 214 -9.94 25.74 -23.69
C LYS B 214 -11.47 25.68 -23.84
N THR B 215 -12.04 24.51 -23.71
CA THR B 215 -13.51 24.42 -23.75
C THR B 215 -13.97 23.55 -22.63
N ASP B 216 -15.13 23.90 -22.08
CA ASP B 216 -15.70 23.14 -20.99
C ASP B 216 -16.30 21.81 -21.48
N GLU B 217 -15.47 20.79 -21.41
CA GLU B 217 -15.74 19.48 -22.04
C GLU B 217 -16.80 18.63 -21.35
N PHE B 218 -17.21 19.00 -20.15
CA PHE B 218 -18.25 18.31 -19.38
C PHE B 218 -19.63 18.66 -19.92
N VAL B 219 -19.76 19.77 -20.66
CA VAL B 219 -21.06 20.26 -21.10
C VAL B 219 -21.70 19.30 -22.11
N ARG B 220 -22.98 18.97 -21.92
CA ARG B 220 -23.60 18.08 -22.83
C ARG B 220 -24.51 18.88 -23.76
N GLN B 221 -24.14 18.94 -25.02
CA GLN B 221 -24.97 19.61 -26.04
C GLN B 221 -26.15 18.75 -26.45
N GLY B 222 -27.25 19.39 -26.79
CA GLY B 222 -28.46 18.66 -27.19
C GLY B 222 -29.18 17.91 -26.09
N ALA B 223 -29.03 18.38 -24.84
CA ALA B 223 -29.61 17.66 -23.72
C ALA B 223 -31.14 17.85 -23.72
N THR B 224 -31.89 16.81 -23.33
CA THR B 224 -33.35 16.87 -23.29
C THR B 224 -33.86 16.15 -22.10
N LEU B 225 -35.09 16.45 -21.75
CA LEU B 225 -35.66 15.80 -20.58
C LEU B 225 -35.68 14.27 -20.72
N ASP B 226 -36.01 13.75 -21.89
CA ASP B 226 -36.10 12.27 -22.09
C ASP B 226 -34.77 11.59 -21.89
N SER B 227 -33.67 12.33 -21.99
CA SER B 227 -32.34 11.77 -21.80
C SER B 227 -31.98 11.60 -20.32
N MET B 228 -32.81 12.20 -19.45
CA MET B 228 -32.54 12.26 -18.06
C MET B 228 -33.55 11.54 -17.21
N SER B 229 -34.77 11.36 -17.70
CA SER B 229 -35.89 11.03 -16.83
C SER B 229 -35.94 9.54 -16.58
N GLY B 230 -35.21 8.75 -17.36
CA GLY B 230 -35.11 7.29 -17.14
C GLY B 230 -33.97 6.82 -16.26
N LEU B 231 -33.02 7.71 -15.92
CA LEU B 231 -31.88 7.29 -15.12
C LEU B 231 -32.33 6.81 -13.76
N LYS B 232 -31.51 5.96 -13.16
CA LYS B 232 -31.76 5.48 -11.84
C LYS B 232 -31.01 6.38 -10.85
N PRO B 233 -31.59 6.55 -9.67
CA PRO B 233 -31.00 7.36 -8.63
C PRO B 233 -29.63 6.85 -8.28
N ALA B 234 -28.73 7.75 -7.93
CA ALA B 234 -27.32 7.39 -7.70
C ALA B 234 -26.95 7.04 -6.26
N PHE B 235 -27.73 7.49 -5.30
CA PHE B 235 -27.28 7.49 -3.91
C PHE B 235 -28.26 6.77 -3.03
N ASP B 236 -29.52 6.73 -3.44
CA ASP B 236 -30.57 6.04 -2.67
C ASP B 236 -31.62 5.50 -3.67
N LYS B 237 -31.84 4.19 -3.65
CA LYS B 237 -32.74 3.56 -4.59
C LYS B 237 -34.15 4.13 -4.61
N ALA B 238 -34.57 4.85 -3.57
CA ALA B 238 -35.90 5.45 -3.54
C ALA B 238 -35.81 6.96 -3.72
N GLY B 239 -34.67 7.42 -4.19
CA GLY B 239 -34.39 8.84 -4.19
C GLY B 239 -34.62 9.50 -5.53
N THR B 240 -34.09 10.73 -5.65
CA THR B 240 -34.39 11.65 -6.72
C THR B 240 -33.13 12.15 -7.41
N VAL B 241 -32.01 12.05 -6.76
CA VAL B 241 -30.74 12.55 -7.33
C VAL B 241 -30.07 11.52 -8.25
N THR B 242 -29.70 11.92 -9.46
CA THR B 242 -29.02 11.07 -10.44
C THR B 242 -27.69 11.71 -10.83
N ALA B 243 -26.92 11.03 -11.64
CA ALA B 243 -25.69 11.62 -12.16
C ALA B 243 -26.05 12.71 -13.19
N ALA B 244 -27.26 12.72 -13.75
CA ALA B 244 -27.60 13.77 -14.70
C ALA B 244 -28.10 15.10 -14.04
N ASN B 245 -28.60 15.04 -12.82
CA ASN B 245 -29.14 16.22 -12.14
C ASN B 245 -28.27 16.61 -10.92
N ALA B 246 -27.04 16.12 -10.96
CA ALA B 246 -26.00 16.58 -10.04
C ALA B 246 -24.76 16.96 -10.85
N SER B 247 -23.82 17.69 -10.27
CA SER B 247 -22.56 17.95 -11.02
C SER B 247 -21.66 16.76 -10.99
N GLY B 248 -20.46 16.91 -11.57
CA GLY B 248 -19.60 15.81 -11.68
C GLY B 248 -18.41 15.96 -10.78
N LEU B 249 -17.42 15.12 -11.05
CA LEU B 249 -16.11 15.21 -10.36
C LEU B 249 -15.19 15.83 -11.43
N ASN B 250 -14.59 16.97 -11.13
CA ASN B 250 -13.95 17.77 -12.15
C ASN B 250 -12.65 18.42 -11.72
N ASP B 251 -11.94 18.88 -12.74
CA ASP B 251 -10.63 19.50 -12.59
C ASP B 251 -10.64 20.93 -13.09
N GLY B 252 -10.01 21.85 -12.36
CA GLY B 252 -9.85 23.18 -12.85
C GLY B 252 -9.38 24.18 -11.84
N ALA B 253 -9.26 25.42 -12.28
CA ALA B 253 -8.83 26.51 -11.39
C ALA B 253 -9.45 27.82 -11.80
N ALA B 254 -9.43 28.77 -10.86
CA ALA B 254 -9.89 30.15 -11.10
C ALA B 254 -9.20 31.12 -10.16
N ALA B 255 -9.07 32.36 -10.60
CA ALA B 255 -8.49 33.44 -9.79
C ALA B 255 -8.93 34.83 -10.16
N VAL B 256 -8.94 35.69 -9.16
CA VAL B 256 -9.17 37.11 -9.35
C VAL B 256 -8.04 37.91 -8.71
N VAL B 257 -7.83 39.13 -9.21
CA VAL B 257 -6.92 40.07 -8.54
C VAL B 257 -7.68 41.14 -7.81
N VAL B 258 -7.41 41.27 -6.51
CA VAL B 258 -8.15 42.14 -5.60
C VAL B 258 -7.18 43.19 -5.07
N MET B 259 -7.67 44.44 -4.93
CA MET B 259 -6.91 45.56 -4.30
C MET B 259 -7.85 46.61 -3.82
N SER B 260 -7.34 47.55 -3.03
CA SER B 260 -8.12 48.72 -2.66
C SER B 260 -8.46 49.53 -3.88
N ALA B 261 -9.64 50.16 -3.87
CA ALA B 261 -9.93 51.17 -4.99
C ALA B 261 -8.83 52.27 -5.11
N ALA B 262 -8.26 52.70 -3.98
CA ALA B 262 -7.16 53.65 -3.98
C ALA B 262 -5.93 53.16 -4.73
N LYS B 263 -5.58 51.90 -4.51
CA LYS B 263 -4.41 51.31 -5.18
C LYS B 263 -4.66 51.18 -6.69
N ALA B 264 -5.87 50.74 -7.04
CA ALA B 264 -6.28 50.69 -8.44
C ALA B 264 -6.15 52.08 -9.12
N LYS B 265 -6.60 53.13 -8.42
CA LYS B 265 -6.54 54.49 -8.97
C LYS B 265 -5.07 54.89 -9.18
N GLU B 266 -4.23 54.65 -8.19
CA GLU B 266 -2.78 54.95 -8.29
C GLU B 266 -2.11 54.29 -9.50
N LEU B 267 -2.56 53.06 -9.80
CA LEU B 267 -1.98 52.25 -10.89
C LEU B 267 -2.65 52.50 -12.23
N GLY B 268 -3.70 53.33 -12.24
CA GLY B 268 -4.49 53.61 -13.43
C GLY B 268 -5.32 52.49 -14.01
N LEU B 269 -5.68 51.53 -13.17
CA LEU B 269 -6.50 50.39 -13.58
C LEU B 269 -7.97 50.65 -13.35
N THR B 270 -8.80 50.19 -14.28
CA THR B 270 -10.26 50.28 -14.11
C THR B 270 -10.76 48.97 -13.61
N PRO B 271 -11.35 48.93 -12.40
CA PRO B 271 -11.85 47.67 -11.88
C PRO B 271 -12.99 47.04 -12.68
N LEU B 272 -13.13 45.73 -12.54
CA LEU B 272 -14.25 45.01 -13.09
C LEU B 272 -15.51 45.27 -12.26
N ALA B 273 -15.33 45.31 -10.95
CA ALA B 273 -16.36 45.55 -9.97
C ALA B 273 -15.82 45.92 -8.62
N THR B 274 -16.69 46.44 -7.78
CA THR B 274 -16.39 46.66 -6.38
C THR B 274 -17.02 45.57 -5.57
N ILE B 275 -16.27 45.03 -4.60
CA ILE B 275 -16.81 44.15 -3.65
C ILE B 275 -17.77 44.96 -2.79
N LYS B 276 -19.04 44.59 -2.80
CA LYS B 276 -20.05 45.27 -1.99
C LYS B 276 -20.21 44.74 -0.56
N SER B 277 -20.26 43.41 -0.41
CA SER B 277 -20.43 42.76 0.83
C SER B 277 -20.13 41.30 0.65
N TYR B 278 -19.99 40.63 1.77
CA TYR B 278 -19.89 39.18 1.78
C TYR B 278 -20.21 38.62 3.15
N ALA B 279 -20.48 37.32 3.21
CA ALA B 279 -20.90 36.65 4.44
C ALA B 279 -20.71 35.16 4.35
N ASN B 280 -20.48 34.52 5.53
CA ASN B 280 -20.55 33.11 5.66
C ASN B 280 -21.81 32.78 6.52
N ALA B 281 -22.05 31.51 6.70
CA ALA B 281 -23.16 31.03 7.55
C ALA B 281 -22.96 29.56 7.77
N GLY B 282 -23.48 29.00 8.88
CA GLY B 282 -23.47 27.58 9.13
C GLY B 282 -24.92 27.06 9.25
N VAL B 283 -25.15 25.85 8.77
CA VAL B 283 -26.47 25.18 8.86
C VAL B 283 -26.18 23.73 9.33
N ASP B 284 -27.23 22.97 9.62
CA ASP B 284 -27.06 21.56 9.89
C ASP B 284 -26.37 20.82 8.73
N PRO B 285 -25.33 19.98 9.01
CA PRO B 285 -24.61 19.17 8.02
C PRO B 285 -25.52 18.37 7.13
N LYS B 286 -26.64 17.91 7.70
CA LYS B 286 -27.64 17.15 6.99
C LYS B 286 -28.26 17.81 5.80
N VAL B 287 -28.40 19.13 5.89
CA VAL B 287 -29.01 19.92 4.86
C VAL B 287 -28.00 21.02 4.39
N MET B 288 -26.75 20.60 4.13
CA MET B 288 -25.67 21.55 3.80
C MET B 288 -25.95 22.36 2.54
N GLY B 289 -26.65 21.72 1.60
CA GLY B 289 -27.19 22.37 0.42
C GLY B 289 -27.89 23.70 0.57
N MET B 290 -28.42 23.97 1.77
CA MET B 290 -29.17 25.20 2.02
C MET B 290 -28.27 26.35 2.52
N GLY B 291 -26.95 26.11 2.61
CA GLY B 291 -26.07 27.14 3.13
C GLY B 291 -26.19 28.50 2.44
N PRO B 292 -26.40 28.53 1.11
CA PRO B 292 -26.48 29.81 0.42
C PRO B 292 -27.62 30.65 0.90
N VAL B 293 -28.66 30.06 1.49
CA VAL B 293 -29.76 30.93 1.89
C VAL B 293 -29.37 31.90 3.03
N PRO B 294 -28.97 31.40 4.22
CA PRO B 294 -28.62 32.39 5.24
C PRO B 294 -27.32 33.15 4.85
N ALA B 295 -26.43 32.56 4.08
CA ALA B 295 -25.24 33.37 3.62
C ALA B 295 -25.61 34.53 2.70
N SER B 296 -26.46 34.28 1.71
CA SER B 296 -26.88 35.32 0.78
C SER B 296 -27.75 36.32 1.48
N LYS B 297 -28.63 35.89 2.37
CA LYS B 297 -29.39 36.84 3.17
C LYS B 297 -28.54 37.83 3.99
N ARG B 298 -27.50 37.32 4.66
CA ARG B 298 -26.57 38.11 5.44
C ARG B 298 -25.80 39.02 4.48
N ALA B 299 -25.34 38.51 3.36
CA ALA B 299 -24.54 39.35 2.41
C ALA B 299 -25.41 40.49 1.86
N LEU B 300 -26.66 40.18 1.59
CA LEU B 300 -27.61 41.19 1.13
C LEU B 300 -27.95 42.21 2.19
N SER B 301 -28.14 41.74 3.41
CA SER B 301 -28.36 42.61 4.54
C SER B 301 -27.20 43.58 4.73
N ARG B 302 -25.97 43.08 4.58
CA ARG B 302 -24.78 43.97 4.68
C ARG B 302 -24.65 44.91 3.52
N ALA B 303 -25.09 44.53 2.33
CA ALA B 303 -25.11 45.44 1.21
C ALA B 303 -26.26 46.46 1.22
N GLU B 304 -27.25 46.22 2.07
CA GLU B 304 -28.52 47.00 2.09
C GLU B 304 -29.24 46.80 0.78
N TRP B 305 -29.31 45.56 0.30
CA TRP B 305 -29.98 45.23 -0.98
C TRP B 305 -31.06 44.19 -0.68
N THR B 306 -32.08 44.12 -1.51
CA THR B 306 -33.07 43.05 -1.38
C THR B 306 -32.70 42.06 -2.46
N PRO B 307 -33.21 40.83 -2.41
CA PRO B 307 -33.03 39.89 -3.52
C PRO B 307 -33.53 40.40 -4.86
N GLN B 308 -34.54 41.29 -4.84
CA GLN B 308 -35.07 41.90 -6.05
C GLN B 308 -34.13 42.94 -6.68
N ASP B 309 -33.22 43.52 -5.90
CA ASP B 309 -32.22 44.47 -6.40
C ASP B 309 -31.23 43.83 -7.34
N LEU B 310 -31.04 42.53 -7.22
CA LEU B 310 -29.94 41.86 -7.97
C LEU B 310 -30.26 41.80 -9.46
N ASP B 311 -29.24 42.01 -10.30
CA ASP B 311 -29.34 41.97 -11.73
C ASP B 311 -28.89 40.63 -12.32
N LEU B 312 -27.98 39.91 -11.64
CA LEU B 312 -27.41 38.68 -12.08
C LEU B 312 -26.90 37.92 -10.88
N MET B 313 -27.01 36.61 -10.94
CA MET B 313 -26.50 35.76 -9.84
C MET B 313 -25.87 34.53 -10.36
N GLU B 314 -24.87 34.05 -9.61
CA GLU B 314 -24.33 32.74 -9.84
C GLU B 314 -24.48 32.00 -8.54
N ILE B 315 -25.24 30.93 -8.58
CA ILE B 315 -25.40 30.06 -7.42
C ILE B 315 -24.94 28.68 -7.82
N ASN B 316 -23.95 28.12 -7.11
CA ASN B 316 -23.35 26.89 -7.55
C ASN B 316 -24.38 25.80 -7.54
N GLU B 317 -24.37 24.97 -8.57
CA GLU B 317 -25.32 23.86 -8.71
C GLU B 317 -24.62 22.55 -8.38
N ALA B 318 -24.30 22.28 -7.13
CA ALA B 318 -23.76 20.98 -6.74
C ALA B 318 -24.76 19.85 -7.08
N PHE B 319 -26.00 20.11 -6.69
CA PHE B 319 -27.13 19.21 -6.97
C PHE B 319 -28.33 20.08 -7.36
N ALA B 320 -29.01 19.73 -8.42
CA ALA B 320 -30.27 20.44 -8.75
C ALA B 320 -31.21 20.54 -7.53
N ALA B 321 -31.22 19.50 -6.72
CA ALA B 321 -32.15 19.48 -5.57
C ALA B 321 -31.85 20.68 -4.68
N GLN B 322 -30.57 20.92 -4.36
CA GLN B 322 -30.28 22.03 -3.49
C GLN B 322 -30.43 23.36 -4.19
N ALA B 323 -29.94 23.52 -5.45
CA ALA B 323 -30.10 24.75 -6.15
C ALA B 323 -31.60 25.20 -6.20
N LEU B 324 -32.47 24.27 -6.51
CA LEU B 324 -33.91 24.57 -6.53
C LEU B 324 -34.46 25.01 -5.17
N ALA B 325 -34.01 24.39 -4.08
CA ALA B 325 -34.54 24.76 -2.72
C ALA B 325 -34.04 26.12 -2.33
N VAL B 326 -32.79 26.45 -2.73
CA VAL B 326 -32.29 27.77 -2.56
C VAL B 326 -33.13 28.85 -3.26
N HIS B 327 -33.42 28.64 -4.54
CA HIS B 327 -34.22 29.58 -5.25
C HIS B 327 -35.61 29.71 -4.64
N GLN B 328 -36.17 28.59 -4.25
CA GLN B 328 -37.47 28.60 -3.58
C GLN B 328 -37.40 29.44 -2.32
N GLN B 329 -36.34 29.32 -1.51
CA GLN B 329 -36.28 30.07 -0.28
C GLN B 329 -35.93 31.55 -0.46
N MET B 330 -35.15 31.89 -1.51
CA MET B 330 -34.71 33.25 -1.66
C MET B 330 -35.78 34.06 -2.35
N GLY B 331 -36.59 33.42 -3.21
CA GLY B 331 -37.65 34.14 -3.94
C GLY B 331 -37.18 34.99 -5.09
N TRP B 332 -35.94 34.83 -5.54
CA TRP B 332 -35.44 35.78 -6.51
C TRP B 332 -35.79 35.29 -7.90
N ASP B 333 -35.55 36.13 -8.89
CA ASP B 333 -35.89 35.85 -10.29
C ASP B 333 -34.86 34.88 -10.91
N THR B 334 -35.30 33.66 -11.10
CA THR B 334 -34.41 32.61 -11.60
C THR B 334 -33.97 32.77 -13.03
N SER B 335 -34.56 33.68 -13.82
CA SER B 335 -34.07 33.92 -15.16
C SER B 335 -32.77 34.78 -15.14
N LYS B 336 -32.44 35.31 -13.97
CA LYS B 336 -31.18 36.06 -13.74
C LYS B 336 -30.06 35.23 -13.12
N VAL B 337 -30.31 33.94 -12.91
CA VAL B 337 -29.36 33.07 -12.25
C VAL B 337 -28.67 32.09 -13.20
N ASN B 338 -27.36 31.97 -13.09
CA ASN B 338 -26.61 31.00 -13.91
C ASN B 338 -27.00 31.09 -15.40
N VAL B 339 -26.97 32.30 -15.92
CA VAL B 339 -27.50 32.56 -17.30
C VAL B 339 -26.74 31.89 -18.43
N ASN B 340 -25.50 31.51 -18.13
CA ASN B 340 -24.68 30.75 -19.06
C ASN B 340 -24.52 29.32 -18.65
N GLY B 341 -25.42 28.83 -17.79
CA GLY B 341 -25.30 27.51 -17.29
C GLY B 341 -24.60 27.47 -15.94
N GLY B 342 -24.74 26.34 -15.27
CA GLY B 342 -24.10 26.09 -13.96
C GLY B 342 -23.33 24.80 -13.87
N ALA B 343 -22.90 24.43 -12.65
CA ALA B 343 -22.04 23.31 -12.45
C ALA B 343 -22.55 21.98 -13.02
N ILE B 344 -23.87 21.77 -13.03
CA ILE B 344 -24.37 20.55 -13.54
C ILE B 344 -23.79 20.31 -14.95
N ALA B 345 -23.69 21.38 -15.76
CA ALA B 345 -23.20 21.29 -17.10
C ALA B 345 -21.69 21.47 -17.16
N ILE B 346 -21.20 22.48 -16.45
CA ILE B 346 -19.78 22.96 -16.57
C ILE B 346 -18.82 22.09 -15.76
N GLY B 347 -19.35 21.56 -14.67
CA GLY B 347 -18.61 20.79 -13.71
C GLY B 347 -18.28 21.52 -12.42
N HIS B 348 -17.78 20.78 -11.45
CA HIS B 348 -17.58 21.27 -10.10
C HIS B 348 -16.19 20.83 -9.55
N PRO B 349 -15.11 21.48 -9.98
CA PRO B 349 -13.86 21.21 -9.23
C PRO B 349 -13.86 21.86 -7.85
N ILE B 350 -13.97 21.06 -6.82
CA ILE B 350 -14.43 21.52 -5.55
C ILE B 350 -13.73 22.76 -4.97
N GLY B 351 -12.41 22.79 -4.92
CA GLY B 351 -11.76 23.97 -4.35
C GLY B 351 -11.76 25.20 -5.20
N ALA B 352 -12.00 25.01 -6.49
CA ALA B 352 -11.97 26.09 -7.47
C ALA B 352 -13.36 26.68 -7.70
N SER B 353 -14.42 25.91 -7.53
CA SER B 353 -15.78 26.41 -7.89
C SER B 353 -16.22 27.76 -7.44
N GLY B 354 -15.88 28.08 -6.20
CA GLY B 354 -16.21 29.34 -5.64
C GLY B 354 -15.66 30.53 -6.39
N CYS B 355 -14.45 30.39 -6.93
CA CYS B 355 -13.91 31.47 -7.69
C CYS B 355 -14.34 31.37 -9.17
N ARG B 356 -14.47 30.15 -9.69
CA ARG B 356 -14.98 29.96 -11.05
C ARG B 356 -16.33 30.67 -11.30
N ILE B 357 -17.29 30.50 -10.39
CA ILE B 357 -18.58 31.14 -10.62
C ILE B 357 -18.47 32.69 -10.51
N LEU B 358 -17.61 33.21 -9.66
CA LEU B 358 -17.31 34.62 -9.61
C LEU B 358 -16.73 35.11 -10.95
N VAL B 359 -15.82 34.33 -11.53
CA VAL B 359 -15.25 34.75 -12.83
C VAL B 359 -16.33 34.85 -13.92
N THR B 360 -17.19 33.84 -13.96
CA THR B 360 -18.29 33.77 -14.91
C THR B 360 -19.27 34.92 -14.69
N LEU B 361 -19.51 35.23 -13.42
CA LEU B 361 -20.45 36.30 -13.05
C LEU B 361 -19.94 37.66 -13.51
N LEU B 362 -18.67 37.95 -13.17
CA LEU B 362 -18.14 39.25 -13.54
C LEU B 362 -18.18 39.48 -15.05
N HIS B 363 -17.87 38.45 -15.83
CA HIS B 363 -17.71 38.61 -17.28
C HIS B 363 -19.06 38.83 -17.93
N GLU B 364 -20.07 38.09 -17.47
CA GLU B 364 -21.42 38.31 -17.95
C GLU B 364 -22.03 39.67 -17.51
N MET B 365 -21.74 40.11 -16.29
CA MET B 365 -22.18 41.40 -15.82
C MET B 365 -21.73 42.51 -16.76
N LYS B 366 -20.48 42.45 -17.17
CA LYS B 366 -19.99 43.44 -18.12
C LYS B 366 -20.79 43.37 -19.39
N ARG B 367 -21.07 42.17 -19.90
CA ARG B 367 -21.77 42.07 -21.18
C ARG B 367 -23.21 42.56 -21.10
N ARG B 368 -23.87 42.31 -19.99
CA ARG B 368 -25.23 42.80 -19.83
C ARG B 368 -25.38 44.17 -19.18
N ASP B 369 -24.26 44.83 -18.88
CA ASP B 369 -24.18 46.02 -18.03
C ASP B 369 -25.09 45.89 -16.80
N ALA B 370 -24.94 44.76 -16.14
CA ALA B 370 -25.60 44.51 -14.87
C ALA B 370 -24.81 45.27 -13.77
N LYS B 371 -25.53 45.75 -12.75
CA LYS B 371 -24.99 46.67 -11.76
C LYS B 371 -24.81 45.96 -10.42
N LYS B 372 -25.73 45.08 -10.06
CA LYS B 372 -25.63 44.39 -8.79
C LYS B 372 -25.61 42.88 -9.06
N GLY B 373 -24.59 42.23 -8.48
CA GLY B 373 -24.36 40.81 -8.65
C GLY B 373 -24.14 40.08 -7.35
N LEU B 374 -24.39 38.79 -7.36
CA LEU B 374 -24.16 37.93 -6.20
C LEU B 374 -23.75 36.50 -6.63
N ALA B 375 -22.73 35.99 -5.94
CA ALA B 375 -22.31 34.61 -6.10
C ALA B 375 -22.41 33.91 -4.74
N SER B 376 -22.86 32.66 -4.72
CA SER B 376 -22.98 31.94 -3.50
C SER B 376 -22.87 30.45 -3.73
N LEU B 377 -22.37 29.70 -2.74
CA LEU B 377 -22.33 28.26 -2.85
C LEU B 377 -22.53 27.62 -1.51
N CYS B 378 -22.92 26.35 -1.60
CA CYS B 378 -23.06 25.48 -0.45
C CYS B 378 -21.76 24.73 -0.15
N ILE B 379 -21.65 24.23 1.08
CA ILE B 379 -20.37 23.74 1.57
C ILE B 379 -20.61 22.51 2.42
N GLY B 380 -19.97 21.42 2.06
CA GLY B 380 -20.01 20.20 2.84
C GLY B 380 -19.67 20.38 4.30
N GLY B 381 -20.48 19.79 5.18
CA GLY B 381 -20.30 20.05 6.58
C GLY B 381 -21.23 21.11 7.11
N GLY B 382 -21.98 21.75 6.21
CA GLY B 382 -23.10 22.58 6.57
C GLY B 382 -22.72 24.06 6.70
N MET B 383 -22.35 24.68 5.57
CA MET B 383 -22.03 26.09 5.51
C MET B 383 -22.37 26.64 4.16
N GLY B 384 -22.45 27.96 4.09
CA GLY B 384 -22.52 28.70 2.88
C GLY B 384 -21.59 29.90 2.87
N VAL B 385 -21.31 30.40 1.69
CA VAL B 385 -20.61 31.70 1.53
C VAL B 385 -21.26 32.42 0.35
N ALA B 386 -21.29 33.73 0.46
CA ALA B 386 -21.95 34.60 -0.50
C ALA B 386 -21.15 35.88 -0.60
N LEU B 387 -20.99 36.36 -1.83
CA LEU B 387 -20.31 37.60 -2.07
C LEU B 387 -21.01 38.42 -3.11
N ALA B 388 -21.26 39.71 -2.79
CA ALA B 388 -21.93 40.62 -3.68
C ALA B 388 -20.98 41.62 -4.31
N VAL B 389 -21.22 41.94 -5.57
CA VAL B 389 -20.44 42.89 -6.32
C VAL B 389 -21.32 43.95 -6.97
N GLU B 390 -20.73 45.10 -7.20
CA GLU B 390 -21.39 46.25 -7.78
C GLU B 390 -20.51 46.87 -8.83
N ARG B 391 -21.10 47.14 -9.99
CA ARG B 391 -20.50 47.91 -11.05
C ARG B 391 -21.17 49.28 -11.12
N LYS B 392 -20.36 50.32 -11.36
CA LYS B 392 -20.85 51.69 -11.58
C LYS B 392 -21.81 51.83 -12.78
N THR C 1 14.25 -50.26 -2.84
CA THR C 1 15.36 -49.83 -1.96
C THR C 1 14.82 -49.35 -0.64
N ASP C 2 15.51 -49.72 0.41
CA ASP C 2 15.37 -49.08 1.73
C ASP C 2 16.00 -47.67 1.74
N VAL C 3 15.26 -46.71 2.27
CA VAL C 3 15.71 -45.32 2.31
C VAL C 3 15.93 -44.99 3.76
N VAL C 4 17.08 -44.38 4.10
CA VAL C 4 17.40 -44.16 5.52
C VAL C 4 17.62 -42.66 5.74
N ILE C 5 17.39 -42.24 6.97
CA ILE C 5 17.62 -40.88 7.36
C ILE C 5 18.87 -40.88 8.20
N VAL C 6 19.88 -40.15 7.74
CA VAL C 6 21.19 -40.14 8.38
C VAL C 6 21.45 -39.01 9.39
N SER C 7 20.72 -37.90 9.32
CA SER C 7 20.85 -36.82 10.28
C SER C 7 19.63 -35.96 10.25
N ALA C 8 19.54 -35.10 11.23
CA ALA C 8 18.33 -34.33 11.43
C ALA C 8 18.63 -33.13 12.28
N ALA C 9 18.13 -31.96 11.90
CA ALA C 9 18.36 -30.73 12.67
C ALA C 9 17.24 -29.75 12.51
N ARG C 10 17.00 -28.92 13.53
CA ARG C 10 16.02 -27.86 13.39
C ARG C 10 16.52 -26.65 14.14
N THR C 11 15.96 -25.50 13.79
CA THR C 11 16.11 -24.33 14.63
C THR C 11 15.20 -24.49 15.84
N ALA C 12 15.49 -23.75 16.88
CA ALA C 12 14.43 -23.33 17.81
C ALA C 12 13.32 -22.62 17.05
N VAL C 13 12.13 -22.70 17.60
CA VAL C 13 10.98 -22.10 16.99
C VAL C 13 10.80 -20.70 17.64
N GLY C 14 10.82 -19.68 16.82
CA GLY C 14 10.62 -18.33 17.27
C GLY C 14 9.14 -18.00 17.45
N LYS C 15 8.86 -17.17 18.43
CA LYS C 15 7.57 -16.46 18.57
C LYS C 15 7.25 -15.55 17.41
N PHE C 16 5.96 -15.35 17.16
CA PHE C 16 5.52 -14.28 16.21
C PHE C 16 6.08 -12.90 16.55
N GLY C 17 6.82 -12.28 15.63
CA GLY C 17 7.53 -11.03 15.93
C GLY C 17 8.70 -11.20 16.88
N GLY C 18 9.17 -12.43 17.10
CA GLY C 18 10.18 -12.73 18.07
C GLY C 18 11.59 -12.79 17.51
N SER C 19 12.37 -13.73 18.03
CA SER C 19 13.84 -13.71 17.83
C SER C 19 14.24 -13.95 16.35
N LEU C 20 13.40 -14.67 15.61
CA LEU C 20 13.69 -14.95 14.22
C LEU C 20 13.04 -14.02 13.23
N ALA C 21 12.31 -13.04 13.70
CA ALA C 21 11.37 -12.31 12.81
C ALA C 21 12.09 -11.60 11.69
N LYS C 22 13.35 -11.25 11.91
CA LYS C 22 14.10 -10.59 10.89
C LYS C 22 15.05 -11.48 10.13
N ILE C 23 14.90 -12.78 10.23
CA ILE C 23 15.76 -13.65 9.48
C ILE C 23 14.92 -14.26 8.41
N PRO C 24 15.13 -13.87 7.16
CA PRO C 24 14.28 -14.45 6.13
C PRO C 24 14.33 -16.01 6.07
N ALA C 25 13.23 -16.61 5.66
CA ALA C 25 13.09 -18.08 5.68
C ALA C 25 14.23 -18.84 4.99
N PRO C 26 14.71 -18.41 3.83
CA PRO C 26 15.82 -19.19 3.28
C PRO C 26 17.10 -19.14 4.11
N GLU C 27 17.28 -18.12 4.92
CA GLU C 27 18.44 -18.11 5.81
C GLU C 27 18.23 -19.07 6.96
N LEU C 28 16.99 -19.24 7.44
CA LEU C 28 16.68 -20.23 8.42
C LEU C 28 16.86 -21.67 7.85
N GLY C 29 16.44 -21.87 6.58
CA GLY C 29 16.70 -23.10 5.90
C GLY C 29 18.21 -23.41 5.72
N ALA C 30 19.00 -22.41 5.47
CA ALA C 30 20.42 -22.59 5.27
C ALA C 30 21.11 -23.04 6.53
N VAL C 31 20.71 -22.48 7.66
CA VAL C 31 21.20 -23.04 8.97
C VAL C 31 21.00 -24.55 9.14
N VAL C 32 19.76 -25.05 8.92
CA VAL C 32 19.50 -26.46 9.11
C VAL C 32 20.05 -27.37 8.00
N ILE C 33 20.16 -26.86 6.76
CA ILE C 33 20.72 -27.65 5.72
C ILE C 33 22.22 -27.83 6.03
N LYS C 34 22.89 -26.73 6.35
CA LYS C 34 24.32 -26.80 6.62
C LYS C 34 24.62 -27.77 7.79
N ALA C 35 23.86 -27.64 8.87
CA ALA C 35 24.04 -28.43 10.07
C ALA C 35 23.68 -29.91 9.86
N ALA C 36 22.57 -30.19 9.16
CA ALA C 36 22.23 -31.58 8.83
C ALA C 36 23.35 -32.31 8.06
N LEU C 37 23.89 -31.64 7.07
CA LEU C 37 24.99 -32.19 6.33
C LEU C 37 26.21 -32.45 7.27
N GLU C 38 26.55 -31.48 8.11
CA GLU C 38 27.70 -31.61 9.01
C GLU C 38 27.47 -32.77 9.96
N ARG C 39 26.25 -32.95 10.45
CA ARG C 39 25.96 -34.03 11.37
C ARG C 39 26.01 -35.34 10.67
N ALA C 40 25.71 -35.34 9.38
CA ALA C 40 25.75 -36.55 8.61
C ALA C 40 27.19 -36.87 8.19
N GLY C 41 28.08 -35.87 8.10
CA GLY C 41 29.45 -36.07 7.60
C GLY C 41 29.39 -36.22 6.09
N VAL C 42 28.46 -35.50 5.46
CA VAL C 42 28.28 -35.47 4.04
C VAL C 42 28.73 -34.08 3.59
N LYS C 43 29.65 -34.05 2.63
CA LYS C 43 30.12 -32.81 2.09
C LYS C 43 29.05 -32.28 1.15
N PRO C 44 28.97 -30.94 1.04
CA PRO C 44 28.00 -30.23 0.17
C PRO C 44 27.97 -30.72 -1.28
N GLU C 45 29.15 -30.92 -1.85
CA GLU C 45 29.34 -31.47 -3.18
C GLU C 45 28.71 -32.83 -3.47
N GLN C 46 28.45 -33.65 -2.45
CA GLN C 46 27.88 -34.99 -2.63
C GLN C 46 26.34 -34.98 -2.67
N VAL C 47 25.71 -33.84 -2.46
CA VAL C 47 24.24 -33.78 -2.34
C VAL C 47 23.63 -33.82 -3.74
N SER C 48 22.62 -34.66 -3.96
CA SER C 48 21.94 -34.69 -5.26
C SER C 48 20.92 -33.60 -5.45
N GLU C 49 20.21 -33.22 -4.39
CA GLU C 49 19.10 -32.33 -4.56
C GLU C 49 18.68 -31.81 -3.19
N VAL C 50 18.12 -30.60 -3.14
CA VAL C 50 17.53 -29.99 -1.94
C VAL C 50 16.04 -29.77 -2.21
N ILE C 51 15.17 -30.29 -1.34
CA ILE C 51 13.72 -30.04 -1.49
C ILE C 51 13.26 -29.36 -0.18
N MET C 52 12.79 -28.11 -0.23
CA MET C 52 12.39 -27.41 0.98
C MET C 52 10.96 -26.97 0.82
N GLY C 53 10.13 -27.33 1.79
CA GLY C 53 8.87 -26.68 1.90
C GLY C 53 8.92 -25.23 2.36
N GLN C 54 8.17 -24.36 1.71
CA GLN C 54 7.87 -22.98 2.20
C GLN C 54 6.55 -22.52 1.67
N VAL C 55 5.63 -22.09 2.52
CA VAL C 55 4.25 -21.80 2.11
C VAL C 55 4.07 -20.33 1.73
N LEU C 56 4.66 -19.43 2.49
CA LEU C 56 4.45 -18.01 2.31
C LEU C 56 5.67 -17.43 1.58
N THR C 57 5.52 -17.15 0.30
CA THR C 57 6.71 -16.89 -0.56
C THR C 57 6.56 -15.52 -1.28
N ALA C 58 5.53 -14.76 -0.92
CA ALA C 58 5.27 -13.45 -1.59
C ALA C 58 6.47 -12.48 -1.48
N GLY C 59 7.07 -12.12 -2.60
CA GLY C 59 8.28 -11.28 -2.50
C GLY C 59 9.52 -11.95 -1.93
N SER C 60 9.51 -13.28 -1.78
CA SER C 60 10.69 -13.98 -1.26
C SER C 60 11.86 -14.10 -2.27
N GLY C 61 11.61 -13.79 -3.54
CA GLY C 61 12.59 -14.02 -4.63
C GLY C 61 12.48 -15.39 -5.32
N GLN C 62 13.29 -15.62 -6.34
CA GLN C 62 13.19 -16.89 -7.11
C GLN C 62 13.54 -18.06 -6.25
N ASN C 63 12.64 -19.06 -6.20
CA ASN C 63 12.92 -20.41 -5.69
C ASN C 63 13.60 -20.43 -4.31
N PRO C 64 12.83 -20.19 -3.23
CA PRO C 64 13.40 -20.15 -1.89
C PRO C 64 14.24 -21.33 -1.45
N ALA C 65 13.99 -22.51 -1.97
CA ALA C 65 14.79 -23.70 -1.65
C ALA C 65 16.20 -23.55 -2.20
N ARG C 66 16.32 -23.05 -3.39
CA ARG C 66 17.65 -22.80 -3.98
C ARG C 66 18.39 -21.71 -3.21
N GLN C 67 17.67 -20.70 -2.80
CA GLN C 67 18.29 -19.62 -1.97
C GLN C 67 18.87 -20.20 -0.68
N ALA C 68 18.10 -21.05 0.02
CA ALA C 68 18.63 -21.83 1.17
C ALA C 68 19.88 -22.66 0.86
N ALA C 69 19.81 -23.47 -0.20
CA ALA C 69 20.91 -24.30 -0.62
C ALA C 69 22.20 -23.50 -0.82
N ILE C 70 22.09 -22.41 -1.57
CA ILE C 70 23.24 -21.54 -1.82
C ILE C 70 23.79 -20.87 -0.54
N LYS C 71 22.90 -20.44 0.33
CA LYS C 71 23.35 -19.78 1.57
C LYS C 71 23.96 -20.78 2.53
N ALA C 72 23.60 -22.06 2.39
CA ALA C 72 24.18 -23.10 3.21
C ALA C 72 25.59 -23.53 2.77
N GLY C 73 26.04 -23.05 1.62
CA GLY C 73 27.37 -23.35 1.06
C GLY C 73 27.32 -24.45 0.00
N LEU C 74 26.13 -24.88 -0.44
CA LEU C 74 26.10 -25.89 -1.49
C LEU C 74 26.50 -25.26 -2.83
N PRO C 75 27.30 -25.97 -3.64
CA PRO C 75 27.66 -25.46 -4.95
C PRO C 75 26.42 -25.30 -5.87
N ALA C 76 26.53 -24.37 -6.81
CA ALA C 76 25.55 -24.21 -7.88
C ALA C 76 25.17 -25.52 -8.63
N MET C 77 26.04 -26.54 -8.67
CA MET C 77 25.70 -27.81 -9.34
C MET C 77 24.59 -28.62 -8.64
N VAL C 78 24.24 -28.24 -7.43
CA VAL C 78 23.18 -28.95 -6.67
C VAL C 78 21.82 -28.27 -6.88
N PRO C 79 20.95 -28.93 -7.61
CA PRO C 79 19.69 -28.25 -7.88
C PRO C 79 18.78 -28.30 -6.67
N ALA C 80 17.72 -27.50 -6.70
CA ALA C 80 16.83 -27.38 -5.56
C ALA C 80 15.44 -27.03 -6.02
N MET C 81 14.47 -27.38 -5.21
CA MET C 81 13.05 -27.13 -5.56
C MET C 81 12.29 -26.80 -4.30
N THR C 82 11.36 -25.84 -4.43
CA THR C 82 10.43 -25.46 -3.33
C THR C 82 9.11 -26.08 -3.54
N ILE C 83 8.45 -26.47 -2.44
CA ILE C 83 7.11 -27.05 -2.57
C ILE C 83 6.16 -26.47 -1.59
N ASN C 84 4.88 -26.68 -1.82
CA ASN C 84 3.87 -26.12 -0.93
C ASN C 84 2.72 -27.14 -0.88
N LYS C 85 2.59 -27.80 0.29
CA LYS C 85 1.41 -28.60 0.66
C LYS C 85 0.96 -28.16 2.05
N VAL C 86 0.88 -26.82 2.18
CA VAL C 86 0.53 -26.06 3.40
C VAL C 86 1.29 -26.64 4.58
N CYS C 87 0.62 -26.99 5.68
CA CYS C 87 1.39 -27.59 6.78
C CYS C 87 2.05 -28.90 6.52
N GLY C 88 1.63 -29.57 5.48
CA GLY C 88 2.25 -30.84 5.18
C GLY C 88 3.61 -30.72 4.49
N SER C 89 3.96 -29.52 4.06
CA SER C 89 5.07 -29.27 3.13
C SER C 89 6.39 -29.87 3.60
N GLY C 90 6.78 -29.67 4.86
CA GLY C 90 8.08 -30.13 5.30
C GLY C 90 8.20 -31.64 5.42
N LEU C 91 7.07 -32.36 5.69
CA LEU C 91 7.06 -33.79 5.66
C LEU C 91 6.94 -34.35 4.24
N LYS C 92 6.08 -33.75 3.43
CA LYS C 92 6.01 -34.08 2.04
C LYS C 92 7.39 -34.00 1.34
N ALA C 93 8.19 -33.03 1.70
CA ALA C 93 9.58 -32.95 1.15
C ALA C 93 10.33 -34.25 1.37
N VAL C 94 10.24 -34.82 2.58
CA VAL C 94 10.94 -36.06 2.88
C VAL C 94 10.41 -37.22 2.02
N MET C 95 9.09 -37.23 1.87
CA MET C 95 8.45 -38.22 1.02
C MET C 95 8.90 -38.13 -0.42
N LEU C 96 9.08 -36.93 -0.92
CA LEU C 96 9.53 -36.78 -2.30
C LEU C 96 10.99 -37.20 -2.46
N ALA C 97 11.77 -36.97 -1.42
CA ALA C 97 13.18 -37.38 -1.36
C ALA C 97 13.22 -38.86 -1.43
N ALA C 98 12.37 -39.54 -0.63
CA ALA C 98 12.31 -40.99 -0.62
C ALA C 98 11.90 -41.56 -1.97
N ASN C 99 10.86 -40.95 -2.60
CA ASN C 99 10.41 -41.41 -3.91
C ASN C 99 11.63 -41.28 -4.90
N ALA C 100 12.31 -40.18 -4.84
CA ALA C 100 13.46 -39.95 -5.76
C ALA C 100 14.58 -40.97 -5.61
N ILE C 101 14.89 -41.37 -4.38
CA ILE C 101 15.92 -42.30 -4.12
C ILE C 101 15.49 -43.67 -4.61
N MET C 102 14.25 -44.04 -4.30
CA MET C 102 13.71 -45.30 -4.73
C MET C 102 13.67 -45.46 -6.25
N ALA C 103 13.35 -44.38 -6.92
CA ALA C 103 13.31 -44.39 -8.35
C ALA C 103 14.68 -44.37 -8.99
N GLY C 104 15.72 -44.15 -8.24
CA GLY C 104 17.08 -43.99 -8.89
C GLY C 104 17.37 -42.58 -9.38
N ASP C 105 16.45 -41.65 -9.12
CA ASP C 105 16.59 -40.28 -9.61
C ASP C 105 17.62 -39.47 -8.84
N ALA C 106 17.75 -39.74 -7.54
CA ALA C 106 18.71 -39.09 -6.69
C ALA C 106 19.41 -40.08 -5.78
N GLU C 107 20.59 -39.71 -5.29
CA GLU C 107 21.37 -40.50 -4.28
C GLU C 107 21.29 -39.92 -2.84
N ILE C 108 21.55 -38.64 -2.72
CA ILE C 108 21.48 -37.94 -1.43
C ILE C 108 20.65 -36.71 -1.51
N VAL C 109 19.61 -36.66 -0.68
CA VAL C 109 18.72 -35.52 -0.67
C VAL C 109 18.61 -34.88 0.73
N VAL C 110 18.68 -33.56 0.77
CA VAL C 110 18.38 -32.79 1.99
C VAL C 110 16.93 -32.32 1.82
N ALA C 111 16.09 -32.70 2.76
CA ALA C 111 14.66 -32.39 2.71
C ALA C 111 14.21 -31.82 4.00
N GLY C 112 13.30 -30.84 3.89
CA GLY C 112 12.58 -30.25 4.99
C GLY C 112 11.77 -29.02 4.60
N GLY C 113 11.81 -28.04 5.50
CA GLY C 113 11.16 -26.82 5.28
C GLY C 113 11.53 -25.67 6.15
N GLN C 114 11.04 -24.50 5.75
CA GLN C 114 11.44 -23.25 6.32
C GLN C 114 10.26 -22.29 6.26
N GLU C 115 10.10 -21.43 7.26
CA GLU C 115 8.97 -20.48 7.27
C GLU C 115 9.23 -19.35 8.21
N ASN C 116 8.98 -18.17 7.73
CA ASN C 116 9.00 -16.96 8.57
C ASN C 116 7.63 -16.28 8.42
N MET C 117 6.74 -16.55 9.37
CA MET C 117 5.39 -16.03 9.31
C MET C 117 5.38 -14.52 9.70
N SER C 118 6.24 -14.15 10.63
CA SER C 118 6.39 -12.73 11.06
C SER C 118 6.61 -11.80 9.86
N ALA C 119 7.36 -12.27 8.88
CA ALA C 119 7.80 -11.41 7.80
C ALA C 119 6.86 -11.46 6.61
N ALA C 120 5.74 -12.20 6.69
CA ALA C 120 4.91 -12.33 5.46
C ALA C 120 4.34 -10.95 5.23
N PRO C 121 4.33 -10.49 3.97
CA PRO C 121 3.80 -9.17 3.67
C PRO C 121 2.32 -9.16 3.30
N HIS C 122 1.80 -7.96 3.16
CA HIS C 122 0.51 -7.68 2.55
C HIS C 122 0.66 -7.57 1.06
N VAL C 123 -0.39 -7.91 0.39
CA VAL C 123 -0.45 -7.88 -1.06
C VAL C 123 -1.59 -6.96 -1.50
N LEU C 124 -1.44 -6.40 -2.71
CA LEU C 124 -2.42 -5.47 -3.29
C LEU C 124 -3.05 -6.06 -4.56
N PRO C 125 -4.15 -6.79 -4.46
CA PRO C 125 -4.72 -7.42 -5.65
C PRO C 125 -5.22 -6.41 -6.65
N GLY C 126 -5.03 -6.68 -7.93
CA GLY C 126 -5.46 -5.77 -8.99
C GLY C 126 -4.62 -4.51 -9.09
N SER C 127 -3.42 -4.52 -8.51
CA SER C 127 -2.57 -3.32 -8.58
C SER C 127 -2.19 -2.88 -10.00
N ARG C 128 -2.24 -3.76 -10.99
CA ARG C 128 -2.01 -3.31 -12.39
C ARG C 128 -3.19 -2.61 -13.07
N ASP C 129 -4.40 -2.82 -12.59
CA ASP C 129 -5.55 -2.17 -13.22
C ASP C 129 -5.86 -0.82 -12.56
N GLY C 130 -5.53 -0.68 -11.27
CA GLY C 130 -5.80 0.57 -10.55
C GLY C 130 -7.18 0.53 -9.94
N PHE C 131 -7.46 1.47 -9.05
CA PHE C 131 -8.70 1.44 -8.33
C PHE C 131 -9.47 2.68 -8.70
N ARG C 132 -10.51 2.54 -9.53
CA ARG C 132 -11.09 3.73 -10.17
C ARG C 132 -11.74 4.61 -9.10
N MET C 133 -12.42 3.98 -8.13
CA MET C 133 -13.04 4.73 -7.04
C MET C 133 -13.43 3.95 -5.79
N GLY C 134 -13.25 4.59 -4.64
CA GLY C 134 -13.55 3.96 -3.38
C GLY C 134 -12.41 3.13 -2.80
N ASP C 135 -12.71 2.50 -1.68
CA ASP C 135 -11.75 1.68 -1.00
C ASP C 135 -11.21 0.53 -1.83
N ALA C 136 -9.99 0.13 -1.45
CA ALA C 136 -9.29 -1.00 -2.00
C ALA C 136 -8.68 -1.76 -0.79
N LYS C 137 -8.36 -3.03 -0.96
CA LYS C 137 -7.99 -3.88 0.20
C LYS C 137 -6.53 -4.23 0.05
N LEU C 138 -5.72 -4.07 1.11
CA LEU C 138 -4.43 -4.76 1.23
C LEU C 138 -4.67 -6.05 1.99
N VAL C 139 -4.41 -7.16 1.33
CA VAL C 139 -4.63 -8.47 1.92
C VAL C 139 -3.40 -9.05 2.63
N ASP C 140 -3.63 -9.65 3.78
CA ASP C 140 -2.58 -10.29 4.57
C ASP C 140 -2.16 -11.65 3.93
N THR C 141 -0.94 -11.76 3.41
CA THR C 141 -0.55 -13.01 2.73
C THR C 141 -0.46 -14.17 3.69
N MET C 142 -0.19 -13.91 4.97
CA MET C 142 -0.12 -14.96 5.92
C MET C 142 -1.48 -15.64 6.10
N ILE C 143 -2.54 -14.84 6.20
CA ILE C 143 -3.86 -15.36 6.33
C ILE C 143 -4.34 -16.04 5.02
N VAL C 144 -4.28 -15.35 3.91
CA VAL C 144 -4.82 -15.85 2.69
C VAL C 144 -4.05 -17.06 2.14
N ASP C 145 -2.73 -17.02 2.14
CA ASP C 145 -1.92 -18.14 1.63
C ASP C 145 -1.66 -19.30 2.66
N GLY C 146 -1.78 -18.99 3.94
CA GLY C 146 -1.44 -19.90 4.96
C GLY C 146 -2.63 -20.40 5.79
N LEU C 147 -3.61 -19.55 6.06
CA LEU C 147 -4.59 -19.88 7.11
C LEU C 147 -6.07 -19.81 6.77
N TRP C 148 -6.43 -19.61 5.51
CA TRP C 148 -7.80 -19.29 5.05
C TRP C 148 -8.25 -20.35 4.09
N ASP C 149 -9.39 -20.97 4.39
CA ASP C 149 -9.90 -22.02 3.50
C ASP C 149 -10.51 -21.43 2.24
N VAL C 150 -10.01 -21.87 1.10
CA VAL C 150 -10.44 -21.32 -0.18
C VAL C 150 -11.90 -21.60 -0.46
N TYR C 151 -12.31 -22.83 -0.24
CA TYR C 151 -13.62 -23.37 -0.69
C TYR C 151 -14.75 -22.86 0.22
N ASN C 152 -14.47 -22.64 1.50
CA ASN C 152 -15.51 -22.19 2.43
C ASN C 152 -15.36 -20.74 2.87
N GLN C 153 -14.20 -20.16 2.60
CA GLN C 153 -13.89 -18.77 2.87
C GLN C 153 -14.00 -18.45 4.34
N TYR C 154 -13.30 -19.19 5.17
CA TYR C 154 -13.18 -18.84 6.56
C TYR C 154 -11.87 -19.39 7.08
N HIS C 155 -11.47 -18.92 8.27
CA HIS C 155 -10.21 -19.28 8.89
C HIS C 155 -10.09 -20.79 9.16
N MET C 156 -8.84 -21.31 9.18
CA MET C 156 -8.60 -22.67 9.63
C MET C 156 -9.20 -22.98 11.02
N GLY C 157 -9.27 -21.98 11.89
CA GLY C 157 -9.83 -22.17 13.25
C GLY C 157 -11.31 -22.51 13.21
N ILE C 158 -12.00 -22.15 12.14
CA ILE C 158 -13.41 -22.54 11.96
C ILE C 158 -13.48 -24.03 11.63
N THR C 159 -12.53 -24.53 10.84
CA THR C 159 -12.48 -25.98 10.57
C THR C 159 -12.24 -26.73 11.88
N ALA C 160 -11.47 -26.14 12.77
CA ALA C 160 -11.27 -26.71 14.12
C ALA C 160 -12.55 -26.71 14.96
N GLU C 161 -13.30 -25.62 14.94
CA GLU C 161 -14.72 -25.64 15.54
C GLU C 161 -15.63 -26.68 14.98
N ASN C 162 -15.61 -26.84 13.66
CA ASN C 162 -16.36 -27.88 12.97
C ASN C 162 -16.04 -29.29 13.49
N VAL C 163 -14.76 -29.58 13.61
CA VAL C 163 -14.27 -30.81 14.19
C VAL C 163 -14.68 -30.99 15.66
N ALA C 164 -14.54 -29.95 16.46
CA ALA C 164 -14.93 -30.01 17.85
C ALA C 164 -16.43 -30.35 17.92
N LYS C 165 -17.24 -29.76 17.04
CA LYS C 165 -18.68 -30.00 17.10
C LYS C 165 -19.01 -31.42 16.63
N GLU C 166 -18.38 -31.86 15.57
CA GLU C 166 -18.65 -33.17 15.04
C GLU C 166 -18.25 -34.29 15.98
N TYR C 167 -17.07 -34.16 16.59
CA TYR C 167 -16.58 -35.19 17.49
C TYR C 167 -16.79 -34.99 18.99
N GLY C 168 -17.42 -33.90 19.39
CA GLY C 168 -17.80 -33.67 20.80
C GLY C 168 -16.59 -33.36 21.67
N ILE C 169 -15.73 -32.50 21.13
CA ILE C 169 -14.52 -32.01 21.85
C ILE C 169 -14.81 -30.66 22.54
N THR C 170 -15.01 -30.74 23.85
CA THR C 170 -15.36 -29.57 24.69
C THR C 170 -14.19 -28.59 24.85
N ARG C 171 -14.56 -27.38 25.23
CA ARG C 171 -13.58 -26.36 25.57
C ARG C 171 -12.68 -26.88 26.70
N GLU C 172 -13.29 -27.49 27.72
CA GLU C 172 -12.49 -27.99 28.83
C GLU C 172 -11.51 -29.13 28.39
N ALA C 173 -11.96 -30.01 27.51
CA ALA C 173 -11.08 -31.06 27.04
C ALA C 173 -9.94 -30.42 26.22
N GLN C 174 -10.24 -29.43 25.38
CA GLN C 174 -9.14 -28.76 24.59
C GLN C 174 -8.16 -28.08 25.52
N ASP C 175 -8.70 -27.47 26.57
CA ASP C 175 -7.83 -26.76 27.50
C ASP C 175 -6.93 -27.71 28.30
N GLU C 176 -7.48 -28.86 28.72
CA GLU C 176 -6.69 -29.91 29.39
C GLU C 176 -5.54 -30.45 28.49
N PHE C 177 -5.83 -30.63 27.21
CA PHE C 177 -4.82 -31.07 26.28
C PHE C 177 -3.70 -30.06 26.09
N ALA C 178 -4.06 -28.78 25.98
CA ALA C 178 -3.13 -27.68 25.86
C ALA C 178 -2.19 -27.59 27.08
N VAL C 179 -2.77 -27.74 28.25
CA VAL C 179 -1.96 -27.82 29.48
C VAL C 179 -0.93 -28.96 29.39
N GLY C 180 -1.38 -30.14 28.95
CA GLY C 180 -0.51 -31.29 28.79
C GLY C 180 0.65 -30.90 27.86
N SER C 181 0.35 -30.28 26.74
CA SER C 181 1.40 -29.98 25.79
C SER C 181 2.43 -29.01 26.36
N GLN C 182 1.97 -27.94 27.00
CA GLN C 182 2.89 -26.98 27.64
C GLN C 182 3.75 -27.66 28.71
N ASN C 183 3.09 -28.43 29.56
CA ASN C 183 3.79 -29.07 30.68
C ASN C 183 4.86 -30.12 30.17
N LYS C 184 4.53 -30.90 29.13
CA LYS C 184 5.53 -31.82 28.54
C LYS C 184 6.68 -31.04 27.91
N ALA C 185 6.42 -29.95 27.20
CA ALA C 185 7.53 -29.19 26.57
C ALA C 185 8.40 -28.54 27.59
N GLU C 186 7.78 -27.96 28.63
CA GLU C 186 8.53 -27.43 29.79
C GLU C 186 9.44 -28.47 30.46
N ALA C 187 8.93 -29.66 30.67
CA ALA C 187 9.72 -30.78 31.31
C ALA C 187 10.88 -31.17 30.41
N ALA C 188 10.60 -31.28 29.13
CA ALA C 188 11.58 -31.60 28.14
C ALA C 188 12.68 -30.60 28.01
N GLN C 189 12.35 -29.31 28.03
CA GLN C 189 13.37 -28.23 28.07
C GLN C 189 14.28 -28.28 29.32
N LYS C 190 13.67 -28.48 30.46
CA LYS C 190 14.44 -28.53 31.73
C LYS C 190 15.32 -29.78 31.76
N ALA C 191 14.88 -30.86 31.12
CA ALA C 191 15.68 -32.10 31.04
C ALA C 191 16.74 -32.12 29.91
N GLY C 192 16.88 -31.05 29.15
CA GLY C 192 17.84 -31.02 28.04
C GLY C 192 17.43 -31.88 26.85
N LYS C 193 16.16 -32.27 26.71
CA LYS C 193 15.81 -33.17 25.66
C LYS C 193 15.83 -32.54 24.25
N PHE C 194 15.80 -31.22 24.13
CA PHE C 194 15.92 -30.60 22.78
C PHE C 194 17.37 -30.20 22.45
N ASP C 195 18.28 -30.46 23.37
CA ASP C 195 19.67 -30.00 23.18
C ASP C 195 20.34 -30.53 21.94
N GLU C 196 20.20 -31.82 21.69
CA GLU C 196 20.84 -32.46 20.56
C GLU C 196 20.23 -31.99 19.23
N GLU C 197 18.89 -31.86 19.16
CA GLU C 197 18.25 -31.52 17.87
C GLU C 197 18.32 -30.06 17.38
N ILE C 198 18.39 -29.10 18.29
CA ILE C 198 18.35 -27.69 17.96
C ILE C 198 19.74 -27.19 17.50
N VAL C 199 19.74 -26.49 16.40
CA VAL C 199 20.94 -25.77 15.94
C VAL C 199 20.72 -24.28 16.18
N PRO C 200 21.75 -23.63 16.78
CA PRO C 200 21.68 -22.17 17.06
C PRO C 200 21.51 -21.32 15.80
N VAL C 201 20.73 -20.26 15.89
CA VAL C 201 20.75 -19.18 14.92
C VAL C 201 21.34 -17.93 15.59
N LEU C 202 22.35 -17.31 14.94
CA LEU C 202 22.93 -16.07 15.45
C LEU C 202 22.10 -14.84 15.09
N ILE C 203 21.63 -14.11 16.12
CA ILE C 203 20.82 -12.92 15.98
C ILE C 203 21.67 -11.65 16.24
N PRO C 204 21.78 -10.79 15.22
CA PRO C 204 22.52 -9.55 15.38
C PRO C 204 21.85 -8.66 16.39
N GLN C 205 22.67 -7.92 17.13
CA GLN C 205 22.21 -7.00 18.21
C GLN C 205 22.69 -5.56 17.89
N ARG C 206 21.95 -4.54 18.33
CA ARG C 206 22.42 -3.15 18.13
C ARG C 206 23.84 -2.94 18.73
N LYS C 207 24.05 -3.49 19.92
CA LYS C 207 25.36 -3.52 20.56
C LYS C 207 25.97 -4.95 20.61
N GLY C 208 27.25 -5.09 20.31
CA GLY C 208 27.98 -6.32 20.64
C GLY C 208 27.87 -7.41 19.58
N ASP C 209 28.45 -8.57 19.83
CA ASP C 209 28.38 -9.70 18.89
C ASP C 209 27.00 -10.35 18.87
N PRO C 210 26.72 -11.10 17.80
CA PRO C 210 25.45 -11.85 17.71
C PRO C 210 25.22 -12.77 18.90
N VAL C 211 23.96 -12.99 19.26
CA VAL C 211 23.62 -13.89 20.37
C VAL C 211 22.90 -15.06 19.75
N ALA C 212 23.27 -16.27 20.18
CA ALA C 212 22.68 -17.47 19.68
C ALA C 212 21.24 -17.60 20.18
N PHE C 213 20.32 -17.78 19.24
CA PHE C 213 18.96 -18.15 19.59
C PHE C 213 18.83 -19.66 19.51
N LYS C 214 18.48 -20.28 20.63
CA LYS C 214 18.50 -21.73 20.68
C LYS C 214 17.52 -22.35 21.67
N THR C 215 16.41 -21.68 21.93
CA THR C 215 15.41 -22.26 22.84
C THR C 215 14.05 -21.94 22.30
N ASP C 216 13.11 -22.83 22.53
CA ASP C 216 11.77 -22.72 22.01
C ASP C 216 11.00 -21.66 22.84
N GLU C 217 11.09 -20.41 22.41
CA GLU C 217 10.65 -19.28 23.19
C GLU C 217 9.12 -19.14 23.32
N PHE C 218 8.33 -19.87 22.58
CA PHE C 218 6.84 -19.77 22.66
C PHE C 218 6.25 -20.59 23.80
N VAL C 219 7.07 -21.50 24.35
CA VAL C 219 6.63 -22.43 25.40
C VAL C 219 6.26 -21.59 26.66
N ARG C 220 5.06 -21.86 27.19
CA ARG C 220 4.54 -21.19 28.38
C ARG C 220 4.92 -22.05 29.58
N GLN C 221 5.83 -21.55 30.39
CA GLN C 221 6.23 -22.25 31.61
C GLN C 221 5.21 -22.11 32.73
N GLY C 222 4.94 -23.21 33.42
CA GLY C 222 4.03 -23.23 34.55
C GLY C 222 2.56 -23.15 34.18
N ALA C 223 2.18 -23.72 33.05
CA ALA C 223 0.82 -23.63 32.60
C ALA C 223 -0.07 -24.56 33.43
N THR C 224 -1.26 -24.08 33.74
CA THR C 224 -2.29 -24.86 34.40
C THR C 224 -3.54 -24.63 33.66
N LEU C 225 -4.56 -25.37 34.04
CA LEU C 225 -5.84 -25.22 33.47
C LEU C 225 -6.31 -23.76 33.64
N ASP C 226 -6.00 -23.16 34.77
CA ASP C 226 -6.37 -21.77 34.98
C ASP C 226 -5.76 -20.82 34.00
N SER C 227 -4.53 -21.04 33.53
CA SER C 227 -4.00 -20.14 32.51
C SER C 227 -4.67 -20.25 31.12
N MET C 228 -5.42 -21.32 30.87
CA MET C 228 -6.16 -21.51 29.61
C MET C 228 -7.56 -20.95 29.71
N SER C 229 -8.15 -21.05 30.91
CA SER C 229 -9.62 -20.79 30.96
C SER C 229 -9.95 -19.28 30.90
N GLY C 230 -8.95 -18.43 30.97
CA GLY C 230 -9.13 -16.99 30.83
C GLY C 230 -9.11 -16.43 29.41
N LEU C 231 -8.74 -17.23 28.40
CA LEU C 231 -8.75 -16.78 27.03
C LEU C 231 -10.17 -16.87 26.50
N LYS C 232 -10.48 -15.98 25.61
CA LYS C 232 -11.74 -16.02 24.92
C LYS C 232 -11.61 -16.64 23.54
N PRO C 233 -12.70 -17.20 23.03
CA PRO C 233 -12.65 -17.77 21.66
C PRO C 233 -12.10 -16.88 20.56
N ALA C 234 -11.17 -17.41 19.78
CA ALA C 234 -10.39 -16.62 18.84
C ALA C 234 -10.98 -16.43 17.44
N PHE C 235 -11.80 -17.35 16.97
CA PHE C 235 -12.29 -17.36 15.59
C PHE C 235 -13.81 -17.34 15.45
N ASP C 236 -14.50 -17.91 16.42
CA ASP C 236 -15.95 -17.95 16.46
C ASP C 236 -16.28 -17.51 17.86
N LYS C 237 -16.99 -16.38 17.96
CA LYS C 237 -17.36 -15.78 19.25
C LYS C 237 -18.16 -16.78 20.11
N ALA C 238 -18.90 -17.70 19.51
CA ALA C 238 -19.70 -18.68 20.27
C ALA C 238 -18.96 -19.99 20.38
N GLY C 239 -17.69 -20.06 19.97
CA GLY C 239 -17.00 -21.35 19.92
C GLY C 239 -16.09 -21.72 21.11
N THR C 240 -15.12 -22.61 20.86
CA THR C 240 -14.30 -23.31 21.89
C THR C 240 -12.79 -23.16 21.64
N VAL C 241 -12.42 -22.69 20.46
CA VAL C 241 -11.00 -22.61 20.06
C VAL C 241 -10.44 -21.25 20.42
N THR C 242 -9.34 -21.21 21.21
CA THR C 242 -8.75 -19.96 21.66
C THR C 242 -7.26 -19.93 21.23
N ALA C 243 -6.62 -18.81 21.46
CA ALA C 243 -5.16 -18.68 21.20
C ALA C 243 -4.35 -19.65 22.06
N ALA C 244 -4.93 -20.03 23.18
CA ALA C 244 -4.22 -20.87 24.10
C ALA C 244 -4.34 -22.41 23.85
N ASN C 245 -5.40 -22.83 23.15
CA ASN C 245 -5.57 -24.22 22.79
C ASN C 245 -5.41 -24.45 21.29
N ALA C 246 -4.71 -23.53 20.64
CA ALA C 246 -4.36 -23.64 19.25
C ALA C 246 -2.87 -23.35 19.13
N SER C 247 -2.29 -23.75 18.01
CA SER C 247 -0.83 -23.42 17.84
C SER C 247 -0.70 -21.98 17.52
N GLY C 248 0.52 -21.48 17.50
CA GLY C 248 0.69 -20.10 17.30
C GLY C 248 1.09 -19.81 15.88
N LEU C 249 1.47 -18.59 15.64
CA LEU C 249 2.07 -18.23 14.37
C LEU C 249 3.58 -18.09 14.68
N ASN C 250 4.45 -18.79 13.91
CA ASN C 250 5.82 -18.92 14.32
C ASN C 250 6.78 -19.00 13.16
N ASP C 251 8.07 -18.89 13.51
CA ASP C 251 9.18 -18.92 12.55
C ASP C 251 10.16 -20.03 12.90
N GLY C 252 10.68 -20.69 11.87
CA GLY C 252 11.71 -21.73 12.09
C GLY C 252 11.95 -22.56 10.87
N ALA C 253 12.86 -23.53 10.99
CA ALA C 253 13.17 -24.42 9.91
C ALA C 253 13.66 -25.72 10.43
N ALA C 254 13.62 -26.72 9.58
CA ALA C 254 14.11 -28.07 9.90
C ALA C 254 14.48 -28.81 8.62
N ALA C 255 15.43 -29.74 8.76
CA ALA C 255 15.89 -30.55 7.63
C ALA C 255 16.46 -31.89 8.08
N VAL C 256 16.33 -32.87 7.20
CA VAL C 256 16.97 -34.15 7.34
C VAL C 256 17.77 -34.49 6.10
N VAL C 257 18.75 -35.41 6.23
CA VAL C 257 19.49 -35.98 5.10
C VAL C 257 19.06 -37.41 4.86
N VAL C 258 18.70 -37.67 3.61
CA VAL C 258 18.09 -38.92 3.19
C VAL C 258 18.97 -39.56 2.17
N MET C 259 19.12 -40.86 2.24
CA MET C 259 19.83 -41.59 1.20
C MET C 259 19.46 -43.05 1.25
N SER C 260 19.94 -43.85 0.29
CA SER C 260 19.67 -45.29 0.33
C SER C 260 20.47 -45.93 1.46
N ALA C 261 19.92 -47.03 1.96
CA ALA C 261 20.72 -47.84 2.92
C ALA C 261 22.12 -48.20 2.35
N ALA C 262 22.21 -48.51 1.05
CA ALA C 262 23.49 -48.88 0.43
C ALA C 262 24.45 -47.71 0.45
N LYS C 263 23.94 -46.52 0.14
CA LYS C 263 24.78 -45.32 0.11
C LYS C 263 25.32 -44.99 1.49
N ALA C 264 24.48 -45.11 2.50
CA ALA C 264 24.94 -44.86 3.87
C ALA C 264 26.04 -45.86 4.26
N LYS C 265 25.82 -47.11 3.88
CA LYS C 265 26.73 -48.19 4.24
C LYS C 265 28.09 -47.88 3.54
N GLU C 266 28.04 -47.52 2.28
CA GLU C 266 29.21 -47.15 1.52
C GLU C 266 29.93 -45.97 2.13
N LEU C 267 29.20 -45.02 2.70
CA LEU C 267 29.84 -43.83 3.26
C LEU C 267 30.28 -44.03 4.70
N GLY C 268 29.94 -45.17 5.27
CA GLY C 268 30.31 -45.47 6.64
C GLY C 268 29.43 -44.78 7.67
N LEU C 269 28.19 -44.45 7.29
CA LEU C 269 27.31 -43.68 8.14
C LEU C 269 26.34 -44.59 8.79
N THR C 270 26.06 -44.33 10.05
CA THR C 270 25.11 -45.12 10.77
C THR C 270 23.76 -44.41 10.73
N PRO C 271 22.70 -45.03 10.21
CA PRO C 271 21.52 -44.12 10.07
C PRO C 271 20.79 -43.87 11.38
N LEU C 272 20.10 -42.74 11.49
CA LEU C 272 19.14 -42.57 12.58
C LEU C 272 17.96 -43.53 12.50
N ALA C 273 17.47 -43.75 11.27
CA ALA C 273 16.27 -44.56 11.11
C ALA C 273 16.09 -44.92 9.67
N THR C 274 15.21 -45.89 9.43
CA THR C 274 14.82 -46.26 8.10
C THR C 274 13.40 -45.77 7.93
N ILE C 275 13.13 -45.22 6.76
CA ILE C 275 11.76 -44.87 6.37
C ILE C 275 11.00 -46.17 6.08
N LYS C 276 9.94 -46.48 6.86
CA LYS C 276 9.13 -47.68 6.69
C LYS C 276 8.06 -47.53 5.63
N SER C 277 7.36 -46.39 5.64
CA SER C 277 6.21 -46.12 4.77
C SER C 277 5.81 -44.68 4.94
N TYR C 278 5.02 -44.20 3.96
CA TYR C 278 4.39 -42.94 4.05
C TYR C 278 3.13 -42.93 3.16
N ALA C 279 2.32 -41.92 3.38
CA ALA C 279 1.06 -41.80 2.69
C ALA C 279 0.51 -40.40 2.76
N ASN C 280 -0.31 -40.05 1.75
CA ASN C 280 -1.13 -38.85 1.88
C ASN C 280 -2.63 -39.27 1.96
N ALA C 281 -3.52 -38.31 2.19
CA ALA C 281 -4.99 -38.55 2.11
C ALA C 281 -5.69 -37.22 1.89
N GLY C 282 -6.97 -37.30 1.51
CA GLY C 282 -7.76 -36.11 1.30
C GLY C 282 -9.06 -36.26 2.07
N VAL C 283 -9.51 -35.16 2.70
CA VAL C 283 -10.79 -35.19 3.41
C VAL C 283 -11.49 -33.92 3.00
N ASP C 284 -12.75 -33.76 3.39
CA ASP C 284 -13.47 -32.51 3.17
C ASP C 284 -12.79 -31.32 3.82
N PRO C 285 -12.61 -30.21 3.10
CA PRO C 285 -11.95 -29.01 3.66
C PRO C 285 -12.55 -28.53 5.00
N LYS C 286 -13.85 -28.73 5.17
CA LYS C 286 -14.56 -28.29 6.38
C LYS C 286 -14.01 -28.88 7.68
N VAL C 287 -13.48 -30.09 7.55
CA VAL C 287 -12.87 -30.85 8.64
C VAL C 287 -11.43 -31.30 8.34
N MET C 288 -10.63 -30.37 7.82
CA MET C 288 -9.28 -30.69 7.39
C MET C 288 -8.45 -31.27 8.51
N GLY C 289 -8.75 -30.84 9.74
CA GLY C 289 -8.09 -31.32 10.96
C GLY C 289 -8.05 -32.84 11.16
N MET C 290 -8.97 -33.56 10.49
CA MET C 290 -9.03 -35.01 10.55
C MET C 290 -8.15 -35.68 9.52
N GLY C 291 -7.52 -34.89 8.67
CA GLY C 291 -6.60 -35.48 7.71
C GLY C 291 -5.65 -36.57 8.22
N PRO C 292 -5.05 -36.43 9.42
CA PRO C 292 -4.11 -37.46 9.86
C PRO C 292 -4.74 -38.81 10.07
N VAL C 293 -6.07 -38.91 10.25
CA VAL C 293 -6.70 -40.23 10.43
C VAL C 293 -6.55 -41.13 9.17
N PRO C 294 -7.10 -40.72 8.01
CA PRO C 294 -6.88 -41.56 6.85
C PRO C 294 -5.39 -41.59 6.40
N ALA C 295 -4.60 -40.57 6.62
CA ALA C 295 -3.16 -40.65 6.22
C ALA C 295 -2.40 -41.64 7.10
N SER C 296 -2.66 -41.60 8.41
CA SER C 296 -1.99 -42.52 9.31
C SER C 296 -2.43 -43.95 9.11
N LYS C 297 -3.73 -44.17 8.92
CA LYS C 297 -4.19 -45.51 8.67
C LYS C 297 -3.53 -46.09 7.40
N ARG C 298 -3.46 -45.32 6.35
CA ARG C 298 -2.80 -45.75 5.12
C ARG C 298 -1.29 -45.99 5.30
N ALA C 299 -0.61 -45.10 5.97
CA ALA C 299 0.81 -45.34 6.22
C ALA C 299 0.98 -46.57 7.08
N LEU C 300 0.04 -46.85 7.99
CA LEU C 300 0.21 -48.02 8.86
C LEU C 300 -0.10 -49.30 8.09
N SER C 301 -1.11 -49.25 7.23
CA SER C 301 -1.45 -50.39 6.37
C SER C 301 -0.27 -50.76 5.41
N ARG C 302 0.36 -49.74 4.81
CA ARG C 302 1.54 -49.96 3.99
C ARG C 302 2.73 -50.45 4.78
N ALA C 303 2.87 -50.09 6.08
CA ALA C 303 3.94 -50.61 6.92
C ALA C 303 3.68 -52.05 7.47
N GLU C 304 2.47 -52.49 7.33
CA GLU C 304 1.93 -53.65 8.04
C GLU C 304 2.02 -53.55 9.59
N TRP C 305 1.74 -52.36 10.12
CA TRP C 305 1.71 -52.13 11.57
C TRP C 305 0.28 -51.76 11.93
N THR C 306 -0.08 -52.03 13.17
CA THR C 306 -1.28 -51.48 13.79
C THR C 306 -0.96 -50.23 14.61
N PRO C 307 -1.99 -49.50 15.05
CA PRO C 307 -1.66 -48.35 15.88
C PRO C 307 -1.00 -48.76 17.22
N GLN C 308 -1.25 -49.99 17.67
CA GLN C 308 -0.68 -50.45 18.96
C GLN C 308 0.80 -50.89 18.81
N ASP C 309 1.24 -51.15 17.59
CA ASP C 309 2.66 -51.43 17.31
C ASP C 309 3.54 -50.21 17.49
N LEU C 310 2.98 -49.02 17.44
CA LEU C 310 3.83 -47.83 17.62
C LEU C 310 4.43 -47.64 19.01
N ASP C 311 5.72 -47.24 19.06
CA ASP C 311 6.36 -46.89 20.31
C ASP C 311 6.32 -45.38 20.57
N LEU C 312 6.26 -44.57 19.51
CA LEU C 312 6.32 -43.16 19.63
C LEU C 312 5.62 -42.48 18.44
N MET C 313 4.91 -41.42 18.74
CA MET C 313 4.32 -40.60 17.68
C MET C 313 4.48 -39.11 17.87
N GLU C 314 4.53 -38.40 16.72
CA GLU C 314 4.40 -36.96 16.67
C GLU C 314 3.25 -36.63 15.73
N ILE C 315 2.17 -36.17 16.32
CA ILE C 315 0.95 -35.78 15.58
C ILE C 315 0.83 -34.29 15.82
N ASN C 316 0.97 -33.48 14.78
CA ASN C 316 1.10 -32.05 14.91
C ASN C 316 -0.16 -31.47 15.57
N GLU C 317 0.04 -30.54 16.50
CA GLU C 317 -1.10 -29.94 17.24
C GLU C 317 -1.50 -28.58 16.60
N ALA C 318 -2.15 -28.57 15.43
CA ALA C 318 -2.63 -27.29 14.87
C ALA C 318 -3.66 -26.63 15.80
N PHE C 319 -4.59 -27.47 16.29
CA PHE C 319 -5.66 -27.08 17.23
C PHE C 319 -5.90 -28.29 18.15
N ALA C 320 -5.96 -28.06 19.45
CA ALA C 320 -6.34 -29.12 20.42
C ALA C 320 -7.65 -29.83 19.98
N ALA C 321 -8.53 -29.08 19.37
CA ALA C 321 -9.79 -29.69 18.98
C ALA C 321 -9.54 -30.83 17.97
N GLN C 322 -8.68 -30.62 16.97
CA GLN C 322 -8.46 -31.67 16.02
C GLN C 322 -7.51 -32.75 16.50
N ALA C 323 -6.49 -32.38 17.28
CA ALA C 323 -5.54 -33.34 17.81
C ALA C 323 -6.32 -34.34 18.71
N LEU C 324 -7.27 -33.82 19.49
CA LEU C 324 -8.10 -34.74 20.31
C LEU C 324 -8.99 -35.64 19.47
N ALA C 325 -9.55 -35.09 18.41
CA ALA C 325 -10.44 -35.88 17.56
C ALA C 325 -9.68 -36.97 16.87
N VAL C 326 -8.42 -36.68 16.46
CA VAL C 326 -7.56 -37.67 15.84
C VAL C 326 -7.19 -38.79 16.83
N HIS C 327 -6.85 -38.44 18.03
CA HIS C 327 -6.56 -39.45 18.99
C HIS C 327 -7.80 -40.30 19.23
N GLN C 328 -8.93 -39.68 19.37
CA GLN C 328 -10.20 -40.45 19.58
C GLN C 328 -10.46 -41.46 18.46
N GLN C 329 -10.26 -41.05 17.20
CA GLN C 329 -10.47 -41.94 16.08
C GLN C 329 -9.39 -43.03 15.86
N MET C 330 -8.14 -42.74 16.21
CA MET C 330 -7.11 -43.74 16.03
C MET C 330 -7.09 -44.75 17.15
N GLY C 331 -7.47 -44.33 18.35
CA GLY C 331 -7.46 -45.19 19.54
C GLY C 331 -6.07 -45.56 20.03
N TRP C 332 -5.02 -44.91 19.51
CA TRP C 332 -3.66 -45.20 19.96
C TRP C 332 -3.38 -44.65 21.38
N ASP C 333 -2.24 -45.04 21.96
CA ASP C 333 -1.88 -44.70 23.33
C ASP C 333 -1.32 -43.28 23.39
N THR C 334 -2.13 -42.40 23.94
CA THR C 334 -1.79 -40.97 23.90
C THR C 334 -0.60 -40.65 24.74
N SER C 335 -0.25 -41.53 25.70
CA SER C 335 0.98 -41.32 26.47
C SER C 335 2.24 -41.38 25.63
N LYS C 336 2.14 -41.95 24.43
CA LYS C 336 3.27 -42.15 23.53
C LYS C 336 3.36 -41.08 22.43
N VAL C 337 2.43 -40.10 22.49
CA VAL C 337 2.28 -39.06 21.46
C VAL C 337 2.83 -37.73 21.97
N ASN C 338 3.60 -37.05 21.15
CA ASN C 338 4.09 -35.73 21.53
C ASN C 338 4.66 -35.70 22.97
N VAL C 339 5.52 -36.66 23.25
CA VAL C 339 5.98 -36.87 24.62
C VAL C 339 6.81 -35.73 25.13
N ASN C 340 7.35 -34.93 24.21
CA ASN C 340 8.10 -33.74 24.56
C ASN C 340 7.35 -32.44 24.29
N GLY C 341 6.04 -32.54 24.09
CA GLY C 341 5.25 -31.34 23.88
C GLY C 341 4.94 -31.24 22.43
N GLY C 342 3.95 -30.40 22.07
CA GLY C 342 3.53 -30.29 20.67
C GLY C 342 3.44 -28.84 20.25
N ALA C 343 2.92 -28.61 19.07
CA ALA C 343 2.92 -27.28 18.53
C ALA C 343 2.15 -26.21 19.35
N ILE C 344 1.22 -26.60 20.17
CA ILE C 344 0.57 -25.64 21.00
C ILE C 344 1.56 -24.95 21.88
N ALA C 345 2.56 -25.70 22.36
CA ALA C 345 3.61 -25.19 23.21
C ALA C 345 4.83 -24.69 22.39
N ILE C 346 5.27 -25.46 21.42
CA ILE C 346 6.55 -25.17 20.68
C ILE C 346 6.33 -24.15 19.55
N GLY C 347 5.12 -24.19 18.98
CA GLY C 347 4.80 -23.31 17.85
C GLY C 347 4.76 -24.05 16.53
N HIS C 348 4.23 -23.36 15.51
CA HIS C 348 3.85 -23.95 14.22
C HIS C 348 4.24 -23.09 13.03
N PRO C 349 5.56 -23.05 12.66
CA PRO C 349 5.98 -22.44 11.41
C PRO C 349 5.52 -23.27 10.22
N ILE C 350 4.46 -22.82 9.55
CA ILE C 350 3.72 -23.74 8.74
C ILE C 350 4.51 -24.66 7.77
N GLY C 351 5.34 -24.12 6.88
CA GLY C 351 6.09 -24.97 5.96
C GLY C 351 7.24 -25.80 6.52
N ALA C 352 7.58 -25.57 7.76
CA ALA C 352 8.65 -26.30 8.40
C ALA C 352 8.14 -27.34 9.37
N SER C 353 6.88 -27.18 9.82
CA SER C 353 6.41 -28.04 10.91
C SER C 353 6.47 -29.51 10.65
N GLY C 354 6.26 -29.91 9.40
CA GLY C 354 6.27 -31.32 9.09
C GLY C 354 7.65 -31.97 9.28
N CYS C 355 8.70 -31.26 8.91
CA CYS C 355 10.04 -31.75 9.19
C CYS C 355 10.44 -31.48 10.67
N ARG C 356 10.04 -30.36 11.24
CA ARG C 356 10.23 -30.09 12.72
C ARG C 356 9.77 -31.26 13.62
N ILE C 357 8.54 -31.75 13.45
CA ILE C 357 8.08 -32.87 14.24
C ILE C 357 8.83 -34.18 13.93
N LEU C 358 9.27 -34.36 12.70
CA LEU C 358 10.05 -35.53 12.34
C LEU C 358 11.39 -35.48 13.03
N VAL C 359 12.00 -34.32 13.07
CA VAL C 359 13.33 -34.21 13.72
C VAL C 359 13.16 -34.49 15.23
N THR C 360 12.09 -33.94 15.80
CA THR C 360 11.79 -34.18 17.22
C THR C 360 11.52 -35.68 17.49
N LEU C 361 10.75 -36.31 16.62
CA LEU C 361 10.47 -37.76 16.77
C LEU C 361 11.76 -38.57 16.72
N LEU C 362 12.62 -38.27 15.73
CA LEU C 362 13.83 -39.06 15.60
C LEU C 362 14.72 -38.99 16.85
N HIS C 363 14.84 -37.81 17.45
CA HIS C 363 15.75 -37.62 18.57
C HIS C 363 15.19 -38.27 19.78
N GLU C 364 13.87 -38.24 19.93
CA GLU C 364 13.31 -38.91 21.07
C GLU C 364 13.34 -40.45 20.94
N MET C 365 13.11 -40.97 19.73
CA MET C 365 13.24 -42.40 19.47
C MET C 365 14.63 -42.89 19.84
N LYS C 366 15.64 -42.12 19.43
CA LYS C 366 17.04 -42.42 19.74
C LYS C 366 17.24 -42.42 21.27
N ARG C 367 16.78 -41.38 21.95
CA ARG C 367 16.99 -41.23 23.41
C ARG C 367 16.42 -42.41 24.24
N ARG C 368 15.20 -42.88 23.92
CA ARG C 368 14.57 -43.93 24.72
C ARG C 368 14.66 -45.28 24.02
N ASP C 369 15.33 -45.30 22.86
CA ASP C 369 15.48 -46.48 22.00
C ASP C 369 14.13 -47.10 21.57
N ALA C 370 13.19 -46.25 21.20
CA ALA C 370 11.90 -46.73 20.69
C ALA C 370 12.12 -47.22 19.27
N LYS C 371 11.42 -48.25 18.87
CA LYS C 371 11.70 -48.82 17.55
C LYS C 371 10.77 -48.39 16.39
N LYS C 372 9.47 -48.20 16.65
CA LYS C 372 8.52 -47.85 15.62
C LYS C 372 7.95 -46.48 15.95
N GLY C 373 7.97 -45.57 14.99
CA GLY C 373 7.44 -44.23 15.15
C GLY C 373 6.66 -43.76 13.93
N LEU C 374 5.82 -42.77 14.17
CA LEU C 374 4.98 -42.15 13.14
C LEU C 374 4.88 -40.66 13.41
N ALA C 375 4.97 -39.88 12.32
CA ALA C 375 4.71 -38.43 12.30
C ALA C 375 3.56 -38.21 11.35
N SER C 376 2.60 -37.40 11.75
CA SER C 376 1.48 -37.03 10.87
C SER C 376 0.98 -35.61 11.14
N LEU C 377 0.47 -34.95 10.09
CA LEU C 377 -0.03 -33.57 10.17
C LEU C 377 -1.27 -33.46 9.32
N CYS C 378 -2.18 -32.57 9.74
CA CYS C 378 -3.37 -32.14 8.97
C CYS C 378 -2.95 -31.00 8.07
N ILE C 379 -3.71 -30.77 7.00
CA ILE C 379 -3.32 -29.81 5.97
C ILE C 379 -4.53 -29.03 5.50
N GLY C 380 -4.42 -27.70 5.61
CA GLY C 380 -5.39 -26.77 5.09
C GLY C 380 -5.89 -27.15 3.71
N GLY C 381 -7.24 -27.19 3.54
CA GLY C 381 -7.81 -27.55 2.24
C GLY C 381 -8.24 -29.00 2.22
N GLY C 382 -8.01 -29.66 3.34
CA GLY C 382 -8.48 -31.01 3.52
C GLY C 382 -7.61 -32.14 3.09
N MET C 383 -6.43 -32.22 3.73
CA MET C 383 -5.47 -33.29 3.49
C MET C 383 -4.77 -33.71 4.78
N GLY C 384 -4.10 -34.85 4.69
CA GLY C 384 -3.18 -35.29 5.72
C GLY C 384 -1.94 -35.93 5.08
N VAL C 385 -0.86 -35.93 5.83
CA VAL C 385 0.30 -36.74 5.48
C VAL C 385 0.78 -37.47 6.77
N ALA C 386 1.39 -38.62 6.57
CA ALA C 386 1.97 -39.46 7.58
C ALA C 386 3.19 -40.17 7.07
N LEU C 387 4.14 -40.39 7.96
CA LEU C 387 5.37 -41.09 7.59
C LEU C 387 5.81 -41.90 8.78
N ALA C 388 6.08 -43.19 8.54
CA ALA C 388 6.56 -44.12 9.53
C ALA C 388 8.06 -44.39 9.39
N VAL C 389 8.67 -44.51 10.56
CA VAL C 389 10.10 -44.77 10.72
C VAL C 389 10.33 -45.93 11.63
N GLU C 390 11.42 -46.65 11.34
CA GLU C 390 11.80 -47.87 12.04
C GLU C 390 13.27 -47.77 12.40
N ARG C 391 13.58 -48.06 13.65
CA ARG C 391 14.98 -48.02 14.09
C ARG C 391 15.38 -49.46 14.35
N LYS C 392 16.63 -49.78 14.04
CA LYS C 392 17.21 -51.09 14.37
C LYS C 392 17.42 -51.29 15.90
N THR D 1 8.85 -52.14 -14.18
CA THR D 1 7.78 -51.12 -14.45
C THR D 1 8.29 -49.88 -15.22
N ASP D 2 7.50 -49.40 -16.17
CA ASP D 2 7.85 -48.17 -16.83
C ASP D 2 6.68 -47.25 -16.71
N VAL D 3 6.93 -45.99 -16.92
CA VAL D 3 5.92 -44.99 -16.67
C VAL D 3 5.48 -44.44 -18.06
N VAL D 4 4.17 -44.32 -18.25
CA VAL D 4 3.65 -43.81 -19.53
C VAL D 4 2.83 -42.55 -19.35
N ILE D 5 2.75 -41.78 -20.42
CA ILE D 5 1.93 -40.61 -20.51
C ILE D 5 0.77 -41.00 -21.37
N VAL D 6 -0.41 -40.94 -20.77
CA VAL D 6 -1.62 -41.33 -21.50
C VAL D 6 -2.41 -40.20 -22.19
N SER D 7 -2.20 -38.94 -21.82
CA SER D 7 -2.94 -37.82 -22.40
C SER D 7 -2.17 -36.59 -22.08
N ALA D 8 -2.47 -35.49 -22.80
CA ALA D 8 -1.75 -34.23 -22.73
C ALA D 8 -2.64 -33.10 -23.26
N ALA D 9 -2.73 -32.03 -22.50
CA ALA D 9 -3.58 -30.94 -22.91
C ALA D 9 -2.97 -29.65 -22.44
N ARG D 10 -3.22 -28.61 -23.20
CA ARG D 10 -2.85 -27.28 -22.82
C ARG D 10 -3.91 -26.27 -23.20
N THR D 11 -3.91 -25.17 -22.49
CA THR D 11 -4.59 -23.94 -23.02
C THR D 11 -3.70 -23.29 -24.07
N ALA D 12 -4.34 -22.47 -24.93
CA ALA D 12 -3.59 -21.50 -25.72
C ALA D 12 -2.96 -20.56 -24.72
N VAL D 13 -1.85 -19.96 -25.12
CA VAL D 13 -1.12 -19.02 -24.32
C VAL D 13 -1.62 -17.58 -24.53
N GLY D 14 -2.00 -16.95 -23.43
CA GLY D 14 -2.47 -15.59 -23.41
C GLY D 14 -1.34 -14.59 -23.43
N LYS D 15 -1.55 -13.47 -24.10
CA LYS D 15 -0.59 -12.35 -24.05
C LYS D 15 -0.79 -11.59 -22.74
N PHE D 16 0.23 -10.87 -22.33
CA PHE D 16 0.21 -10.11 -21.06
C PHE D 16 -0.93 -9.13 -21.07
N GLY D 17 -1.83 -9.23 -20.11
CA GLY D 17 -2.99 -8.37 -20.12
C GLY D 17 -4.00 -8.68 -21.20
N GLY D 18 -3.92 -9.85 -21.82
CA GLY D 18 -4.89 -10.20 -22.92
C GLY D 18 -5.99 -11.13 -22.46
N SER D 19 -6.23 -12.21 -23.22
CA SER D 19 -7.47 -12.99 -23.09
C SER D 19 -7.63 -13.71 -21.74
N LEU D 20 -6.51 -14.07 -21.12
CA LEU D 20 -6.54 -14.89 -19.88
C LEU D 20 -6.29 -14.04 -18.64
N ALA D 21 -6.14 -12.71 -18.84
CA ALA D 21 -5.71 -11.78 -17.75
C ALA D 21 -6.56 -11.88 -16.50
N LYS D 22 -7.84 -12.17 -16.67
CA LYS D 22 -8.77 -12.20 -15.53
C LYS D 22 -9.08 -13.56 -14.98
N ILE D 23 -8.43 -14.60 -15.49
CA ILE D 23 -8.74 -15.93 -15.09
C ILE D 23 -7.59 -16.36 -14.20
N PRO D 24 -7.87 -16.56 -12.93
CA PRO D 24 -6.77 -16.96 -11.99
C PRO D 24 -6.10 -18.29 -12.36
N ALA D 25 -4.80 -18.38 -12.09
CA ALA D 25 -4.01 -19.56 -12.50
C ALA D 25 -4.67 -20.91 -12.19
N PRO D 26 -5.25 -21.09 -10.98
CA PRO D 26 -5.84 -22.43 -10.70
C PRO D 26 -7.09 -22.76 -11.56
N GLU D 27 -7.80 -21.76 -12.05
CA GLU D 27 -8.89 -21.96 -13.02
C GLU D 27 -8.35 -22.38 -14.35
N LEU D 28 -7.20 -21.87 -14.74
CA LEU D 28 -6.55 -22.36 -15.95
C LEU D 28 -6.06 -23.80 -15.77
N GLY D 29 -5.48 -24.08 -14.62
CA GLY D 29 -5.04 -25.42 -14.33
C GLY D 29 -6.22 -26.38 -14.34
N ALA D 30 -7.36 -25.97 -13.85
CA ALA D 30 -8.51 -26.81 -13.79
C ALA D 30 -8.98 -27.26 -15.19
N VAL D 31 -8.93 -26.30 -16.13
CA VAL D 31 -9.30 -26.56 -17.52
C VAL D 31 -8.49 -27.73 -18.08
N VAL D 32 -7.16 -27.66 -17.91
CA VAL D 32 -6.30 -28.69 -18.45
C VAL D 32 -6.30 -30.00 -17.68
N ILE D 33 -6.50 -29.98 -16.38
CA ILE D 33 -6.61 -31.18 -15.55
C ILE D 33 -7.90 -31.93 -15.98
N LYS D 34 -8.97 -31.20 -16.12
CA LYS D 34 -10.23 -31.86 -16.55
C LYS D 34 -10.17 -32.49 -17.96
N ALA D 35 -9.66 -31.72 -18.90
CA ALA D 35 -9.50 -32.14 -20.27
C ALA D 35 -8.51 -33.31 -20.40
N ALA D 36 -7.37 -33.24 -19.70
CA ALA D 36 -6.40 -34.36 -19.76
C ALA D 36 -6.97 -35.64 -19.21
N LEU D 37 -7.72 -35.56 -18.12
CA LEU D 37 -8.48 -36.74 -17.67
C LEU D 37 -9.53 -37.26 -18.70
N GLU D 38 -10.31 -36.37 -19.30
CA GLU D 38 -11.30 -36.83 -20.30
C GLU D 38 -10.63 -37.44 -21.51
N ARG D 39 -9.53 -36.83 -21.95
CA ARG D 39 -8.75 -37.42 -23.00
C ARG D 39 -8.18 -38.78 -22.75
N ALA D 40 -7.68 -38.99 -21.52
CA ALA D 40 -7.12 -40.26 -21.11
C ALA D 40 -8.21 -41.34 -20.89
N GLY D 41 -9.43 -40.94 -20.63
CA GLY D 41 -10.50 -41.87 -20.27
C GLY D 41 -10.38 -42.31 -18.82
N VAL D 42 -9.82 -41.47 -17.96
CA VAL D 42 -9.54 -41.80 -16.56
C VAL D 42 -10.60 -41.13 -15.67
N LYS D 43 -11.22 -41.86 -14.78
CA LYS D 43 -12.21 -41.25 -13.88
C LYS D 43 -11.49 -40.45 -12.78
N PRO D 44 -12.02 -39.25 -12.47
CA PRO D 44 -11.34 -38.40 -11.51
C PRO D 44 -11.04 -39.11 -10.18
N GLU D 45 -11.98 -39.98 -9.79
CA GLU D 45 -11.97 -40.81 -8.58
C GLU D 45 -10.73 -41.72 -8.48
N GLN D 46 -10.14 -42.04 -9.61
CA GLN D 46 -9.06 -42.99 -9.66
C GLN D 46 -7.70 -42.26 -9.60
N VAL D 47 -7.69 -40.96 -9.53
CA VAL D 47 -6.42 -40.21 -9.56
C VAL D 47 -5.80 -40.34 -8.17
N SER D 48 -4.52 -40.67 -8.10
CA SER D 48 -3.80 -40.75 -6.81
C SER D 48 -3.32 -39.38 -6.30
N GLU D 49 -2.97 -38.47 -7.21
CA GLU D 49 -2.42 -37.22 -6.87
C GLU D 49 -2.37 -36.23 -8.03
N VAL D 50 -2.42 -34.94 -7.70
CA VAL D 50 -2.22 -33.84 -8.62
C VAL D 50 -0.97 -33.02 -8.20
N ILE D 51 -0.08 -32.83 -9.14
CA ILE D 51 1.07 -32.02 -8.92
C ILE D 51 1.11 -30.91 -9.93
N MET D 52 0.98 -29.68 -9.48
CA MET D 52 1.04 -28.53 -10.39
C MET D 52 2.12 -27.56 -10.02
N GLY D 53 2.84 -27.15 -11.04
CA GLY D 53 3.74 -26.01 -10.87
C GLY D 53 3.03 -24.67 -10.90
N GLN D 54 3.42 -23.77 -10.02
CA GLN D 54 2.96 -22.34 -10.11
C GLN D 54 3.97 -21.49 -9.43
N VAL D 55 4.55 -20.52 -10.14
CA VAL D 55 5.63 -19.74 -9.51
C VAL D 55 5.13 -18.54 -8.74
N LEU D 56 4.15 -17.82 -9.30
CA LEU D 56 3.67 -16.54 -8.72
C LEU D 56 2.38 -16.80 -7.95
N THR D 57 2.50 -16.80 -6.65
CA THR D 57 1.40 -17.25 -5.79
C THR D 57 1.03 -16.28 -4.69
N ALA D 58 1.53 -15.06 -4.78
CA ALA D 58 1.23 -14.06 -3.75
C ALA D 58 -0.31 -13.75 -3.72
N GLY D 59 -0.99 -14.09 -2.65
CA GLY D 59 -2.42 -13.88 -2.58
C GLY D 59 -3.26 -14.86 -3.36
N SER D 60 -2.65 -15.94 -3.89
CA SER D 60 -3.42 -16.95 -4.66
C SER D 60 -4.32 -17.85 -3.78
N GLY D 61 -4.16 -17.81 -2.46
CA GLY D 61 -4.86 -18.74 -1.51
C GLY D 61 -4.11 -20.03 -1.27
N GLN D 62 -4.61 -20.81 -0.32
CA GLN D 62 -3.94 -22.06 0.11
C GLN D 62 -3.82 -23.00 -1.09
N ASN D 63 -2.56 -23.44 -1.35
CA ASN D 63 -2.17 -24.61 -2.24
C ASN D 63 -2.86 -24.56 -3.62
N PRO D 64 -2.33 -23.73 -4.53
CA PRO D 64 -2.99 -23.50 -5.83
C PRO D 64 -3.25 -24.80 -6.61
N ALA D 65 -2.41 -25.82 -6.44
CA ALA D 65 -2.69 -27.09 -7.14
C ALA D 65 -3.98 -27.73 -6.65
N ARG D 66 -4.21 -27.66 -5.36
CA ARG D 66 -5.45 -28.25 -4.79
C ARG D 66 -6.64 -27.51 -5.30
N GLN D 67 -6.52 -26.21 -5.36
CA GLN D 67 -7.56 -25.36 -5.96
C GLN D 67 -7.87 -25.75 -7.40
N ALA D 68 -6.82 -25.99 -8.22
CA ALA D 68 -6.99 -26.48 -9.61
C ALA D 68 -7.75 -27.84 -9.63
N ALA D 69 -7.33 -28.80 -8.80
CA ALA D 69 -7.92 -30.13 -8.76
C ALA D 69 -9.40 -30.07 -8.41
N ILE D 70 -9.72 -29.30 -7.38
CA ILE D 70 -11.12 -29.10 -6.91
C ILE D 70 -12.00 -28.42 -7.98
N LYS D 71 -11.50 -27.36 -8.60
CA LYS D 71 -12.22 -26.73 -9.73
C LYS D 71 -12.35 -27.61 -10.95
N ALA D 72 -11.45 -28.58 -11.11
CA ALA D 72 -11.55 -29.53 -12.19
C ALA D 72 -12.58 -30.60 -11.96
N GLY D 73 -13.16 -30.70 -10.76
CA GLY D 73 -14.21 -31.71 -10.51
C GLY D 73 -13.67 -32.91 -9.77
N LEU D 74 -12.39 -32.92 -9.41
CA LEU D 74 -11.83 -34.00 -8.65
C LEU D 74 -12.32 -33.98 -7.22
N PRO D 75 -12.58 -35.17 -6.63
CA PRO D 75 -13.13 -35.19 -5.27
C PRO D 75 -12.08 -34.81 -4.22
N ALA D 76 -12.59 -34.46 -3.05
CA ALA D 76 -11.73 -34.11 -1.93
C ALA D 76 -10.75 -35.19 -1.53
N MET D 77 -11.06 -36.47 -1.83
CA MET D 77 -10.18 -37.53 -1.50
C MET D 77 -8.88 -37.52 -2.30
N VAL D 78 -8.80 -36.78 -3.39
CA VAL D 78 -7.53 -36.71 -4.19
C VAL D 78 -6.57 -35.56 -3.73
N PRO D 79 -5.42 -35.90 -3.16
CA PRO D 79 -4.52 -34.89 -2.65
C PRO D 79 -3.78 -34.17 -3.79
N ALA D 80 -3.30 -32.96 -3.50
CA ALA D 80 -2.58 -32.15 -4.48
C ALA D 80 -1.46 -31.33 -3.83
N MET D 81 -0.43 -31.06 -4.59
CA MET D 81 0.69 -30.30 -4.07
C MET D 81 1.22 -29.34 -5.19
N THR D 82 1.61 -28.13 -4.80
CA THR D 82 2.07 -27.09 -5.69
C THR D 82 3.58 -27.09 -5.58
N ILE D 83 4.29 -26.89 -6.70
CA ILE D 83 5.78 -26.86 -6.67
C ILE D 83 6.29 -25.64 -7.37
N ASN D 84 7.52 -25.29 -7.08
CA ASN D 84 8.13 -24.16 -7.63
C ASN D 84 9.63 -24.49 -7.86
N LYS D 85 9.97 -24.71 -9.14
CA LYS D 85 11.33 -24.75 -9.68
C LYS D 85 11.45 -23.71 -10.83
N VAL D 86 10.88 -22.53 -10.59
CA VAL D 86 10.78 -21.42 -11.60
C VAL D 86 10.27 -21.95 -12.96
N CYS D 87 10.98 -21.75 -14.06
CA CYS D 87 10.48 -22.27 -15.37
C CYS D 87 10.50 -23.74 -15.54
N GLY D 88 11.24 -24.38 -14.66
CA GLY D 88 11.32 -25.81 -14.62
C GLY D 88 10.06 -26.49 -14.07
N SER D 89 9.21 -25.74 -13.40
CA SER D 89 8.18 -26.31 -12.51
C SER D 89 7.27 -27.31 -13.23
N GLY D 90 6.77 -26.96 -14.43
CA GLY D 90 5.79 -27.82 -15.09
C GLY D 90 6.35 -29.12 -15.62
N LEU D 91 7.64 -29.14 -15.96
CA LEU D 91 8.24 -30.39 -16.35
C LEU D 91 8.72 -31.20 -15.12
N LYS D 92 9.21 -30.50 -14.13
CA LYS D 92 9.61 -31.15 -12.89
C LYS D 92 8.40 -31.82 -12.27
N ALA D 93 7.23 -31.21 -12.41
CA ALA D 93 6.02 -31.90 -11.90
C ALA D 93 5.87 -33.33 -12.49
N VAL D 94 6.06 -33.47 -13.83
CA VAL D 94 6.05 -34.77 -14.49
C VAL D 94 7.12 -35.74 -13.98
N MET D 95 8.30 -35.20 -13.73
CA MET D 95 9.37 -35.95 -13.10
C MET D 95 9.05 -36.47 -11.71
N LEU D 96 8.45 -35.64 -10.90
CA LEU D 96 8.00 -36.08 -9.57
C LEU D 96 6.92 -37.16 -9.64
N ALA D 97 6.04 -37.04 -10.62
CA ALA D 97 4.98 -38.04 -10.88
C ALA D 97 5.58 -39.38 -11.24
N ALA D 98 6.59 -39.35 -12.15
CA ALA D 98 7.29 -40.54 -12.57
C ALA D 98 7.98 -41.16 -11.38
N ASN D 99 8.60 -40.33 -10.54
CA ASN D 99 9.31 -40.85 -9.38
C ASN D 99 8.27 -41.54 -8.45
N ALA D 100 7.12 -40.90 -8.24
CA ALA D 100 6.08 -41.48 -7.41
C ALA D 100 5.61 -42.84 -7.83
N ILE D 101 5.36 -42.96 -9.13
CA ILE D 101 4.88 -44.18 -9.75
C ILE D 101 5.88 -45.31 -9.68
N MET D 102 7.14 -45.03 -9.99
CA MET D 102 8.18 -46.01 -9.91
C MET D 102 8.43 -46.45 -8.48
N ALA D 103 8.29 -45.52 -7.53
CA ALA D 103 8.46 -45.86 -6.14
C ALA D 103 7.22 -46.59 -5.54
N GLY D 104 6.15 -46.75 -6.29
CA GLY D 104 4.93 -47.37 -5.79
C GLY D 104 4.08 -46.55 -4.85
N ASP D 105 4.44 -45.29 -4.68
CA ASP D 105 3.71 -44.33 -3.89
C ASP D 105 2.39 -43.87 -4.55
N ALA D 106 2.35 -43.80 -5.86
CA ALA D 106 1.14 -43.41 -6.61
C ALA D 106 0.90 -44.34 -7.77
N GLU D 107 -0.35 -44.39 -8.26
CA GLU D 107 -0.70 -45.17 -9.45
C GLU D 107 -0.99 -44.27 -10.68
N ILE D 108 -1.77 -43.20 -10.47
CA ILE D 108 -2.16 -42.30 -11.50
C ILE D 108 -1.95 -40.87 -10.97
N VAL D 109 -1.22 -40.07 -11.74
CA VAL D 109 -0.91 -38.69 -11.39
C VAL D 109 -1.18 -37.72 -12.56
N VAL D 110 -1.80 -36.58 -12.24
CA VAL D 110 -2.01 -35.49 -13.17
C VAL D 110 -0.96 -34.49 -12.79
N ALA D 111 -0.09 -34.21 -13.74
CA ALA D 111 1.05 -33.35 -13.54
C ALA D 111 1.13 -32.26 -14.62
N GLY D 112 1.48 -31.06 -14.20
CA GLY D 112 1.76 -29.97 -15.15
C GLY D 112 2.01 -28.67 -14.43
N GLY D 113 1.49 -27.58 -14.99
CA GLY D 113 1.66 -26.25 -14.43
C GLY D 113 0.66 -25.24 -14.91
N GLN D 114 0.63 -24.10 -14.23
CA GLN D 114 -0.37 -23.09 -14.44
C GLN D 114 0.26 -21.77 -14.04
N GLU D 115 -0.01 -20.74 -14.79
CA GLU D 115 0.49 -19.45 -14.47
C GLU D 115 -0.37 -18.32 -15.05
N ASN D 116 -0.62 -17.29 -14.25
CA ASN D 116 -1.21 -16.08 -14.77
C ASN D 116 -0.28 -14.97 -14.41
N MET D 117 0.53 -14.49 -15.37
CA MET D 117 1.51 -13.47 -15.02
C MET D 117 0.85 -12.12 -14.97
N SER D 118 -0.19 -11.96 -15.80
CA SER D 118 -0.94 -10.72 -15.89
C SER D 118 -1.45 -10.27 -14.54
N ALA D 119 -1.88 -11.23 -13.71
CA ALA D 119 -2.61 -10.94 -12.49
C ALA D 119 -1.70 -10.95 -11.26
N ALA D 120 -0.41 -11.20 -11.46
CA ALA D 120 0.56 -11.15 -10.37
C ALA D 120 0.49 -9.76 -9.70
N PRO D 121 0.31 -9.73 -8.35
CA PRO D 121 0.17 -8.42 -7.72
C PRO D 121 1.44 -7.79 -7.16
N HIS D 122 1.31 -6.57 -6.65
CA HIS D 122 2.38 -5.92 -5.92
C HIS D 122 2.30 -6.29 -4.47
N VAL D 123 3.45 -6.41 -3.87
CA VAL D 123 3.53 -6.74 -2.44
C VAL D 123 4.12 -5.56 -1.67
N LEU D 124 3.82 -5.45 -0.37
CA LEU D 124 4.33 -4.38 0.49
C LEU D 124 5.19 -4.97 1.56
N PRO D 125 6.49 -5.09 1.28
CA PRO D 125 7.29 -5.75 2.31
C PRO D 125 7.34 -4.89 3.56
N GLY D 126 7.37 -5.54 4.73
CA GLY D 126 7.48 -4.80 6.00
C GLY D 126 6.15 -4.25 6.55
N SER D 127 5.06 -4.53 5.85
CA SER D 127 3.77 -4.00 6.18
C SER D 127 3.31 -4.36 7.56
N ARG D 128 3.75 -5.53 8.03
CA ARG D 128 3.38 -5.99 9.36
C ARG D 128 3.95 -5.13 10.48
N ASP D 129 5.18 -4.64 10.31
CA ASP D 129 5.85 -3.80 11.31
C ASP D 129 5.52 -2.34 11.17
N GLY D 130 5.15 -1.92 9.97
CA GLY D 130 4.79 -0.53 9.74
C GLY D 130 5.97 0.23 9.19
N PHE D 131 5.72 1.46 8.74
CA PHE D 131 6.80 2.33 8.24
C PHE D 131 6.88 3.59 9.06
N ARG D 132 7.75 3.53 10.09
CA ARG D 132 7.81 4.55 11.14
C ARG D 132 8.03 5.96 10.55
N MET D 133 8.96 6.06 9.60
CA MET D 133 9.19 7.31 8.86
C MET D 133 9.89 7.04 7.54
N GLY D 134 9.35 7.57 6.46
CA GLY D 134 9.92 7.35 5.17
C GLY D 134 9.00 6.61 4.22
N ASP D 135 9.37 6.69 2.96
CA ASP D 135 8.61 6.12 1.88
C ASP D 135 8.70 4.58 1.94
N ALA D 136 7.70 3.89 1.43
CA ALA D 136 7.74 2.41 1.40
C ALA D 136 7.55 1.97 -0.04
N LYS D 137 8.10 0.81 -0.37
CA LYS D 137 8.14 0.32 -1.75
C LYS D 137 7.05 -0.73 -1.91
N LEU D 138 6.23 -0.61 -2.95
CA LEU D 138 5.47 -1.74 -3.47
C LEU D 138 6.34 -2.48 -4.50
N VAL D 139 6.69 -3.73 -4.20
CA VAL D 139 7.46 -4.58 -5.10
C VAL D 139 6.53 -5.40 -6.03
N ASP D 140 6.88 -5.43 -7.31
CA ASP D 140 6.18 -6.22 -8.33
C ASP D 140 6.50 -7.73 -8.18
N THR D 141 5.54 -8.55 -7.73
CA THR D 141 5.90 -9.98 -7.45
C THR D 141 6.33 -10.75 -8.69
N MET D 142 5.79 -10.39 -9.83
CA MET D 142 6.15 -11.03 -11.09
C MET D 142 7.63 -10.86 -11.35
N ILE D 143 8.18 -9.69 -11.04
CA ILE D 143 9.61 -9.47 -11.29
C ILE D 143 10.47 -10.17 -10.26
N VAL D 144 10.18 -9.87 -9.00
CA VAL D 144 11.00 -10.40 -7.93
C VAL D 144 10.94 -11.93 -7.83
N ASP D 145 9.75 -12.49 -7.90
CA ASP D 145 9.58 -13.90 -7.68
C ASP D 145 9.80 -14.71 -8.98
N GLY D 146 9.66 -14.06 -10.14
CA GLY D 146 9.70 -14.75 -11.43
C GLY D 146 10.99 -14.47 -12.23
N LEU D 147 11.50 -13.24 -12.17
CA LEU D 147 12.42 -12.74 -13.23
C LEU D 147 13.73 -12.08 -12.80
N TRP D 148 14.04 -12.16 -11.51
CA TRP D 148 15.17 -11.45 -10.96
C TRP D 148 16.08 -12.48 -10.31
N ASP D 149 17.34 -12.49 -10.68
CA ASP D 149 18.32 -13.31 -10.04
C ASP D 149 18.62 -12.83 -8.59
N VAL D 150 18.53 -13.76 -7.63
CA VAL D 150 18.67 -13.44 -6.20
C VAL D 150 20.16 -13.12 -5.93
N TYR D 151 21.03 -13.91 -6.50
CA TYR D 151 22.47 -13.94 -6.12
C TYR D 151 23.17 -12.74 -6.71
N ASN D 152 22.75 -12.33 -7.89
CA ASN D 152 23.44 -11.28 -8.61
C ASN D 152 22.61 -10.03 -8.68
N GLN D 153 21.33 -10.09 -8.22
CA GLN D 153 20.45 -8.91 -8.20
C GLN D 153 20.37 -8.20 -9.57
N TYR D 154 19.94 -8.95 -10.58
CA TYR D 154 19.62 -8.35 -11.86
C TYR D 154 18.70 -9.26 -12.61
N HIS D 155 18.14 -8.73 -13.69
CA HIS D 155 17.10 -9.40 -14.49
C HIS D 155 17.65 -10.66 -15.16
N MET D 156 16.82 -11.67 -15.31
CA MET D 156 17.15 -12.86 -16.17
C MET D 156 17.78 -12.46 -17.52
N GLY D 157 17.27 -11.35 -18.07
CA GLY D 157 17.83 -10.63 -19.23
C GLY D 157 19.34 -10.47 -19.23
N ILE D 158 19.89 -10.12 -18.08
CA ILE D 158 21.34 -9.97 -17.96
C ILE D 158 22.03 -11.33 -18.01
N THR D 159 21.39 -12.37 -17.48
CA THR D 159 21.99 -13.72 -17.59
C THR D 159 22.09 -14.14 -19.08
N ALA D 160 21.13 -13.73 -19.89
CA ALA D 160 21.14 -14.00 -21.31
C ALA D 160 22.30 -13.25 -21.99
N GLU D 161 22.53 -12.02 -21.60
CA GLU D 161 23.67 -11.26 -22.16
C GLU D 161 24.96 -11.91 -21.75
N ASN D 162 25.07 -12.39 -20.50
CA ASN D 162 26.23 -13.18 -20.08
C ASN D 162 26.48 -14.37 -21.00
N VAL D 163 25.41 -15.13 -21.25
CA VAL D 163 25.48 -16.30 -22.13
C VAL D 163 25.91 -15.84 -23.50
N ALA D 164 25.34 -14.76 -24.04
CA ALA D 164 25.67 -14.41 -25.41
C ALA D 164 27.18 -14.10 -25.51
N LYS D 165 27.71 -13.45 -24.49
CA LYS D 165 29.16 -13.08 -24.47
C LYS D 165 30.04 -14.30 -24.40
N GLU D 166 29.70 -15.21 -23.50
CA GLU D 166 30.52 -16.36 -23.26
C GLU D 166 30.54 -17.25 -24.49
N TYR D 167 29.44 -17.32 -25.23
CA TYR D 167 29.36 -18.30 -26.32
C TYR D 167 29.43 -17.66 -27.69
N GLY D 168 29.59 -16.33 -27.76
CA GLY D 168 29.60 -15.56 -29.05
C GLY D 168 28.32 -15.54 -29.90
N ILE D 169 27.21 -15.38 -29.23
CA ILE D 169 25.91 -15.28 -29.87
C ILE D 169 25.62 -13.83 -30.11
N THR D 170 25.66 -13.46 -31.38
CA THR D 170 25.52 -12.09 -31.80
C THR D 170 24.05 -11.67 -31.91
N ARG D 171 23.81 -10.36 -31.94
CA ARG D 171 22.48 -9.78 -32.13
C ARG D 171 21.81 -10.23 -33.42
N GLU D 172 22.59 -10.28 -34.48
CA GLU D 172 22.09 -10.75 -35.78
C GLU D 172 21.72 -12.26 -35.73
N ALA D 173 22.50 -13.06 -35.01
CA ALA D 173 22.15 -14.48 -34.89
C ALA D 173 20.87 -14.55 -34.05
N GLN D 174 20.76 -13.72 -33.01
CA GLN D 174 19.53 -13.76 -32.15
C GLN D 174 18.26 -13.42 -32.89
N ASP D 175 18.32 -12.43 -33.76
CA ASP D 175 17.15 -11.95 -34.47
C ASP D 175 16.69 -12.90 -35.55
N GLU D 176 17.65 -13.50 -36.23
CA GLU D 176 17.36 -14.57 -37.18
C GLU D 176 16.65 -15.71 -36.48
N PHE D 177 17.14 -16.10 -35.31
CA PHE D 177 16.50 -17.20 -34.57
C PHE D 177 15.08 -16.83 -34.26
N ALA D 178 14.86 -15.60 -33.83
CA ALA D 178 13.54 -15.12 -33.40
C ALA D 178 12.53 -15.08 -34.53
N VAL D 179 12.97 -14.55 -35.68
CA VAL D 179 12.13 -14.53 -36.87
C VAL D 179 11.79 -15.96 -37.28
N GLY D 180 12.79 -16.87 -37.26
CA GLY D 180 12.52 -18.32 -37.44
C GLY D 180 11.44 -18.92 -36.49
N SER D 181 11.49 -18.58 -35.21
CA SER D 181 10.49 -19.09 -34.27
C SER D 181 9.09 -18.58 -34.64
N GLN D 182 9.00 -17.28 -34.94
CA GLN D 182 7.74 -16.62 -35.31
C GLN D 182 7.16 -17.27 -36.55
N ASN D 183 8.04 -17.46 -37.53
CA ASN D 183 7.60 -17.96 -38.82
C ASN D 183 7.15 -19.40 -38.70
N LYS D 184 7.87 -20.20 -37.89
CA LYS D 184 7.47 -21.61 -37.71
C LYS D 184 6.13 -21.67 -36.94
N ALA D 185 5.95 -20.82 -35.93
CA ALA D 185 4.71 -20.84 -35.17
C ALA D 185 3.52 -20.51 -36.06
N GLU D 186 3.72 -19.53 -36.93
CA GLU D 186 2.65 -19.04 -37.85
C GLU D 186 2.21 -20.16 -38.79
N ALA D 187 3.21 -20.79 -39.39
CA ALA D 187 3.05 -21.97 -40.27
C ALA D 187 2.29 -23.05 -39.54
N ALA D 188 2.68 -23.33 -38.28
CA ALA D 188 1.96 -24.40 -37.56
C ALA D 188 0.55 -24.02 -37.24
N GLN D 189 0.36 -22.75 -36.89
CA GLN D 189 -0.98 -22.25 -36.65
C GLN D 189 -1.87 -22.44 -37.86
N LYS D 190 -1.40 -21.90 -38.97
CA LYS D 190 -2.10 -22.06 -40.24
C LYS D 190 -2.37 -23.52 -40.63
N ALA D 191 -1.44 -24.43 -40.33
CA ALA D 191 -1.63 -25.85 -40.70
C ALA D 191 -2.52 -26.66 -39.73
N GLY D 192 -3.04 -26.01 -38.69
CA GLY D 192 -3.85 -26.70 -37.65
C GLY D 192 -3.07 -27.56 -36.68
N LYS D 193 -1.73 -27.40 -36.61
CA LYS D 193 -0.85 -28.22 -35.76
C LYS D 193 -1.14 -28.09 -34.22
N PHE D 194 -1.75 -27.00 -33.73
CA PHE D 194 -2.09 -26.89 -32.29
C PHE D 194 -3.55 -27.22 -31.97
N ASP D 195 -4.34 -27.58 -32.98
CA ASP D 195 -5.77 -27.70 -32.77
C ASP D 195 -6.10 -28.82 -31.81
N GLU D 196 -5.45 -29.97 -31.98
CA GLU D 196 -5.74 -31.10 -31.11
C GLU D 196 -5.32 -30.80 -29.65
N GLU D 197 -4.11 -30.29 -29.46
CA GLU D 197 -3.55 -30.13 -28.12
C GLU D 197 -4.25 -29.02 -27.28
N ILE D 198 -4.75 -27.97 -27.91
CA ILE D 198 -5.33 -26.85 -27.22
C ILE D 198 -6.73 -27.21 -26.68
N VAL D 199 -6.99 -26.87 -25.43
CA VAL D 199 -8.37 -26.89 -24.88
C VAL D 199 -8.88 -25.44 -24.71
N PRO D 200 -10.09 -25.15 -25.23
CA PRO D 200 -10.61 -23.79 -25.09
C PRO D 200 -10.78 -23.36 -23.64
N VAL D 201 -10.57 -22.07 -23.38
CA VAL D 201 -10.97 -21.48 -22.12
C VAL D 201 -12.11 -20.52 -22.47
N LEU D 202 -13.27 -20.71 -21.83
CA LEU D 202 -14.41 -19.82 -21.97
C LEU D 202 -14.24 -18.48 -21.22
N ILE D 203 -14.17 -17.39 -21.96
CA ILE D 203 -13.96 -16.06 -21.39
C ILE D 203 -15.33 -15.40 -21.14
N PRO D 204 -15.69 -15.14 -19.85
CA PRO D 204 -17.07 -14.59 -19.68
C PRO D 204 -17.23 -13.21 -20.34
N GLN D 205 -18.41 -12.92 -20.93
CA GLN D 205 -18.67 -11.64 -21.65
C GLN D 205 -19.62 -10.72 -20.88
N ARG D 206 -19.48 -9.40 -21.09
CA ARG D 206 -20.27 -8.42 -20.33
C ARG D 206 -21.75 -8.66 -20.61
N LYS D 207 -22.10 -9.00 -21.86
CA LYS D 207 -23.39 -9.62 -22.17
C LYS D 207 -23.30 -10.83 -23.13
N GLY D 208 -24.20 -11.81 -22.94
CA GLY D 208 -24.21 -13.06 -23.75
C GLY D 208 -23.39 -14.21 -23.15
N ASP D 209 -23.31 -15.32 -23.88
CA ASP D 209 -22.57 -16.51 -23.43
C ASP D 209 -21.06 -16.24 -23.49
N PRO D 210 -20.25 -17.06 -22.81
CA PRO D 210 -18.81 -16.83 -22.94
C PRO D 210 -18.24 -17.08 -24.35
N VAL D 211 -17.07 -16.55 -24.63
CA VAL D 211 -16.43 -16.67 -25.94
C VAL D 211 -15.16 -17.52 -25.77
N ALA D 212 -14.96 -18.55 -26.59
CA ALA D 212 -13.81 -19.43 -26.41
C ALA D 212 -12.50 -18.73 -26.81
N PHE D 213 -11.54 -18.81 -25.92
CA PHE D 213 -10.17 -18.47 -26.25
C PHE D 213 -9.41 -19.76 -26.57
N LYS D 214 -8.94 -19.85 -27.82
CA LYS D 214 -8.35 -21.07 -28.36
C LYS D 214 -7.18 -20.85 -29.30
N THR D 215 -6.55 -19.71 -29.28
CA THR D 215 -5.38 -19.56 -30.18
C THR D 215 -4.27 -18.87 -29.49
N ASP D 216 -3.05 -19.12 -29.96
CA ASP D 216 -1.87 -18.56 -29.36
C ASP D 216 -1.67 -17.07 -29.79
N GLU D 217 -2.27 -16.17 -29.03
CA GLU D 217 -2.39 -14.78 -29.41
C GLU D 217 -1.13 -13.93 -29.37
N PHE D 218 -0.08 -14.35 -28.65
CA PHE D 218 1.25 -13.69 -28.67
C PHE D 218 2.03 -13.87 -29.99
N VAL D 219 1.74 -14.95 -30.74
CA VAL D 219 2.47 -15.21 -31.99
C VAL D 219 2.34 -14.05 -32.98
N ARG D 220 3.44 -13.56 -33.55
CA ARG D 220 3.36 -12.49 -34.53
C ARG D 220 3.45 -13.06 -35.95
N GLN D 221 2.31 -12.98 -36.62
CA GLN D 221 2.18 -13.35 -38.00
C GLN D 221 2.86 -12.30 -38.85
N GLY D 222 3.42 -12.71 -39.98
CA GLY D 222 4.14 -11.80 -40.86
C GLY D 222 5.37 -11.16 -40.25
N ALA D 223 6.00 -11.83 -39.30
CA ALA D 223 7.22 -11.29 -38.71
C ALA D 223 8.40 -11.35 -39.71
N THR D 224 9.18 -10.26 -39.72
CA THR D 224 10.32 -10.14 -40.63
C THR D 224 11.53 -9.64 -39.89
N LEU D 225 12.70 -9.92 -40.44
CA LEU D 225 13.96 -9.42 -39.89
C LEU D 225 14.02 -7.89 -39.68
N ASP D 226 13.48 -7.11 -40.62
CA ASP D 226 13.45 -5.64 -40.52
C ASP D 226 12.58 -5.19 -39.34
N SER D 227 11.59 -5.97 -38.96
CA SER D 227 10.79 -5.64 -37.79
C SER D 227 11.58 -5.87 -36.47
N MET D 228 12.73 -6.51 -36.51
CA MET D 228 13.49 -6.76 -35.29
C MET D 228 14.82 -6.02 -35.21
N SER D 229 15.42 -5.76 -36.37
CA SER D 229 16.81 -5.34 -36.42
C SER D 229 17.04 -3.87 -36.09
N GLY D 230 16.00 -3.08 -35.87
CA GLY D 230 16.19 -1.70 -35.41
C GLY D 230 15.84 -1.46 -33.93
N LEU D 231 15.46 -2.51 -33.22
CA LEU D 231 15.04 -2.39 -31.83
C LEU D 231 16.25 -2.17 -30.95
N LYS D 232 16.05 -1.40 -29.90
CA LYS D 232 17.09 -1.16 -28.92
C LYS D 232 17.15 -2.30 -27.89
N PRO D 233 18.36 -2.65 -27.44
CA PRO D 233 18.53 -3.60 -26.34
C PRO D 233 17.64 -3.28 -25.14
N ALA D 234 17.04 -4.29 -24.53
CA ALA D 234 16.06 -4.09 -23.46
C ALA D 234 16.71 -3.98 -22.06
N PHE D 235 17.93 -4.50 -21.91
CA PHE D 235 18.52 -4.68 -20.60
C PHE D 235 19.88 -4.03 -20.40
N ASP D 236 20.70 -3.98 -21.44
CA ASP D 236 22.05 -3.45 -21.38
C ASP D 236 22.24 -2.72 -22.72
N LYS D 237 22.72 -1.49 -22.65
CA LYS D 237 22.68 -0.65 -23.83
C LYS D 237 23.76 -1.05 -24.84
N ALA D 238 24.83 -1.71 -24.37
CA ALA D 238 25.81 -2.35 -25.27
C ALA D 238 25.49 -3.84 -25.49
N GLY D 239 24.27 -4.28 -25.18
CA GLY D 239 23.93 -5.69 -25.27
C GLY D 239 23.25 -6.09 -26.57
N THR D 240 22.69 -7.32 -26.60
CA THR D 240 22.10 -7.93 -27.80
C THR D 240 20.62 -8.29 -27.59
N VAL D 241 20.21 -8.36 -26.34
CA VAL D 241 18.85 -8.87 -26.02
C VAL D 241 17.76 -7.80 -26.14
N THR D 242 16.73 -8.08 -26.95
CA THR D 242 15.63 -7.16 -27.11
C THR D 242 14.33 -7.86 -26.71
N ALA D 243 13.25 -7.10 -26.71
CA ALA D 243 11.94 -7.65 -26.56
C ALA D 243 11.58 -8.58 -27.73
N ALA D 244 12.27 -8.46 -28.88
CA ALA D 244 11.85 -9.29 -30.02
C ALA D 244 12.56 -10.63 -30.01
N ASN D 245 13.66 -10.70 -29.31
CA ASN D 245 14.41 -11.91 -29.34
C ASN D 245 14.42 -12.63 -27.99
N ALA D 246 13.48 -12.23 -27.10
CA ALA D 246 13.22 -12.93 -25.83
C ALA D 246 11.74 -13.30 -25.80
N SER D 247 11.35 -14.22 -24.91
CA SER D 247 9.93 -14.51 -24.83
C SER D 247 9.27 -13.35 -24.11
N GLY D 248 7.93 -13.45 -23.92
CA GLY D 248 7.17 -12.46 -23.27
C GLY D 248 6.76 -12.92 -21.88
N LEU D 249 5.81 -12.19 -21.33
CA LEU D 249 5.22 -12.42 -20.01
C LEU D 249 3.81 -12.90 -20.42
N ASN D 250 3.48 -14.13 -20.06
CA ASN D 250 2.29 -14.78 -20.57
C ASN D 250 1.51 -15.61 -19.54
N ASP D 251 0.29 -15.98 -19.91
CA ASP D 251 -0.64 -16.76 -19.07
C ASP D 251 -1.02 -18.08 -19.78
N GLY D 252 -1.17 -19.15 -19.02
CA GLY D 252 -1.68 -20.40 -19.54
C GLY D 252 -1.46 -21.52 -18.58
N ALA D 253 -1.83 -22.71 -19.01
CA ALA D 253 -1.67 -23.91 -18.20
C ALA D 253 -1.49 -25.11 -19.10
N ALA D 254 -0.92 -26.18 -18.56
CA ALA D 254 -0.70 -27.47 -19.31
C ALA D 254 -0.66 -28.64 -18.31
N ALA D 255 -1.18 -29.79 -18.70
CA ALA D 255 -1.16 -30.99 -17.86
C ALA D 255 -1.10 -32.26 -18.71
N VAL D 256 -0.44 -33.24 -18.16
CA VAL D 256 -0.44 -34.60 -18.66
C VAL D 256 -0.95 -35.57 -17.58
N VAL D 257 -1.48 -36.70 -18.03
CA VAL D 257 -1.77 -37.83 -17.15
C VAL D 257 -0.70 -38.93 -17.27
N VAL D 258 -0.15 -39.32 -16.13
CA VAL D 258 0.99 -40.23 -16.01
C VAL D 258 0.51 -41.45 -15.19
N MET D 259 0.87 -42.67 -15.61
CA MET D 259 0.62 -43.86 -14.81
C MET D 259 1.62 -44.97 -15.21
N SER D 260 1.64 -46.09 -14.50
CA SER D 260 2.44 -47.23 -14.95
C SER D 260 1.88 -47.80 -16.22
N ALA D 261 2.76 -48.32 -17.08
CA ALA D 261 2.32 -49.11 -18.28
C ALA D 261 1.31 -50.18 -17.88
N ALA D 262 1.54 -50.78 -16.72
CA ALA D 262 0.64 -51.87 -16.25
C ALA D 262 -0.77 -51.37 -16.00
N LYS D 263 -0.87 -50.20 -15.37
CA LYS D 263 -2.12 -49.59 -15.04
C LYS D 263 -2.91 -49.20 -16.30
N ALA D 264 -2.16 -48.64 -17.25
CA ALA D 264 -2.67 -48.33 -18.57
C ALA D 264 -3.22 -49.60 -19.29
N LYS D 265 -2.48 -50.70 -19.24
CA LYS D 265 -2.98 -51.93 -19.89
C LYS D 265 -4.24 -52.39 -19.17
N GLU D 266 -4.22 -52.39 -17.85
CA GLU D 266 -5.39 -52.84 -17.03
C GLU D 266 -6.65 -52.04 -17.38
N LEU D 267 -6.48 -50.75 -17.59
CA LEU D 267 -7.57 -49.84 -17.91
C LEU D 267 -7.93 -49.84 -19.39
N GLY D 268 -7.10 -50.51 -20.22
CA GLY D 268 -7.36 -50.66 -21.64
C GLY D 268 -7.03 -49.41 -22.43
N LEU D 269 -6.04 -48.64 -21.97
CA LEU D 269 -5.69 -47.37 -22.56
C LEU D 269 -4.40 -47.44 -23.40
N THR D 270 -4.39 -46.74 -24.55
CA THR D 270 -3.21 -46.69 -25.35
C THR D 270 -2.35 -45.48 -24.95
N PRO D 271 -1.17 -45.71 -24.42
CA PRO D 271 -0.35 -44.51 -24.06
C PRO D 271 0.08 -43.67 -25.26
N LEU D 272 0.31 -42.39 -25.06
CA LEU D 272 0.97 -41.53 -26.05
C LEU D 272 2.42 -41.84 -26.15
N ALA D 273 3.06 -42.11 -25.00
CA ALA D 273 4.50 -42.36 -24.95
C ALA D 273 4.95 -42.96 -23.64
N THR D 274 6.17 -43.43 -23.63
CA THR D 274 6.79 -43.95 -22.46
C THR D 274 7.81 -42.94 -22.04
N ILE D 275 7.91 -42.71 -20.73
CA ILE D 275 8.95 -41.84 -20.21
C ILE D 275 10.23 -42.64 -20.22
N LYS D 276 11.21 -42.19 -21.00
CA LYS D 276 12.46 -42.95 -21.15
C LYS D 276 13.46 -42.63 -20.01
N SER D 277 13.59 -41.35 -19.70
CA SER D 277 14.53 -40.81 -18.71
C SER D 277 14.26 -39.34 -18.46
N TYR D 278 14.87 -38.86 -17.38
CA TYR D 278 14.86 -37.48 -17.05
C TYR D 278 16.01 -37.13 -16.12
N ALA D 279 16.34 -35.84 -16.04
CA ALA D 279 17.41 -35.40 -15.19
C ALA D 279 17.26 -33.91 -14.89
N ASN D 280 17.84 -33.45 -13.77
CA ASN D 280 18.00 -32.05 -13.49
C ASN D 280 19.51 -31.78 -13.56
N ALA D 281 19.88 -30.52 -13.39
CA ALA D 281 21.29 -30.09 -13.33
C ALA D 281 21.34 -28.65 -12.79
N GLY D 282 22.48 -28.24 -12.24
CA GLY D 282 22.65 -26.94 -11.74
C GLY D 282 23.88 -26.37 -12.41
N VAL D 283 23.82 -25.07 -12.70
CA VAL D 283 24.92 -24.32 -13.29
C VAL D 283 25.00 -23.02 -12.52
N ASP D 284 26.02 -22.20 -12.79
CA ASP D 284 26.11 -20.91 -12.15
C ASP D 284 24.91 -20.01 -12.49
N PRO D 285 24.37 -19.30 -11.52
CA PRO D 285 23.22 -18.46 -11.78
C PRO D 285 23.45 -17.42 -12.88
N LYS D 286 24.71 -16.96 -13.02
CA LYS D 286 25.05 -15.99 -14.04
C LYS D 286 24.71 -16.43 -15.49
N VAL D 287 24.79 -17.73 -15.76
CA VAL D 287 24.57 -18.31 -17.06
C VAL D 287 23.48 -19.39 -16.98
N MET D 288 22.38 -19.09 -16.28
CA MET D 288 21.32 -20.08 -16.01
C MET D 288 20.75 -20.60 -17.30
N GLY D 289 20.84 -19.81 -18.36
CA GLY D 289 20.40 -20.24 -19.68
C GLY D 289 21.00 -21.51 -20.27
N MET D 290 22.20 -21.86 -19.79
CA MET D 290 22.87 -23.05 -20.18
C MET D 290 22.38 -24.29 -19.47
N GLY D 291 21.45 -24.17 -18.53
CA GLY D 291 20.98 -25.35 -17.78
C GLY D 291 20.65 -26.60 -18.62
N PRO D 292 20.02 -26.44 -19.76
CA PRO D 292 19.54 -27.58 -20.58
C PRO D 292 20.68 -28.42 -21.06
N VAL D 293 21.88 -27.85 -21.11
CA VAL D 293 23.02 -28.61 -21.59
C VAL D 293 23.40 -29.79 -20.66
N PRO D 294 23.76 -29.51 -19.41
CA PRO D 294 24.06 -30.64 -18.54
C PRO D 294 22.83 -31.47 -18.22
N ALA D 295 21.67 -30.85 -18.18
CA ALA D 295 20.42 -31.67 -17.92
C ALA D 295 20.09 -32.59 -19.14
N SER D 296 20.15 -32.07 -20.37
CA SER D 296 19.89 -32.92 -21.51
C SER D 296 20.96 -33.95 -21.69
N LYS D 297 22.25 -33.61 -21.47
CA LYS D 297 23.29 -34.65 -21.48
C LYS D 297 23.04 -35.80 -20.46
N ARG D 298 22.65 -35.48 -19.23
CA ARG D 298 22.41 -36.50 -18.23
C ARG D 298 21.16 -37.30 -18.62
N ALA D 299 20.14 -36.64 -19.12
CA ALA D 299 18.93 -37.40 -19.47
C ALA D 299 19.27 -38.40 -20.61
N LEU D 300 20.03 -37.92 -21.62
CA LEU D 300 20.48 -38.76 -22.73
C LEU D 300 21.36 -39.91 -22.25
N SER D 301 22.35 -39.63 -21.42
CA SER D 301 23.12 -40.70 -20.81
C SER D 301 22.25 -41.73 -20.07
N ARG D 302 21.28 -41.28 -19.30
CA ARG D 302 20.35 -42.20 -18.61
C ARG D 302 19.50 -43.02 -19.58
N ALA D 303 19.11 -42.44 -20.71
CA ALA D 303 18.40 -43.17 -21.78
C ALA D 303 19.31 -44.08 -22.63
N GLU D 304 20.62 -43.87 -22.54
CA GLU D 304 21.60 -44.54 -23.41
C GLU D 304 21.40 -44.13 -24.84
N TRP D 305 21.07 -42.85 -25.05
CA TRP D 305 20.85 -42.28 -26.40
C TRP D 305 21.92 -41.24 -26.64
N THR D 306 22.19 -40.98 -27.90
CA THR D 306 23.04 -39.86 -28.24
C THR D 306 22.13 -38.72 -28.72
N PRO D 307 22.68 -37.51 -28.84
CA PRO D 307 21.92 -36.41 -29.38
C PRO D 307 21.40 -36.68 -30.78
N GLN D 308 22.15 -37.47 -31.57
CA GLN D 308 21.77 -37.83 -32.95
C GLN D 308 20.64 -38.87 -33.02
N ASP D 309 20.39 -39.64 -31.95
CA ASP D 309 19.26 -40.58 -31.92
C ASP D 309 17.94 -39.84 -31.85
N LEU D 310 17.95 -38.59 -31.44
CA LEU D 310 16.69 -37.87 -31.19
C LEU D 310 15.97 -37.58 -32.49
N ASP D 311 14.65 -37.80 -32.52
CA ASP D 311 13.85 -37.46 -33.73
C ASP D 311 13.20 -36.09 -33.63
N LEU D 312 12.97 -35.61 -32.41
CA LEU D 312 12.35 -34.36 -32.22
C LEU D 312 12.68 -33.82 -30.84
N MET D 313 12.78 -32.52 -30.74
CA MET D 313 13.09 -31.87 -29.46
C MET D 313 12.28 -30.59 -29.26
N GLU D 314 12.03 -30.27 -27.99
CA GLU D 314 11.42 -28.99 -27.62
C GLU D 314 12.32 -28.44 -26.53
N ILE D 315 12.97 -27.34 -26.87
CA ILE D 315 13.89 -26.66 -25.99
C ILE D 315 13.29 -25.31 -25.78
N ASN D 316 12.93 -25.01 -24.54
CA ASN D 316 12.33 -23.74 -24.25
C ASN D 316 13.18 -22.54 -24.67
N GLU D 317 12.52 -21.61 -25.35
CA GLU D 317 13.18 -20.41 -25.85
C GLU D 317 12.92 -19.23 -24.93
N ALA D 318 13.55 -19.21 -23.77
CA ALA D 318 13.44 -18.03 -22.90
C ALA D 318 14.07 -16.77 -23.55
N PHE D 319 15.25 -16.96 -24.13
CA PHE D 319 15.97 -15.92 -24.88
C PHE D 319 16.62 -16.58 -26.06
N ALA D 320 16.55 -15.97 -27.22
CA ALA D 320 17.30 -16.49 -28.36
C ALA D 320 18.77 -16.72 -27.96
N ALA D 321 19.33 -15.78 -27.20
CA ALA D 321 20.75 -15.88 -26.84
C ALA D 321 21.06 -17.23 -26.18
N GLN D 322 20.25 -17.66 -25.21
CA GLN D 322 20.58 -18.95 -24.57
C GLN D 322 20.18 -20.16 -25.40
N ALA D 323 19.10 -20.06 -26.19
CA ALA D 323 18.65 -21.18 -27.01
C ALA D 323 19.72 -21.49 -28.06
N LEU D 324 20.27 -20.45 -28.64
CA LEU D 324 21.28 -20.65 -29.64
C LEU D 324 22.55 -21.21 -28.97
N ALA D 325 22.87 -20.79 -27.75
CA ALA D 325 24.07 -21.31 -27.12
C ALA D 325 23.89 -22.78 -26.79
N VAL D 326 22.68 -23.17 -26.38
CA VAL D 326 22.38 -24.57 -26.13
C VAL D 326 22.54 -25.44 -27.37
N HIS D 327 21.99 -25.01 -28.50
CA HIS D 327 22.17 -25.76 -29.71
C HIS D 327 23.65 -25.91 -30.07
N GLN D 328 24.42 -24.87 -29.89
CA GLN D 328 25.83 -24.92 -30.22
C GLN D 328 26.56 -25.98 -29.38
N GLN D 329 26.26 -26.04 -28.09
CA GLN D 329 26.96 -26.96 -27.21
C GLN D 329 26.45 -28.39 -27.30
N MET D 330 25.19 -28.59 -27.68
CA MET D 330 24.66 -29.95 -27.81
C MET D 330 25.06 -30.60 -29.12
N GLY D 331 25.22 -29.83 -30.18
CA GLY D 331 25.67 -30.38 -31.49
C GLY D 331 24.51 -31.00 -32.29
N TRP D 332 23.24 -30.89 -31.82
CA TRP D 332 22.17 -31.63 -32.43
C TRP D 332 21.59 -30.92 -33.66
N ASP D 333 20.70 -31.63 -34.34
CA ASP D 333 20.06 -31.15 -35.60
C ASP D 333 18.91 -30.18 -35.26
N THR D 334 19.18 -28.90 -35.48
CA THR D 334 18.31 -27.84 -35.10
C THR D 334 17.03 -27.80 -35.93
N SER D 335 17.02 -28.49 -37.07
CA SER D 335 15.84 -28.67 -37.91
C SER D 335 14.77 -29.54 -37.21
N LYS D 336 15.17 -30.29 -36.19
CA LYS D 336 14.25 -31.16 -35.44
C LYS D 336 13.82 -30.53 -34.08
N VAL D 337 14.16 -29.28 -33.88
CA VAL D 337 13.95 -28.61 -32.57
C VAL D 337 12.92 -27.53 -32.73
N ASN D 338 11.90 -27.52 -31.85
CA ASN D 338 10.83 -26.47 -31.91
C ASN D 338 10.29 -26.30 -33.33
N VAL D 339 9.94 -27.43 -33.90
CA VAL D 339 9.45 -27.47 -35.32
C VAL D 339 8.19 -26.63 -35.58
N ASN D 340 7.39 -26.42 -34.54
CA ASN D 340 6.17 -25.58 -34.62
C ASN D 340 6.38 -24.27 -33.90
N GLY D 341 7.67 -23.87 -33.73
CA GLY D 341 8.01 -22.63 -33.14
C GLY D 341 8.20 -22.83 -31.64
N GLY D 342 8.71 -21.80 -30.98
CA GLY D 342 8.85 -21.83 -29.54
C GLY D 342 8.36 -20.60 -28.84
N ALA D 343 8.82 -20.46 -27.61
CA ALA D 343 8.24 -19.50 -26.69
C ALA D 343 8.41 -18.02 -27.09
N ILE D 344 9.46 -17.72 -27.86
CA ILE D 344 9.63 -16.37 -28.40
C ILE D 344 8.34 -15.92 -29.10
N ALA D 345 7.75 -16.83 -29.84
CA ALA D 345 6.48 -16.64 -30.48
C ALA D 345 5.23 -17.00 -29.68
N ILE D 346 5.21 -18.20 -29.10
CA ILE D 346 4.04 -18.71 -28.39
C ILE D 346 3.89 -18.08 -27.01
N GLY D 347 5.00 -17.79 -26.36
CA GLY D 347 4.95 -17.17 -25.07
C GLY D 347 5.41 -18.11 -23.96
N HIS D 348 5.58 -17.55 -22.78
CA HIS D 348 6.27 -18.22 -21.67
C HIS D 348 5.59 -17.98 -20.32
N PRO D 349 4.44 -18.63 -20.09
CA PRO D 349 3.83 -18.60 -18.75
C PRO D 349 4.68 -19.46 -17.78
N ILE D 350 5.54 -18.82 -17.01
CA ILE D 350 6.65 -19.51 -16.39
C ILE D 350 6.39 -20.89 -15.75
N GLY D 351 5.41 -21.00 -14.90
CA GLY D 351 5.18 -22.28 -14.25
C GLY D 351 4.56 -23.39 -15.06
N ALA D 352 4.00 -23.01 -16.19
CA ALA D 352 3.30 -23.90 -17.07
C ALA D 352 4.16 -24.30 -18.29
N SER D 353 5.18 -23.50 -18.66
CA SER D 353 5.96 -23.79 -19.89
C SER D 353 6.55 -25.15 -20.02
N GLY D 354 7.06 -25.69 -18.91
CA GLY D 354 7.67 -26.98 -18.93
C GLY D 354 6.77 -28.08 -19.36
N CYS D 355 5.50 -28.01 -18.98
CA CYS D 355 4.58 -29.01 -19.37
C CYS D 355 4.05 -28.56 -20.73
N ARG D 356 3.90 -27.28 -20.96
CA ARG D 356 3.43 -26.81 -22.29
C ARG D 356 4.29 -27.36 -23.45
N ILE D 357 5.61 -27.25 -23.35
CA ILE D 357 6.44 -27.77 -24.43
C ILE D 357 6.37 -29.31 -24.56
N LEU D 358 6.15 -30.01 -23.44
CA LEU D 358 5.99 -31.43 -23.47
C LEU D 358 4.70 -31.82 -24.23
N VAL D 359 3.63 -31.09 -23.98
CA VAL D 359 2.36 -31.36 -24.66
C VAL D 359 2.49 -31.17 -26.18
N THR D 360 3.10 -30.06 -26.54
CA THR D 360 3.49 -29.76 -27.93
C THR D 360 4.34 -30.87 -28.56
N LEU D 361 5.38 -31.33 -27.85
CA LEU D 361 6.27 -32.41 -28.31
C LEU D 361 5.53 -33.69 -28.59
N LEU D 362 4.73 -34.12 -27.63
CA LEU D 362 4.01 -35.34 -27.78
C LEU D 362 3.04 -35.33 -28.99
N HIS D 363 2.31 -34.24 -29.21
CA HIS D 363 1.34 -34.15 -30.34
C HIS D 363 2.07 -34.18 -31.66
N GLU D 364 3.18 -33.48 -31.75
CA GLU D 364 3.96 -33.51 -32.98
C GLU D 364 4.66 -34.83 -33.26
N MET D 365 5.19 -35.49 -32.24
CA MET D 365 5.70 -36.84 -32.40
C MET D 365 4.71 -37.86 -33.01
N LYS D 366 3.45 -37.80 -32.60
CA LYS D 366 2.47 -38.71 -33.10
C LYS D 366 2.16 -38.42 -34.58
N ARG D 367 2.04 -37.16 -34.94
CA ARG D 367 1.78 -36.83 -36.35
C ARG D 367 2.95 -37.24 -37.28
N ARG D 368 4.20 -37.11 -36.82
CA ARG D 368 5.38 -37.48 -37.64
C ARG D 368 5.73 -38.97 -37.50
N ASP D 369 5.03 -39.69 -36.61
CA ASP D 369 5.49 -41.00 -36.13
C ASP D 369 6.95 -40.93 -35.65
N ALA D 370 7.33 -39.88 -34.93
CA ALA D 370 8.69 -39.86 -34.38
C ALA D 370 8.76 -40.84 -33.19
N LYS D 371 9.91 -41.42 -33.01
CA LYS D 371 10.09 -42.47 -31.97
C LYS D 371 10.77 -41.95 -30.68
N LYS D 372 11.74 -41.06 -30.84
CA LYS D 372 12.54 -40.53 -29.72
C LYS D 372 12.49 -39.00 -29.65
N GLY D 373 12.15 -38.50 -28.48
CA GLY D 373 12.00 -37.07 -28.28
C GLY D 373 12.52 -36.63 -26.95
N LEU D 374 12.77 -35.34 -26.84
CA LEU D 374 13.31 -34.74 -25.60
C LEU D 374 12.75 -33.32 -25.41
N ALA D 375 12.39 -33.03 -24.15
CA ALA D 375 12.00 -31.69 -23.72
C ALA D 375 12.97 -31.18 -22.66
N SER D 376 13.40 -29.93 -22.79
CA SER D 376 14.34 -29.34 -21.88
C SER D 376 14.10 -27.81 -21.72
N LEU D 377 14.30 -27.30 -20.50
CA LEU D 377 14.30 -25.88 -20.24
C LEU D 377 15.33 -25.42 -19.25
N CYS D 378 15.66 -24.12 -19.37
CA CYS D 378 16.53 -23.42 -18.44
C CYS D 378 15.72 -22.83 -17.29
N ILE D 379 16.40 -22.67 -16.16
CA ILE D 379 15.74 -22.27 -14.92
C ILE D 379 16.54 -21.17 -14.19
N GLY D 380 15.86 -20.07 -13.87
CA GLY D 380 16.40 -18.88 -13.19
C GLY D 380 16.98 -19.34 -11.87
N GLY D 381 18.19 -18.89 -11.55
CA GLY D 381 18.90 -19.41 -10.36
C GLY D 381 19.96 -20.42 -10.72
N GLY D 382 19.99 -20.78 -11.99
CA GLY D 382 21.04 -21.67 -12.51
C GLY D 382 20.64 -23.13 -12.50
N MET D 383 19.56 -23.48 -13.20
CA MET D 383 19.27 -24.91 -13.31
C MET D 383 18.75 -25.31 -14.67
N GLY D 384 18.71 -26.62 -14.94
CA GLY D 384 18.10 -27.19 -16.15
C GLY D 384 17.32 -28.43 -15.74
N VAL D 385 16.22 -28.68 -16.43
CA VAL D 385 15.56 -30.01 -16.42
C VAL D 385 15.40 -30.52 -17.87
N ALA D 386 15.39 -31.84 -18.03
CA ALA D 386 15.21 -32.50 -19.31
C ALA D 386 14.48 -33.82 -19.07
N LEU D 387 13.58 -34.15 -20.02
CA LEU D 387 12.82 -35.38 -20.03
C LEU D 387 12.73 -36.04 -21.41
N ALA D 388 13.10 -37.30 -21.50
CA ALA D 388 13.04 -38.04 -22.73
C ALA D 388 11.88 -39.01 -22.78
N VAL D 389 11.28 -39.12 -23.96
CA VAL D 389 10.13 -39.97 -24.21
C VAL D 389 10.38 -40.77 -25.48
N GLU D 390 9.79 -41.94 -25.50
CA GLU D 390 9.88 -42.88 -26.58
C GLU D 390 8.51 -43.40 -26.94
N ARG D 391 8.31 -43.59 -28.24
CA ARG D 391 7.09 -44.20 -28.73
C ARG D 391 7.50 -45.50 -29.45
N LYS D 392 6.63 -46.49 -29.38
CA LYS D 392 6.84 -47.75 -30.09
C LYS D 392 6.87 -47.55 -31.62
C1 GOL E . -0.78 44.48 10.45
O1 GOL E . -0.04 44.91 11.58
C2 GOL E . -2.21 44.71 10.78
O2 GOL E . -2.39 45.75 11.79
C3 GOL E . -2.90 45.08 9.48
O3 GOL E . -4.23 44.86 9.93
C1 GOL F . 13.58 -43.65 28.79
O1 GOL F . 14.93 -44.04 28.44
C2 GOL F . 13.62 -42.98 30.17
O2 GOL F . 14.61 -41.96 30.12
C3 GOL F . 12.31 -42.32 30.62
O3 GOL F . 12.04 -41.23 29.71
#